data_9DD7
#
_entry.id   9DD7
#
_cell.length_a   1.00
_cell.length_b   1.00
_cell.length_c   1.00
_cell.angle_alpha   90.00
_cell.angle_beta   90.00
_cell.angle_gamma   90.00
#
_symmetry.space_group_name_H-M   'P 1'
#
loop_
_entity.id
_entity.type
_entity.pdbx_description
1 polymer 'Glycoprotein B'
2 polymer 'D48 heavy chain'
3 polymer 'D48 light chain'
4 branched alpha-D-mannopyranose-(1-6)-alpha-D-mannopyranose-(1-6)-beta-D-mannopyranose-(1-4)-2-acetamido-2-deoxy-beta-D-glucopyranose-(1-4)-2-acetamido-2-deoxy-beta-D-glucopyranose
5 branched 2-acetamido-2-deoxy-beta-D-glucopyranose-(1-4)-2-acetamido-2-deoxy-beta-D-glucopyranose
6 non-polymer 2-acetamido-2-deoxy-beta-D-glucopyranose
#
loop_
_entity_poly.entity_id
_entity_poly.type
_entity_poly.pdbx_seq_one_letter_code
_entity_poly.pdbx_strand_id
1 'polypeptide(L)'
;MHQGAPSWGRRWFVVWALLGLTLGVLVASAAPSSPGTPGVAAATQAANGGPATPAPPALGAAPTGDPKPKKNKKPKNPTP
PRPAGDNATVAAGHATLREHLRDIKAENTDANFYVCPPPTGATVVQFEQPRRCPTRPEGQNYTEGIAVVFKENIAPYKFK
ATMYYKDVTVSQVWFGHRYSQFMGIFEDRAPVPFEEVIDKINAKGVCRSTAKYVRNNLETTAFHRDDHETDMELKPANAC
TRTSRGWHTTDLKYNPSRVEAFHRYGTTVNCIVEEVDARSVYPYDEFVLATGDFVYMSPFYGYREGSHTEHTSYAADRFK
QVDGFYARDLTTKARATAPTTRNLLTTPKFTVAWDWVPKRPSVCTMTKWQEVDEMLRSEYGGSFRFSSDAISTTFTTNLT
EYPLSRVDLGDCIGKDARDAMDRIFARRYNATHIKVGQPQYYLANGGFLIAYQPLLSNTLAELYVREHLREQSRKPPNPT
PPPPGASANASVERIKTTSSIEFARLQFTYNHIQRPVNDMLGRVAIAWCEEQNHELTLWNEARKLNPNAIASVTVGRRVS
ARMLGDVMAVSTCVPVAADNVIVQNSMRISSRPGACYSRPLVSFRYCDQGPLVEGQLGENNELRLTRDAIEPCTVGHRRY
FTFGGGYVYFEEYAYSHQLSRADITTVSTFIDLNITMLEDHEFVPLEVYTRHEIKDSGLLDYTEVQRRNQLHDLRFADID
TVIHADANGSGYIPEAPRDGQAYVRKDGEWVLLSTFLGRSLEVLFQGPGHHHHHHHHSAWSHPQFEKGGGSGGGGSGGSA
WSHPQFEK
;
E,F,G
2 'polypeptide(L)'
;VQLVETGGGVVRPGRSLRLSCTTSGFSFSGSAMHWVRQAPGKGLEWVAVISHDGNIIQYHDSVKGRFTISRDNSKNVLLL
QMNSLRVDDTAMYYCARDVWLLPATISYAFDFWGQGTMVT
;
I,J,K
3 'polypeptide(L)'
;VIWMTQSPPSLSASIGDTVTITCRASQGISNSIAWYQRRPGKAPELLVYAAYRLQSGVPSRLSGSGSGAEYTLTIKNMQP
EDFATYYCQQYYDNPLTFGGGTKVEIK
;
M,N,O
#
loop_
_chem_comp.id
_chem_comp.type
_chem_comp.name
_chem_comp.formula
BMA D-saccharide, beta linking beta-D-mannopyranose 'C6 H12 O6'
MAN D-saccharide, alpha linking alpha-D-mannopyranose 'C6 H12 O6'
NAG D-saccharide, beta linking 2-acetamido-2-deoxy-beta-D-glucopyranose 'C8 H15 N O6'
#
# COMPACT_ATOMS: atom_id res chain seq x y z
N ASP A 110 10.37 9.59 -22.89
CA ASP A 110 10.66 8.74 -21.69
C ASP A 110 11.60 7.60 -22.04
N ALA A 111 11.45 7.05 -23.24
CA ALA A 111 12.31 5.95 -23.67
C ALA A 111 12.22 5.83 -25.20
N ASN A 112 13.20 5.12 -25.75
CA ASN A 112 13.26 4.90 -27.19
C ASN A 112 12.40 3.69 -27.55
N PHE A 113 12.34 3.39 -28.85
CA PHE A 113 11.56 2.25 -29.29
C PHE A 113 12.26 0.96 -28.88
N TYR A 114 11.55 -0.16 -29.01
CA TYR A 114 12.09 -1.45 -28.64
C TYR A 114 11.46 -2.55 -29.49
N VAL A 115 12.29 -3.56 -29.78
CA VAL A 115 11.87 -4.75 -30.52
C VAL A 115 12.13 -5.91 -29.59
N CYS A 116 11.08 -6.70 -29.34
CA CYS A 116 11.14 -7.83 -28.42
C CYS A 116 10.83 -9.15 -29.11
N PRO A 117 11.83 -9.93 -29.53
CA PRO A 117 11.53 -11.20 -30.16
C PRO A 117 11.00 -12.18 -29.11
N PRO A 118 10.29 -13.22 -29.52
CA PRO A 118 9.76 -14.17 -28.53
C PRO A 118 10.89 -14.83 -27.77
N PRO A 119 10.76 -15.00 -26.45
CA PRO A 119 11.86 -15.63 -25.69
C PRO A 119 12.01 -17.09 -26.08
N THR A 120 13.25 -17.56 -26.02
CA THR A 120 13.58 -18.93 -26.36
C THR A 120 13.51 -19.87 -25.16
N GLY A 121 13.16 -19.39 -23.98
CA GLY A 121 13.09 -20.23 -22.81
C GLY A 121 14.42 -20.55 -22.18
N ALA A 122 15.49 -19.88 -22.60
CA ALA A 122 16.80 -20.14 -22.02
C ALA A 122 16.79 -19.84 -20.53
N THR A 123 16.15 -18.74 -20.14
CA THR A 123 16.03 -18.33 -18.76
C THR A 123 14.56 -18.28 -18.39
N VAL A 124 14.21 -18.98 -17.32
CA VAL A 124 12.85 -19.06 -16.82
C VAL A 124 12.80 -18.43 -15.43
N VAL A 125 11.69 -17.75 -15.14
CA VAL A 125 11.50 -17.06 -13.88
C VAL A 125 10.15 -17.44 -13.27
N GLN A 126 10.07 -17.36 -11.94
CA GLN A 126 8.87 -17.65 -11.19
C GLN A 126 8.61 -16.51 -10.22
N PHE A 127 7.48 -16.61 -9.51
CA PHE A 127 7.12 -15.59 -8.54
C PHE A 127 7.84 -15.82 -7.23
N GLU A 128 7.87 -14.77 -6.40
CA GLU A 128 8.52 -14.88 -5.10
C GLU A 128 7.69 -15.72 -4.13
N GLN A 129 6.41 -15.96 -4.46
CA GLN A 129 5.45 -16.74 -3.68
C GLN A 129 5.14 -16.05 -2.35
N PRO A 130 4.09 -16.44 -1.64
CA PRO A 130 3.76 -15.78 -0.38
C PRO A 130 4.89 -15.87 0.63
N ARG A 131 5.06 -14.80 1.40
CA ARG A 131 6.09 -14.68 2.43
C ARG A 131 5.40 -14.62 3.79
N ARG A 132 6.03 -15.25 4.78
CA ARG A 132 5.48 -15.27 6.14
C ARG A 132 5.80 -13.95 6.83
N CYS A 133 4.75 -13.24 7.26
CA CYS A 133 4.93 -11.96 7.92
C CYS A 133 5.13 -12.15 9.42
N PRO A 134 6.07 -11.43 10.07
CA PRO A 134 6.26 -11.61 11.53
C PRO A 134 5.23 -10.82 12.33
N THR A 135 4.00 -11.33 12.31
CA THR A 135 2.82 -10.73 12.93
C THR A 135 3.02 -10.06 14.29
N ARG A 136 3.75 -10.66 15.22
CA ARG A 136 3.94 -10.04 16.53
C ARG A 136 5.04 -8.99 16.48
N PRO A 137 4.77 -7.71 16.95
CA PRO A 137 5.82 -6.67 16.95
C PRO A 137 6.69 -6.69 18.21
N GLU A 138 7.18 -7.88 18.55
CA GLU A 138 8.05 -8.07 19.72
C GLU A 138 7.33 -7.66 21.01
N GLY A 139 8.09 -7.25 22.03
CA GLY A 139 7.56 -6.85 23.33
C GLY A 139 7.97 -7.75 24.47
N GLN A 140 8.61 -8.88 24.19
CA GLN A 140 9.05 -9.84 25.19
C GLN A 140 10.51 -9.52 25.56
N ASN A 141 11.19 -10.45 26.23
CA ASN A 141 12.59 -10.29 26.63
C ASN A 141 13.43 -9.92 25.42
N TYR A 142 14.60 -9.32 25.67
CA TYR A 142 15.48 -8.89 24.59
C TYR A 142 16.94 -9.12 24.90
N THR A 143 17.73 -9.10 23.82
CA THR A 143 19.17 -9.26 23.81
C THR A 143 19.68 -8.52 22.58
N GLU A 144 20.89 -7.97 22.67
CA GLU A 144 21.48 -7.18 21.60
C GLU A 144 22.67 -7.89 20.97
N GLY A 145 22.98 -7.48 19.74
CA GLY A 145 24.09 -8.05 19.00
C GLY A 145 24.07 -7.55 17.57
N ILE A 146 25.26 -7.64 16.94
CA ILE A 146 25.44 -7.22 15.56
C ILE A 146 24.98 -8.38 14.68
N ALA A 147 24.50 -8.07 13.48
CA ALA A 147 24.01 -9.10 12.58
C ALA A 147 24.36 -8.79 11.13
N VAL A 148 24.45 -9.88 10.35
CA VAL A 148 24.75 -9.86 8.93
C VAL A 148 24.10 -11.13 8.39
N VAL A 149 23.26 -11.00 7.36
CA VAL A 149 22.51 -12.11 6.79
C VAL A 149 23.14 -12.54 5.47
N PHE A 150 23.11 -13.85 5.21
CA PHE A 150 23.61 -14.47 4.00
C PHE A 150 22.49 -15.27 3.36
N LYS A 151 22.69 -15.63 2.10
CA LYS A 151 21.71 -16.42 1.36
C LYS A 151 22.41 -17.15 0.24
N GLU A 152 21.69 -18.10 -0.37
CA GLU A 152 22.22 -18.92 -1.45
C GLU A 152 22.81 -18.06 -2.56
N ASN A 153 24.11 -18.22 -2.79
CA ASN A 153 24.79 -17.47 -3.85
C ASN A 153 24.20 -17.80 -5.20
N ILE A 154 23.99 -19.09 -5.48
CA ILE A 154 23.42 -19.64 -6.71
C ILE A 154 23.92 -18.97 -7.98
N ALA A 155 25.19 -18.56 -7.99
CA ALA A 155 25.75 -17.93 -9.19
C ALA A 155 25.87 -18.98 -10.30
N PRO A 156 25.22 -18.79 -11.45
CA PRO A 156 25.34 -19.81 -12.51
C PRO A 156 26.55 -19.56 -13.40
N TYR A 157 27.26 -20.65 -13.71
CA TYR A 157 28.43 -20.53 -14.58
C TYR A 157 27.99 -20.22 -16.00
N LYS A 158 28.84 -19.49 -16.71
CA LYS A 158 28.55 -19.10 -18.09
C LYS A 158 29.79 -19.31 -18.96
N PHE A 159 29.55 -19.50 -20.25
CA PHE A 159 30.61 -19.72 -21.22
C PHE A 159 30.04 -19.48 -22.60
N LYS A 160 30.67 -18.59 -23.36
CA LYS A 160 30.22 -18.24 -24.71
C LYS A 160 30.54 -19.38 -25.66
N ALA A 161 29.68 -20.40 -25.63
CA ALA A 161 29.85 -21.57 -26.47
C ALA A 161 29.52 -21.25 -27.93
N THR A 162 29.60 -22.26 -28.79
CA THR A 162 29.31 -22.10 -30.21
C THR A 162 28.41 -23.24 -30.65
N MET A 163 27.48 -22.91 -31.54
CA MET A 163 26.51 -23.86 -32.07
C MET A 163 26.72 -24.05 -33.56
N TYR A 164 26.68 -25.30 -34.01
CA TYR A 164 26.87 -25.64 -35.41
C TYR A 164 25.76 -26.59 -35.83
N TYR A 165 25.10 -26.26 -36.94
CA TYR A 165 24.01 -27.07 -37.47
C TYR A 165 23.81 -26.73 -38.93
N LYS A 166 22.91 -27.47 -39.58
CA LYS A 166 22.61 -27.28 -41.00
C LYS A 166 21.11 -27.44 -41.23
N ASP A 167 20.58 -26.64 -42.15
CA ASP A 167 19.17 -26.68 -42.53
C ASP A 167 19.05 -27.57 -43.77
N VAL A 168 17.96 -28.33 -43.86
CA VAL A 168 17.72 -29.24 -44.96
C VAL A 168 16.29 -29.04 -45.45
N THR A 169 16.11 -29.02 -46.78
CA THR A 169 14.81 -28.84 -47.41
C THR A 169 14.78 -29.61 -48.72
N VAL A 170 13.56 -29.80 -49.24
CA VAL A 170 13.32 -30.48 -50.50
C VAL A 170 12.37 -29.60 -51.30
N SER A 171 12.50 -29.63 -52.63
CA SER A 171 11.70 -28.79 -53.51
C SER A 171 10.31 -29.34 -53.83
N GLN A 172 9.77 -30.22 -52.99
CA GLN A 172 8.45 -30.77 -53.25
C GLN A 172 7.39 -29.72 -52.94
N VAL A 173 6.44 -29.55 -53.86
CA VAL A 173 5.38 -28.58 -53.69
C VAL A 173 4.43 -29.04 -52.58
N ILE A 185 10.49 -30.25 -48.09
CA ILE A 185 9.44 -30.59 -47.14
C ILE A 185 10.04 -31.36 -45.95
N PHE A 186 9.33 -31.36 -44.82
CA PHE A 186 9.78 -32.02 -43.61
C PHE A 186 11.14 -31.47 -43.18
N GLU A 187 11.30 -30.16 -43.32
CA GLU A 187 12.56 -29.52 -42.97
C GLU A 187 12.82 -29.57 -41.46
N ASP A 188 14.10 -29.69 -41.11
CA ASP A 188 14.53 -29.75 -39.71
C ASP A 188 16.05 -29.60 -39.69
N ARG A 189 16.56 -29.22 -38.53
CA ARG A 189 18.00 -29.06 -38.38
C ARG A 189 18.71 -30.40 -38.49
N ALA A 190 20.02 -30.33 -38.71
CA ALA A 190 20.90 -31.49 -38.82
C ALA A 190 22.23 -31.14 -38.18
N PRO A 191 22.89 -32.09 -37.51
CA PRO A 191 24.18 -31.77 -36.88
C PRO A 191 25.31 -31.78 -37.89
N VAL A 192 26.45 -31.26 -37.44
CA VAL A 192 27.67 -31.19 -38.24
C VAL A 192 28.66 -32.21 -37.68
N PRO A 193 29.17 -33.16 -38.47
CA PRO A 193 30.13 -34.11 -37.92
C PRO A 193 31.39 -33.41 -37.43
N PHE A 194 32.06 -34.02 -36.44
CA PHE A 194 33.27 -33.43 -35.89
C PHE A 194 34.33 -33.21 -36.96
N GLU A 195 34.51 -34.17 -37.85
CA GLU A 195 35.52 -34.04 -38.90
C GLU A 195 35.24 -32.83 -39.79
N GLU A 196 33.97 -32.53 -40.04
CA GLU A 196 33.64 -31.38 -40.89
C GLU A 196 33.92 -30.07 -40.18
N VAL A 197 33.74 -30.03 -38.85
CA VAL A 197 33.98 -28.80 -38.10
C VAL A 197 35.46 -28.47 -38.08
N ILE A 198 36.31 -29.47 -37.81
CA ILE A 198 37.75 -29.23 -37.73
C ILE A 198 38.43 -29.16 -39.09
N ASP A 199 37.80 -29.65 -40.16
CA ASP A 199 38.42 -29.67 -41.47
C ASP A 199 37.93 -28.59 -42.44
N LYS A 200 36.61 -28.50 -42.65
CA LYS A 200 36.10 -27.53 -43.60
C LYS A 200 35.82 -26.17 -42.96
N ILE A 201 35.25 -26.17 -41.75
CA ILE A 201 34.92 -24.91 -41.09
C ILE A 201 36.14 -24.34 -40.36
N ASN A 202 36.84 -25.17 -39.60
CA ASN A 202 37.99 -24.67 -38.85
C ASN A 202 39.19 -24.34 -39.72
N ALA A 203 39.31 -24.98 -40.89
CA ALA A 203 40.45 -24.72 -41.77
C ALA A 203 40.10 -23.81 -42.94
N LYS A 204 39.03 -24.13 -43.68
CA LYS A 204 38.61 -23.36 -44.84
C LYS A 204 37.36 -22.51 -44.61
N GLY A 205 36.65 -22.72 -43.52
CA GLY A 205 35.44 -21.94 -43.30
C GLY A 205 34.35 -22.23 -44.31
N VAL A 206 34.23 -23.48 -44.74
CA VAL A 206 33.23 -23.91 -45.71
C VAL A 206 32.46 -25.09 -45.11
N CYS A 207 31.34 -25.42 -45.74
CA CYS A 207 30.49 -26.51 -45.29
C CYS A 207 30.13 -27.42 -46.47
N ARG A 208 29.88 -28.68 -46.14
CA ARG A 208 29.53 -29.68 -47.14
C ARG A 208 28.11 -29.44 -47.63
N SER A 209 27.87 -29.81 -48.90
CA SER A 209 26.54 -29.62 -49.49
C SER A 209 25.60 -30.75 -49.10
N THR A 210 26.07 -32.00 -49.20
CA THR A 210 25.24 -33.15 -48.89
C THR A 210 25.01 -33.28 -47.38
N ALA A 211 23.78 -33.68 -47.04
CA ALA A 211 23.37 -33.87 -45.66
C ALA A 211 22.20 -34.86 -45.66
N LYS A 212 22.28 -35.84 -44.76
CA LYS A 212 21.26 -36.87 -44.65
C LYS A 212 20.27 -36.54 -43.54
N TYR A 213 19.01 -36.89 -43.77
CA TYR A 213 17.94 -36.64 -42.80
C TYR A 213 16.79 -37.58 -43.12
N VAL A 214 15.97 -37.84 -42.10
CA VAL A 214 14.81 -38.71 -42.26
C VAL A 214 13.73 -37.95 -43.02
N ARG A 215 13.15 -38.59 -44.02
CA ARG A 215 12.11 -38.02 -44.86
C ARG A 215 10.95 -39.00 -44.93
N ASN A 216 9.85 -38.68 -44.27
CA ASN A 216 8.65 -39.52 -44.25
C ASN A 216 8.98 -40.93 -43.76
N ASN A 217 9.68 -40.99 -42.63
CA ASN A 217 10.07 -42.22 -41.96
C ASN A 217 11.21 -42.97 -42.66
N LEU A 218 12.05 -42.28 -43.43
CA LEU A 218 13.16 -42.95 -44.11
C LEU A 218 14.23 -41.93 -44.47
N GLU A 219 15.48 -42.34 -44.30
CA GLU A 219 16.62 -41.47 -44.58
C GLU A 219 16.66 -41.04 -46.05
N THR A 220 17.12 -39.80 -46.25
CA THR A 220 17.26 -39.21 -47.58
C THR A 220 18.34 -38.14 -47.50
N THR A 221 19.09 -37.98 -48.59
CA THR A 221 20.17 -37.00 -48.67
C THR A 221 19.72 -35.79 -49.47
N ALA A 222 20.19 -34.61 -49.05
CA ALA A 222 19.88 -33.35 -49.70
C ALA A 222 21.08 -32.84 -50.48
N PHE A 223 20.89 -31.71 -51.16
CA PHE A 223 21.94 -31.11 -51.97
C PHE A 223 21.77 -29.60 -51.96
N HIS A 224 22.84 -28.91 -52.39
CA HIS A 224 22.85 -27.45 -52.45
C HIS A 224 22.17 -26.99 -53.73
N ARG A 225 20.89 -26.60 -53.63
CA ARG A 225 20.11 -26.15 -54.77
C ARG A 225 20.10 -27.22 -55.86
N ASP A 226 19.84 -28.46 -55.42
CA ASP A 226 19.78 -29.66 -56.26
C ASP A 226 20.96 -29.80 -57.22
N ASP A 227 22.12 -29.28 -56.81
CA ASP A 227 23.34 -29.33 -57.61
C ASP A 227 24.26 -30.42 -57.06
N HIS A 228 25.48 -30.49 -57.58
CA HIS A 228 26.45 -31.49 -57.14
C HIS A 228 27.03 -31.07 -55.79
N GLU A 229 27.92 -31.92 -55.27
CA GLU A 229 28.56 -31.63 -53.99
C GLU A 229 29.50 -30.44 -54.17
N THR A 230 29.35 -29.44 -53.31
CA THR A 230 30.18 -28.24 -53.39
C THR A 230 30.45 -27.69 -51.99
N ASP A 231 31.45 -26.82 -51.91
CA ASP A 231 31.82 -26.20 -50.65
C ASP A 231 31.36 -24.74 -50.64
N MET A 232 30.53 -24.39 -49.66
CA MET A 232 29.98 -23.05 -49.53
C MET A 232 30.64 -22.35 -48.35
N GLU A 233 31.27 -21.21 -48.61
CA GLU A 233 31.93 -20.44 -47.57
C GLU A 233 30.90 -19.77 -46.67
N LEU A 234 31.26 -19.59 -45.40
CA LEU A 234 30.37 -18.99 -44.42
C LEU A 234 30.57 -17.48 -44.36
N LYS A 235 29.47 -16.76 -44.20
CA LYS A 235 29.43 -15.31 -44.10
C LYS A 235 28.52 -14.92 -42.95
N PRO A 236 28.65 -13.70 -42.41
CA PRO A 236 27.78 -13.27 -41.31
C PRO A 236 26.31 -13.32 -41.71
N ALA A 237 25.45 -13.67 -40.74
CA ALA A 237 24.01 -13.79 -40.97
C ALA A 237 23.18 -12.71 -40.29
N ASN A 238 23.80 -11.78 -39.56
CA ASN A 238 23.04 -10.73 -38.87
C ASN A 238 22.74 -9.52 -39.74
N ALA A 239 23.58 -9.25 -40.75
CA ALA A 239 23.49 -8.10 -41.67
C ALA A 239 24.00 -6.81 -41.01
N CYS A 240 24.22 -6.84 -39.70
CA CYS A 240 24.77 -5.75 -38.91
C CYS A 240 24.89 -6.32 -37.50
N THR A 241 26.03 -6.08 -36.86
CA THR A 241 26.28 -6.65 -35.54
C THR A 241 25.47 -5.94 -34.45
N ARG A 242 24.31 -6.52 -34.17
CA ARG A 242 23.41 -6.06 -33.12
C ARG A 242 23.35 -7.02 -31.94
N THR A 243 23.84 -8.25 -32.14
CA THR A 243 23.90 -9.31 -31.15
C THR A 243 25.14 -10.14 -31.50
N SER A 244 25.17 -11.39 -31.05
CA SER A 244 26.29 -12.27 -31.35
C SER A 244 26.53 -12.29 -32.86
N ARG A 245 27.77 -12.55 -33.26
CA ARG A 245 28.15 -12.54 -34.67
C ARG A 245 27.31 -13.45 -35.55
N GLY A 246 27.41 -14.77 -35.38
CA GLY A 246 26.63 -15.67 -36.21
C GLY A 246 27.13 -15.71 -37.64
N TRP A 247 27.02 -16.87 -38.30
CA TRP A 247 27.48 -17.01 -39.68
C TRP A 247 26.56 -17.97 -40.41
N HIS A 248 26.56 -17.86 -41.75
CA HIS A 248 25.72 -18.72 -42.58
C HIS A 248 26.29 -18.77 -43.98
N THR A 249 25.67 -19.60 -44.83
CA THR A 249 26.12 -19.75 -46.22
C THR A 249 25.18 -19.07 -47.21
N THR A 250 23.90 -19.40 -47.20
CA THR A 250 22.92 -18.83 -48.11
C THR A 250 21.72 -18.32 -47.33
N ASP A 251 21.16 -17.21 -47.80
CA ASP A 251 20.01 -16.61 -47.15
C ASP A 251 18.76 -17.46 -47.32
N THR A 267 15.98 -29.28 -53.90
CA THR A 267 16.48 -29.38 -52.53
C THR A 267 17.51 -28.29 -52.24
N THR A 268 17.47 -27.76 -51.03
CA THR A 268 18.39 -26.71 -50.61
C THR A 268 18.92 -27.03 -49.22
N VAL A 269 20.22 -26.77 -49.02
CA VAL A 269 20.90 -27.00 -47.75
C VAL A 269 21.67 -25.75 -47.38
N ASN A 270 21.61 -25.39 -46.09
CA ASN A 270 22.29 -24.20 -45.57
C ASN A 270 23.00 -24.56 -44.27
N CYS A 271 24.28 -24.19 -44.20
CA CYS A 271 25.12 -24.43 -43.04
C CYS A 271 25.15 -23.15 -42.21
N ILE A 272 24.92 -23.28 -40.90
CA ILE A 272 24.87 -22.14 -39.99
C ILE A 272 25.75 -22.42 -38.77
N VAL A 273 26.40 -21.37 -38.28
CA VAL A 273 27.26 -21.41 -37.10
C VAL A 273 26.95 -20.17 -36.28
N GLU A 274 26.81 -20.34 -34.97
CA GLU A 274 26.47 -19.23 -34.08
C GLU A 274 27.22 -19.35 -32.76
N GLU A 275 27.73 -18.23 -32.26
CA GLU A 275 28.43 -18.17 -30.98
C GLU A 275 27.42 -17.75 -29.91
N VAL A 276 26.52 -18.69 -29.60
CA VAL A 276 25.47 -18.42 -28.62
C VAL A 276 26.03 -18.43 -27.20
N ASP A 277 25.26 -17.85 -26.28
CA ASP A 277 25.61 -17.80 -24.87
C ASP A 277 25.06 -19.04 -24.17
N ALA A 278 25.52 -19.27 -22.94
CA ALA A 278 25.06 -20.43 -22.20
C ALA A 278 25.08 -20.15 -20.71
N ARG A 279 24.29 -20.94 -19.97
CA ARG A 279 24.18 -20.84 -18.53
C ARG A 279 24.14 -22.24 -17.94
N SER A 280 24.66 -22.38 -16.73
CA SER A 280 24.69 -23.65 -16.02
C SER A 280 24.22 -23.41 -14.60
N VAL A 281 23.38 -24.31 -14.10
CA VAL A 281 22.86 -24.18 -12.73
C VAL A 281 24.00 -24.21 -11.72
N TYR A 282 23.69 -23.79 -10.50
CA TYR A 282 24.68 -23.74 -9.43
C TYR A 282 25.47 -25.03 -9.25
N PRO A 283 24.89 -26.22 -9.26
CA PRO A 283 25.72 -27.44 -9.13
C PRO A 283 26.69 -27.64 -10.27
N TYR A 284 26.50 -26.94 -11.40
CA TYR A 284 27.37 -27.06 -12.57
C TYR A 284 27.36 -28.48 -13.14
N ASP A 285 26.18 -29.10 -13.15
CA ASP A 285 25.99 -30.45 -13.66
C ASP A 285 25.32 -30.46 -15.03
N GLU A 286 24.52 -29.45 -15.34
CA GLU A 286 23.83 -29.33 -16.61
C GLU A 286 23.85 -27.87 -17.06
N PHE A 287 23.69 -27.67 -18.37
CA PHE A 287 23.70 -26.33 -18.95
C PHE A 287 22.71 -26.26 -20.10
N VAL A 288 22.35 -25.02 -20.46
CA VAL A 288 21.42 -24.74 -21.55
C VAL A 288 21.99 -23.59 -22.37
N LEU A 289 21.69 -23.61 -23.66
CA LEU A 289 22.15 -22.59 -24.60
C LEU A 289 21.05 -21.55 -24.81
N ALA A 290 21.37 -20.55 -25.64
CA ALA A 290 20.39 -19.51 -25.94
C ALA A 290 19.17 -20.06 -26.64
N THR A 291 19.33 -21.14 -27.40
CA THR A 291 18.20 -21.73 -28.11
C THR A 291 17.18 -22.38 -27.19
N GLY A 292 17.53 -22.63 -25.92
CA GLY A 292 16.62 -23.21 -24.96
C GLY A 292 16.66 -24.72 -24.86
N ASP A 293 17.48 -25.41 -25.67
CA ASP A 293 17.56 -26.86 -25.60
C ASP A 293 18.51 -27.27 -24.50
N PHE A 294 18.00 -27.95 -23.47
CA PHE A 294 18.84 -28.39 -22.37
C PHE A 294 19.85 -29.42 -22.84
N VAL A 295 21.07 -29.34 -22.31
CA VAL A 295 22.15 -30.26 -22.59
C VAL A 295 22.38 -31.06 -21.33
N TYR A 296 22.06 -32.35 -21.36
CA TYR A 296 22.23 -33.23 -20.21
C TYR A 296 23.69 -33.64 -20.05
N MET A 297 24.54 -32.64 -19.79
CA MET A 297 25.97 -32.89 -19.65
C MET A 297 26.61 -31.67 -19.00
N SER A 298 27.50 -31.92 -18.02
CA SER A 298 28.16 -30.87 -17.25
C SER A 298 29.24 -30.16 -18.08
N PRO A 299 29.39 -28.84 -17.96
CA PRO A 299 30.43 -28.16 -18.75
C PRO A 299 31.85 -28.57 -18.39
N PHE A 300 32.07 -29.11 -17.20
CA PHE A 300 33.40 -29.52 -16.76
C PHE A 300 33.80 -30.90 -17.28
N TYR A 301 32.95 -31.55 -18.08
CA TYR A 301 33.25 -32.87 -18.61
C TYR A 301 34.51 -32.84 -19.45
N GLY A 302 35.35 -33.86 -19.28
CA GLY A 302 36.58 -33.96 -20.04
C GLY A 302 37.50 -35.05 -19.52
N TYR A 303 38.12 -35.79 -20.42
CA TYR A 303 39.03 -36.87 -20.05
C TYR A 303 40.48 -36.42 -19.98
N ARG A 304 40.77 -35.13 -20.19
CA ARG A 304 42.15 -34.67 -20.14
C ARG A 304 42.73 -34.80 -18.74
N GLU A 305 41.96 -34.44 -17.71
CA GLU A 305 42.40 -34.52 -16.32
C GLU A 305 41.20 -34.90 -15.47
N GLY A 306 41.41 -34.94 -14.15
CA GLY A 306 40.34 -35.27 -13.24
C GLY A 306 39.33 -34.15 -13.18
N SER A 307 38.14 -34.40 -13.72
CA SER A 307 37.08 -33.39 -13.75
C SER A 307 35.75 -34.11 -13.59
N HIS A 308 34.66 -33.36 -13.82
CA HIS A 308 33.31 -33.91 -13.70
C HIS A 308 32.96 -34.71 -14.96
N THR A 309 33.76 -35.73 -15.25
CA THR A 309 33.57 -36.57 -16.42
C THR A 309 32.53 -37.68 -16.20
N GLU A 310 32.06 -37.86 -14.97
CA GLU A 310 31.08 -38.91 -14.70
C GLU A 310 29.66 -38.47 -15.02
N HIS A 311 29.43 -37.16 -15.17
CA HIS A 311 28.09 -36.63 -15.45
C HIS A 311 27.89 -36.43 -16.95
N THR A 312 27.15 -37.37 -17.54
CA THR A 312 26.82 -37.34 -18.97
C THR A 312 25.77 -38.40 -19.25
N SER A 313 24.71 -38.00 -19.94
CA SER A 313 23.64 -38.93 -20.30
C SER A 313 23.76 -39.42 -21.74
N TYR A 314 24.54 -38.74 -22.56
CA TYR A 314 24.72 -39.13 -23.95
C TYR A 314 25.83 -40.16 -24.08
N ALA A 315 25.81 -40.89 -25.18
CA ALA A 315 26.83 -41.90 -25.43
C ALA A 315 28.15 -41.23 -25.79
N ALA A 316 29.26 -41.96 -25.58
CA ALA A 316 30.57 -41.41 -25.87
C ALA A 316 30.73 -41.07 -27.35
N ASP A 317 29.99 -41.76 -28.23
CA ASP A 317 30.08 -41.47 -29.66
C ASP A 317 29.63 -40.06 -30.00
N ARG A 318 28.81 -39.44 -29.15
CA ARG A 318 28.31 -38.09 -29.39
C ARG A 318 29.21 -37.01 -28.79
N PHE A 319 30.38 -37.35 -28.26
CA PHE A 319 31.27 -36.38 -27.66
C PHE A 319 32.71 -36.62 -28.10
N LYS A 320 33.47 -35.53 -28.19
CA LYS A 320 34.87 -35.55 -28.55
C LYS A 320 35.53 -34.30 -27.99
N GLN A 321 36.76 -34.45 -27.52
CA GLN A 321 37.55 -33.35 -26.97
C GLN A 321 38.76 -33.14 -27.86
N VAL A 322 38.74 -32.06 -28.64
CA VAL A 322 39.82 -31.74 -29.57
C VAL A 322 40.89 -30.94 -28.83
N ASP A 323 42.11 -31.47 -28.82
CA ASP A 323 43.24 -30.84 -28.18
C ASP A 323 44.03 -30.07 -29.24
N GLY A 324 44.70 -29.00 -28.81
CA GLY A 324 45.45 -28.20 -29.75
C GLY A 324 44.60 -27.41 -30.70
N PHE A 325 43.33 -27.19 -30.36
CA PHE A 325 42.41 -26.45 -31.22
C PHE A 325 42.87 -25.00 -31.31
N TYR A 326 42.96 -24.48 -32.54
CA TYR A 326 43.40 -23.11 -32.78
C TYR A 326 42.25 -22.14 -33.06
N ALA A 327 41.01 -22.60 -32.96
CA ALA A 327 39.80 -21.77 -33.12
C ALA A 327 39.80 -20.71 -34.22
N ARG A 328 39.83 -21.11 -35.48
CA ARG A 328 39.79 -20.13 -36.56
C ARG A 328 38.45 -19.41 -36.52
N ASP A 329 38.48 -18.10 -36.77
CA ASP A 329 37.27 -17.28 -36.77
C ASP A 329 36.74 -17.12 -38.19
N LEU A 330 35.43 -17.14 -38.34
CA LEU A 330 34.81 -17.00 -39.64
C LEU A 330 34.73 -15.55 -40.10
N THR A 331 34.96 -14.58 -39.22
CA THR A 331 34.89 -13.19 -39.63
C THR A 331 36.07 -12.82 -40.52
N THR A 332 37.27 -13.29 -40.17
CA THR A 332 38.48 -12.98 -40.94
C THR A 332 39.37 -14.19 -41.22
N LYS A 333 39.14 -15.34 -40.62
CA LYS A 333 39.97 -16.53 -40.84
C LYS A 333 41.43 -16.26 -40.49
N ALA A 334 41.67 -15.60 -39.35
CA ALA A 334 43.01 -15.25 -38.92
C ALA A 334 43.58 -16.18 -37.85
N ARG A 335 42.85 -17.23 -37.45
CA ARG A 335 43.32 -18.17 -36.42
C ARG A 335 43.42 -17.50 -35.05
N ALA A 336 43.41 -18.30 -33.99
CA ALA A 336 43.50 -17.75 -32.64
C ALA A 336 44.95 -17.37 -32.32
N THR A 337 45.17 -17.02 -31.04
CA THR A 337 46.50 -16.61 -30.59
C THR A 337 47.30 -17.76 -30.00
N ALA A 338 46.64 -18.78 -29.44
CA ALA A 338 47.35 -19.89 -28.82
C ALA A 338 46.47 -21.13 -28.90
N PRO A 339 47.06 -22.33 -28.86
CA PRO A 339 46.24 -23.56 -28.91
C PRO A 339 45.43 -23.73 -27.65
N THR A 340 44.30 -24.41 -27.78
CA THR A 340 43.41 -24.66 -26.66
C THR A 340 42.74 -26.02 -26.84
N THR A 341 42.20 -26.54 -25.74
CA THR A 341 41.48 -27.80 -25.73
C THR A 341 40.00 -27.45 -25.75
N ARG A 342 39.29 -27.90 -26.78
CA ARG A 342 37.88 -27.60 -26.96
C ARG A 342 37.04 -28.86 -26.97
N ASN A 343 35.98 -28.85 -26.17
CA ASN A 343 35.07 -29.98 -26.11
C ASN A 343 34.10 -29.90 -27.27
N LEU A 344 33.74 -31.05 -27.82
CA LEU A 344 32.82 -31.13 -28.95
C LEU A 344 31.76 -32.18 -28.67
N LEU A 345 30.51 -31.72 -28.61
CA LEU A 345 29.36 -32.59 -28.37
C LEU A 345 28.32 -32.26 -29.43
N THR A 346 27.46 -33.23 -29.73
CA THR A 346 26.44 -33.01 -30.75
C THR A 346 25.20 -33.84 -30.47
N THR A 347 24.09 -33.15 -30.22
CA THR A 347 22.82 -33.78 -30.00
C THR A 347 22.23 -34.09 -31.39
N PRO A 348 21.21 -34.97 -31.49
CA PRO A 348 20.65 -35.26 -32.82
C PRO A 348 20.15 -34.03 -33.59
N LYS A 349 19.91 -32.93 -32.88
CA LYS A 349 19.43 -31.71 -33.52
C LYS A 349 20.57 -30.80 -33.98
N PHE A 350 21.73 -30.83 -33.32
CA PHE A 350 22.81 -29.92 -33.71
C PHE A 350 24.13 -30.36 -33.07
N THR A 351 25.16 -29.54 -33.32
CA THR A 351 26.50 -29.73 -32.79
C THR A 351 26.91 -28.49 -32.01
N VAL A 352 27.61 -28.70 -30.89
CA VAL A 352 28.06 -27.62 -30.02
C VAL A 352 29.52 -27.81 -29.65
N ALA A 353 30.13 -26.72 -29.14
CA ALA A 353 31.52 -26.76 -28.72
C ALA A 353 31.84 -25.50 -27.92
N TRP A 354 32.84 -25.62 -27.04
CA TRP A 354 33.26 -24.52 -26.20
C TRP A 354 34.62 -24.86 -25.58
N ASP A 355 35.37 -23.82 -25.24
CA ASP A 355 36.68 -24.02 -24.63
C ASP A 355 36.50 -24.75 -23.30
N TRP A 356 37.40 -25.68 -23.01
CA TRP A 356 37.32 -26.51 -21.80
C TRP A 356 38.48 -26.24 -20.84
N VAL A 357 38.17 -26.31 -19.56
CA VAL A 357 39.12 -26.14 -18.46
C VAL A 357 38.82 -27.29 -17.49
N PRO A 358 39.75 -27.66 -16.61
CA PRO A 358 39.45 -28.78 -15.68
C PRO A 358 38.24 -28.57 -14.80
N LYS A 359 38.18 -27.47 -14.05
CA LYS A 359 37.05 -27.22 -13.16
C LYS A 359 37.11 -25.77 -12.71
N ARG A 360 35.97 -25.25 -12.24
CA ARG A 360 35.84 -23.89 -11.75
C ARG A 360 35.18 -23.94 -10.37
N PRO A 361 35.89 -24.43 -9.35
CA PRO A 361 35.30 -24.51 -8.01
C PRO A 361 35.41 -23.21 -7.20
N SER A 362 35.97 -22.15 -7.76
CA SER A 362 36.11 -20.89 -7.04
C SER A 362 34.77 -20.18 -6.92
N VAL A 363 33.96 -20.57 -5.95
CA VAL A 363 32.65 -19.98 -5.72
C VAL A 363 32.21 -20.25 -4.29
N CYS A 364 31.72 -19.22 -3.62
CA CYS A 364 31.25 -19.35 -2.25
C CYS A 364 29.79 -19.77 -2.29
N THR A 365 29.42 -20.73 -1.44
CA THR A 365 28.05 -21.23 -1.41
C THR A 365 27.04 -20.14 -1.11
N MET A 366 27.32 -19.24 -0.15
CA MET A 366 26.42 -18.18 0.23
C MET A 366 26.99 -16.83 -0.17
N THR A 367 26.12 -15.82 -0.18
CA THR A 367 26.48 -14.45 -0.54
C THR A 367 26.07 -13.50 0.58
N LYS A 368 26.94 -12.54 0.88
CA LYS A 368 26.67 -11.54 1.92
C LYS A 368 25.58 -10.61 1.38
N TRP A 369 24.35 -10.81 1.85
CA TRP A 369 23.23 -10.02 1.37
C TRP A 369 23.14 -8.65 2.02
N GLN A 370 22.96 -8.59 3.35
CA GLN A 370 22.83 -7.32 4.05
C GLN A 370 23.61 -7.31 5.34
N GLU A 371 24.07 -6.11 5.72
CA GLU A 371 24.80 -5.87 6.95
C GLU A 371 23.95 -4.93 7.81
N VAL A 372 23.49 -5.42 8.95
CA VAL A 372 22.63 -4.66 9.84
C VAL A 372 23.47 -4.15 11.01
N ASP A 373 23.31 -2.87 11.33
CA ASP A 373 24.06 -2.27 12.42
C ASP A 373 23.52 -2.69 13.78
N GLU A 374 22.19 -2.74 13.93
CA GLU A 374 21.55 -3.12 15.19
C GLU A 374 20.47 -4.14 14.90
N MET A 375 20.50 -5.25 15.64
CA MET A 375 19.49 -6.31 15.49
C MET A 375 19.28 -6.96 16.84
N LEU A 376 18.05 -6.93 17.33
CA LEU A 376 17.73 -7.53 18.63
C LEU A 376 17.43 -9.01 18.47
N ARG A 377 17.79 -9.78 19.50
CA ARG A 377 17.57 -11.23 19.53
C ARG A 377 16.55 -11.52 20.63
N SER A 378 15.30 -11.76 20.23
CA SER A 378 14.21 -12.06 21.14
C SER A 378 13.99 -13.57 21.17
N GLU A 379 13.34 -14.05 22.23
CA GLU A 379 13.08 -15.47 22.44
C GLU A 379 11.62 -15.70 22.79
N TYR A 380 10.93 -16.49 21.98
CA TYR A 380 9.54 -16.84 22.23
C TYR A 380 9.10 -17.85 21.18
N GLY A 381 8.11 -18.66 21.55
CA GLY A 381 7.58 -19.67 20.64
C GLY A 381 8.56 -20.77 20.28
N GLY A 382 9.57 -21.01 21.11
CA GLY A 382 10.53 -22.05 20.82
C GLY A 382 11.38 -21.79 19.59
N SER A 383 11.43 -20.55 19.11
CA SER A 383 12.21 -20.19 17.93
C SER A 383 12.71 -18.77 18.11
N PHE A 384 14.02 -18.59 18.12
CA PHE A 384 14.59 -17.27 18.30
C PHE A 384 14.19 -16.34 17.16
N ARG A 385 13.95 -15.08 17.50
CA ARG A 385 13.57 -14.06 16.54
C ARG A 385 14.66 -12.99 16.49
N PHE A 386 15.11 -12.68 15.27
CA PHE A 386 16.15 -11.69 15.05
C PHE A 386 15.51 -10.52 14.32
N SER A 387 15.26 -9.42 15.04
CA SER A 387 14.61 -8.24 14.49
C SER A 387 15.52 -7.03 14.62
N SER A 388 15.39 -6.14 13.63
CA SER A 388 16.12 -4.87 13.54
C SER A 388 15.05 -3.80 13.58
N ASP A 389 15.36 -2.58 13.12
CA ASP A 389 14.40 -1.48 13.10
C ASP A 389 13.01 -1.94 12.65
N ALA A 390 11.99 -1.28 13.20
CA ALA A 390 10.58 -1.62 12.98
C ALA A 390 10.25 -2.04 11.55
N ILE A 391 10.54 -1.21 10.56
CA ILE A 391 10.24 -1.57 9.17
C ILE A 391 11.12 -2.68 8.62
N SER A 392 12.22 -3.01 9.29
CA SER A 392 13.10 -4.05 8.79
C SER A 392 12.43 -5.43 8.86
N THR A 393 12.96 -6.36 8.06
CA THR A 393 12.45 -7.71 8.05
C THR A 393 13.00 -8.50 9.23
N THR A 394 12.15 -9.27 9.88
CA THR A 394 12.52 -10.07 11.04
C THR A 394 12.69 -11.52 10.62
N PHE A 395 13.73 -12.17 11.15
CA PHE A 395 14.04 -13.56 10.86
C PHE A 395 13.68 -14.45 12.04
N THR A 396 13.50 -15.74 11.73
CA THR A 396 13.16 -16.74 12.74
C THR A 396 13.97 -17.99 12.44
N THR A 397 14.51 -18.61 13.49
CA THR A 397 15.35 -19.79 13.36
C THR A 397 14.87 -20.90 14.31
N ASN A 398 15.50 -22.07 14.17
CA ASN A 398 15.24 -23.27 14.95
C ASN A 398 15.95 -23.28 16.31
N LEU A 399 16.73 -22.25 16.65
CA LEU A 399 17.49 -22.13 17.90
C LEU A 399 18.75 -23.01 17.89
N THR A 400 18.94 -23.83 16.85
CA THR A 400 20.11 -24.69 16.78
C THR A 400 21.18 -24.07 15.88
N GLU A 401 22.43 -24.16 16.32
CA GLU A 401 23.55 -23.61 15.57
C GLU A 401 23.80 -24.45 14.32
N TYR A 402 23.84 -23.81 13.15
CA TYR A 402 24.07 -24.58 11.93
C TYR A 402 25.52 -25.07 11.92
N PRO A 403 25.80 -26.25 11.36
CA PRO A 403 27.19 -26.74 11.37
C PRO A 403 28.07 -26.31 10.21
N LEU A 404 27.65 -25.38 9.35
CA LEU A 404 28.51 -25.03 8.22
C LEU A 404 29.82 -24.39 8.67
N SER A 405 29.76 -23.45 9.62
CA SER A 405 30.97 -22.79 10.07
C SER A 405 31.90 -23.74 10.82
N ARG A 406 31.37 -24.45 11.83
CA ARG A 406 32.21 -25.37 12.59
C ARG A 406 32.75 -26.51 11.73
N VAL A 407 32.12 -26.81 10.59
CA VAL A 407 32.64 -27.86 9.70
C VAL A 407 33.75 -27.32 8.82
N ASP A 408 33.88 -25.98 8.70
CA ASP A 408 34.89 -25.28 7.92
C ASP A 408 34.58 -25.22 6.44
N LEU A 409 33.48 -25.80 5.98
CA LEU A 409 33.16 -25.73 4.56
C LEU A 409 32.75 -24.32 4.13
N GLY A 410 32.36 -23.47 5.08
CA GLY A 410 31.97 -22.10 4.80
C GLY A 410 33.01 -21.13 5.30
N ASP A 411 34.28 -21.45 5.04
CA ASP A 411 35.38 -20.61 5.50
C ASP A 411 35.26 -19.18 4.97
N CYS A 412 34.93 -19.03 3.69
CA CYS A 412 34.81 -17.67 3.14
C CYS A 412 33.63 -16.94 3.76
N ILE A 413 32.55 -17.67 4.07
CA ILE A 413 31.39 -17.04 4.68
C ILE A 413 31.77 -16.48 6.05
N GLY A 414 32.50 -17.26 6.83
CA GLY A 414 32.91 -16.79 8.15
C GLY A 414 33.85 -15.62 8.06
N LYS A 415 34.79 -15.66 7.10
CA LYS A 415 35.73 -14.56 6.92
C LYS A 415 35.00 -13.26 6.62
N ASP A 416 34.08 -13.30 5.65
CA ASP A 416 33.33 -12.10 5.31
C ASP A 416 32.44 -11.67 6.47
N ALA A 417 31.78 -12.62 7.13
CA ALA A 417 30.92 -12.29 8.27
C ALA A 417 31.74 -11.68 9.41
N ARG A 418 32.89 -12.28 9.71
CA ARG A 418 33.73 -11.75 10.78
C ARG A 418 34.22 -10.36 10.45
N ASP A 419 34.60 -10.12 9.18
CA ASP A 419 35.07 -8.80 8.78
C ASP A 419 33.95 -7.78 8.94
N ALA A 420 32.74 -8.14 8.50
CA ALA A 420 31.61 -7.23 8.62
C ALA A 420 31.26 -6.98 10.08
N MET A 421 31.40 -8.00 10.93
CA MET A 421 31.09 -7.84 12.34
C MET A 421 32.07 -6.88 13.00
N ASP A 422 33.37 -7.05 12.73
CA ASP A 422 34.36 -6.16 13.32
C ASP A 422 34.23 -4.75 12.74
N ARG A 423 33.79 -4.65 11.49
CA ARG A 423 33.62 -3.35 10.84
C ARG A 423 32.56 -2.53 11.56
N ILE A 424 31.42 -3.14 11.89
CA ILE A 424 30.34 -2.42 12.56
C ILE A 424 30.73 -2.10 14.00
N PHE A 425 31.40 -3.03 14.69
CA PHE A 425 31.78 -2.79 16.08
C PHE A 425 32.71 -1.59 16.20
N ALA A 426 33.81 -1.58 15.44
CA ALA A 426 34.73 -0.46 15.49
C ALA A 426 34.10 0.81 14.95
N ARG A 427 33.12 0.67 14.05
CA ARG A 427 32.46 1.83 13.48
C ARG A 427 31.45 2.46 14.43
N ARG A 428 30.83 1.67 15.32
CA ARG A 428 29.81 2.21 16.22
C ARG A 428 29.86 1.83 17.69
N TYR A 429 30.46 0.69 18.06
CA TYR A 429 30.45 0.25 19.45
C TYR A 429 31.78 -0.06 20.13
N ASN A 430 32.80 0.80 20.01
CA ASN A 430 34.04 0.50 20.71
C ASN A 430 33.86 0.66 22.21
N ALA A 431 33.27 1.78 22.62
CA ALA A 431 33.03 2.08 24.03
C ALA A 431 31.57 1.93 24.44
N THR A 432 30.67 1.60 23.51
CA THR A 432 29.26 1.45 23.86
C THR A 432 28.94 0.06 24.38
N HIS A 433 29.38 -0.98 23.68
CA HIS A 433 29.13 -2.37 24.05
C HIS A 433 30.44 -3.14 24.12
N ILE A 434 30.32 -4.40 24.51
CA ILE A 434 31.44 -5.32 24.62
C ILE A 434 31.05 -6.62 23.93
N LYS A 435 31.91 -7.09 23.04
CA LYS A 435 31.61 -8.32 22.32
C LYS A 435 31.83 -9.53 23.24
N VAL A 436 30.93 -10.50 23.16
CA VAL A 436 30.98 -11.71 23.98
C VAL A 436 30.82 -12.92 23.07
N GLY A 437 31.57 -13.97 23.40
CA GLY A 437 31.48 -15.20 22.63
C GLY A 437 32.03 -15.03 21.23
N GLN A 438 31.53 -15.87 20.33
CA GLN A 438 31.91 -15.89 18.92
C GLN A 438 30.66 -15.81 18.08
N PRO A 439 30.78 -15.48 16.79
CA PRO A 439 29.58 -15.39 15.95
C PRO A 439 28.84 -16.72 15.87
N GLN A 440 27.51 -16.62 15.83
CA GLN A 440 26.62 -17.76 15.74
C GLN A 440 25.93 -17.75 14.38
N TYR A 441 25.60 -18.94 13.88
CA TYR A 441 24.98 -19.10 12.57
C TYR A 441 23.71 -19.93 12.70
N TYR A 442 22.68 -19.54 11.95
CA TYR A 442 21.38 -20.21 11.98
C TYR A 442 20.75 -20.17 10.59
N LEU A 443 20.08 -21.26 10.23
CA LEU A 443 19.38 -21.34 8.95
C LEU A 443 17.97 -20.85 9.20
N ALA A 444 17.79 -19.53 9.19
CA ALA A 444 16.51 -18.91 9.46
C ALA A 444 15.46 -19.31 8.43
N ASN A 445 14.22 -18.96 8.72
CA ASN A 445 13.10 -19.27 7.83
C ASN A 445 13.28 -18.57 6.49
N GLY A 446 12.85 -19.24 5.43
CA GLY A 446 12.97 -18.69 4.09
C GLY A 446 14.31 -18.91 3.43
N GLY A 447 15.21 -19.66 4.06
CA GLY A 447 16.52 -19.92 3.50
C GLY A 447 17.60 -18.92 3.89
N PHE A 448 17.25 -17.86 4.60
CA PHE A 448 18.26 -16.87 4.99
C PHE A 448 19.17 -17.43 6.07
N LEU A 449 20.48 -17.26 5.87
CA LEU A 449 21.49 -17.72 6.82
C LEU A 449 21.93 -16.47 7.59
N ILE A 450 21.46 -16.35 8.82
CA ILE A 450 21.80 -15.19 9.65
C ILE A 450 23.02 -15.49 10.51
N ALA A 451 23.96 -14.56 10.51
CA ALA A 451 25.17 -14.63 11.32
C ALA A 451 25.01 -13.59 12.41
N TYR A 452 24.93 -14.03 13.66
CA TYR A 452 24.73 -13.16 14.80
C TYR A 452 25.92 -13.19 15.75
N GLN A 453 26.13 -12.05 16.41
CA GLN A 453 27.21 -11.87 17.38
C GLN A 453 26.61 -11.13 18.58
N PRO A 454 26.37 -11.81 19.70
CA PRO A 454 25.78 -11.11 20.86
C PRO A 454 26.68 -9.99 21.38
N LEU A 455 26.03 -8.96 21.91
CA LEU A 455 26.70 -7.80 22.49
C LEU A 455 26.06 -7.50 23.83
N LEU A 456 26.79 -6.74 24.66
CA LEU A 456 26.32 -6.36 25.98
C LEU A 456 26.72 -4.91 26.24
N SER A 457 25.78 -4.14 26.81
CA SER A 457 26.03 -2.74 27.09
C SER A 457 26.99 -2.57 28.26
N ASN A 458 27.99 -1.71 28.08
CA ASN A 458 28.97 -1.45 29.13
C ASN A 458 28.37 -0.73 30.32
N THR A 459 27.35 0.09 30.11
CA THR A 459 26.73 0.84 31.21
C THR A 459 25.98 -0.12 32.14
N HIS A 512 11.60 8.28 25.46
CA HIS A 512 10.61 7.27 25.81
C HIS A 512 9.37 7.34 24.92
N ILE A 513 9.28 8.38 24.08
CA ILE A 513 8.14 8.52 23.19
C ILE A 513 8.21 7.50 22.04
N GLN A 514 9.35 6.83 21.89
CA GLN A 514 9.51 5.84 20.82
C GLN A 514 8.70 4.57 21.06
N ARG A 515 8.20 4.34 22.27
CA ARG A 515 7.47 3.11 22.56
C ARG A 515 6.22 2.94 21.72
N PRO A 516 5.22 3.84 21.75
CA PRO A 516 4.03 3.62 20.93
C PRO A 516 4.27 3.66 19.43
N VAL A 517 4.94 4.71 18.93
CA VAL A 517 5.19 4.86 17.49
C VAL A 517 5.83 3.61 16.92
N ASN A 518 6.72 2.96 17.67
CA ASN A 518 7.34 1.74 17.18
C ASN A 518 6.29 0.67 16.96
N ASP A 519 5.30 0.59 17.86
CA ASP A 519 4.23 -0.39 17.70
C ASP A 519 3.38 -0.04 16.49
N MET A 520 3.14 1.26 16.25
CA MET A 520 2.35 1.67 15.10
C MET A 520 3.09 1.32 13.81
N LEU A 521 4.36 1.70 13.72
CA LEU A 521 5.15 1.42 12.52
C LEU A 521 5.26 -0.08 12.29
N GLY A 522 5.48 -0.84 13.36
CA GLY A 522 5.57 -2.29 13.21
C GLY A 522 4.29 -2.86 12.65
N ARG A 523 3.15 -2.42 13.19
CA ARG A 523 1.87 -2.90 12.69
C ARG A 523 1.68 -2.48 11.24
N VAL A 524 2.15 -1.28 10.89
CA VAL A 524 2.04 -0.81 9.51
C VAL A 524 2.87 -1.70 8.60
N ALA A 525 4.08 -2.07 9.06
CA ALA A 525 4.93 -2.93 8.26
C ALA A 525 4.28 -4.29 8.03
N ILE A 526 3.65 -4.84 9.08
CA ILE A 526 2.96 -6.12 8.93
C ILE A 526 1.80 -5.98 7.96
N ALA A 527 1.10 -4.85 8.03
CA ALA A 527 0.00 -4.62 7.09
C ALA A 527 0.55 -4.57 5.67
N TRP A 528 1.73 -3.98 5.51
CA TRP A 528 2.35 -3.92 4.20
C TRP A 528 2.69 -5.32 3.70
N CYS A 529 3.27 -6.14 4.58
CA CYS A 529 3.62 -7.51 4.20
C CYS A 529 2.36 -8.29 3.84
N GLU A 530 1.32 -8.15 4.65
CA GLU A 530 0.07 -8.86 4.37
C GLU A 530 -0.58 -8.32 3.10
N GLU A 531 -0.56 -6.99 2.93
CA GLU A 531 -1.16 -6.40 1.74
C GLU A 531 -0.41 -6.84 0.49
N GLN A 532 0.93 -6.83 0.55
CA GLN A 532 1.71 -7.27 -0.60
C GLN A 532 1.49 -8.75 -0.85
N ASN A 533 1.27 -9.53 0.21
CA ASN A 533 0.99 -10.95 0.03
C ASN A 533 -0.29 -11.13 -0.78
N HIS A 534 -1.29 -10.30 -0.53
CA HIS A 534 -2.53 -10.36 -1.29
C HIS A 534 -2.28 -9.88 -2.72
N GLU A 535 -1.48 -8.82 -2.87
CA GLU A 535 -1.17 -8.28 -4.18
C GLU A 535 -0.47 -9.31 -5.05
N LEU A 536 0.27 -10.25 -4.44
CA LEU A 536 0.94 -11.27 -5.23
C LEU A 536 -0.06 -12.05 -6.06
N THR A 537 -1.25 -12.27 -5.52
CA THR A 537 -2.27 -12.97 -6.27
C THR A 537 -2.67 -12.18 -7.50
N LEU A 538 -2.89 -10.86 -7.34
CA LEU A 538 -3.26 -10.02 -8.47
C LEU A 538 -2.20 -10.06 -9.56
N TRP A 539 -0.93 -10.06 -9.17
CA TRP A 539 0.16 -10.10 -10.14
C TRP A 539 0.09 -11.38 -10.97
N ASN A 540 -0.43 -12.46 -10.39
CA ASN A 540 -0.50 -13.73 -11.12
C ASN A 540 -1.39 -13.62 -12.35
N GLU A 541 -2.63 -13.14 -12.19
CA GLU A 541 -3.49 -13.02 -13.36
C GLU A 541 -3.00 -11.92 -14.29
N ALA A 542 -2.31 -10.92 -13.75
CA ALA A 542 -1.82 -9.84 -14.60
C ALA A 542 -0.81 -10.36 -15.62
N ARG A 543 0.07 -11.27 -15.20
CA ARG A 543 1.05 -11.83 -16.12
C ARG A 543 0.37 -12.61 -17.23
N LYS A 544 -0.67 -13.38 -16.90
CA LYS A 544 -1.37 -14.14 -17.92
C LYS A 544 -2.05 -13.20 -18.90
N LEU A 545 -2.52 -12.05 -18.42
CA LEU A 545 -3.20 -11.07 -19.27
C LEU A 545 -2.21 -10.27 -20.12
N ASN A 546 -1.06 -9.91 -19.57
CA ASN A 546 -0.07 -9.13 -20.30
C ASN A 546 1.30 -9.42 -19.69
N PRO A 547 2.07 -10.35 -20.27
CA PRO A 547 3.39 -10.66 -19.67
C PRO A 547 4.47 -9.64 -20.01
N ASN A 548 4.35 -8.94 -21.13
CA ASN A 548 5.38 -7.98 -21.54
C ASN A 548 5.58 -6.88 -20.49
N ALA A 549 4.54 -6.08 -20.26
CA ALA A 549 4.65 -4.97 -19.31
C ALA A 549 4.90 -5.45 -17.89
N ILE A 550 4.20 -6.50 -17.46
CA ILE A 550 4.37 -6.99 -16.10
C ILE A 550 5.78 -7.52 -15.87
N ALA A 551 6.30 -8.31 -16.81
CA ALA A 551 7.64 -8.85 -16.63
C ALA A 551 8.70 -7.76 -16.67
N SER A 552 8.48 -6.73 -17.48
CA SER A 552 9.46 -5.65 -17.59
C SER A 552 9.55 -4.82 -16.31
N VAL A 553 8.40 -4.41 -15.76
CA VAL A 553 8.42 -3.59 -14.56
C VAL A 553 8.95 -4.37 -13.37
N THR A 554 8.63 -5.67 -13.28
CA THR A 554 9.10 -6.47 -12.16
C THR A 554 10.62 -6.58 -12.14
N VAL A 555 11.24 -6.85 -13.29
CA VAL A 555 12.69 -6.99 -13.33
C VAL A 555 13.41 -5.64 -13.33
N GLY A 556 12.74 -4.57 -13.76
CA GLY A 556 13.35 -3.25 -13.76
C GLY A 556 13.79 -2.70 -15.11
N ARG A 557 13.33 -3.29 -16.21
CA ARG A 557 13.72 -2.79 -17.52
C ARG A 557 12.86 -3.46 -18.58
N ARG A 558 12.83 -2.84 -19.77
CA ARG A 558 12.05 -3.38 -20.87
C ARG A 558 12.59 -4.75 -21.24
N VAL A 559 11.80 -5.79 -21.00
CA VAL A 559 12.21 -7.16 -21.27
C VAL A 559 11.04 -7.93 -21.87
N SER A 560 11.36 -8.89 -22.73
CA SER A 560 10.35 -9.72 -23.38
C SER A 560 9.97 -10.87 -22.45
N ALA A 561 8.75 -11.38 -22.63
CA ALA A 561 8.30 -12.48 -21.79
C ALA A 561 6.97 -13.03 -22.28
N ARG A 562 6.77 -14.33 -22.04
CA ARG A 562 5.55 -15.03 -22.39
C ARG A 562 5.41 -16.15 -21.38
N MET A 563 4.16 -16.52 -21.08
CA MET A 563 3.90 -17.56 -20.09
C MET A 563 3.93 -18.94 -20.73
N LEU A 564 4.94 -19.73 -20.38
CA LEU A 564 5.08 -21.11 -20.84
C LEU A 564 4.45 -22.04 -19.83
N GLY A 565 3.17 -21.81 -19.54
CA GLY A 565 2.44 -22.59 -18.57
C GLY A 565 2.45 -21.87 -17.24
N ASP A 566 2.83 -22.58 -16.17
CA ASP A 566 2.89 -21.98 -14.85
C ASP A 566 4.21 -21.28 -14.58
N VAL A 567 5.12 -21.25 -15.55
CA VAL A 567 6.42 -20.61 -15.40
C VAL A 567 6.59 -19.63 -16.56
N MET A 568 7.21 -18.50 -16.27
CA MET A 568 7.43 -17.44 -17.25
C MET A 568 8.82 -17.51 -17.87
N ALA A 569 8.90 -17.19 -19.15
CA ALA A 569 10.15 -17.16 -19.91
C ALA A 569 10.61 -15.72 -19.98
N VAL A 570 11.92 -15.51 -20.06
CA VAL A 570 12.49 -14.17 -20.09
C VAL A 570 13.64 -14.07 -21.08
N SER A 571 13.74 -12.91 -21.73
CA SER A 571 14.78 -12.62 -22.70
C SER A 571 14.77 -11.12 -22.95
N THR A 572 15.95 -10.51 -22.85
CA THR A 572 16.07 -9.06 -23.03
C THR A 572 15.70 -8.64 -24.44
N CYS A 573 15.28 -7.40 -24.58
CA CYS A 573 14.89 -6.81 -25.86
C CYS A 573 16.04 -5.97 -26.42
N VAL A 574 15.99 -5.72 -27.72
CA VAL A 574 16.99 -4.95 -28.44
C VAL A 574 16.44 -3.54 -28.65
N PRO A 575 17.23 -2.48 -28.43
CA PRO A 575 16.70 -1.12 -28.64
C PRO A 575 17.01 -0.61 -30.04
N VAL A 576 16.22 0.37 -30.46
CA VAL A 576 16.37 1.01 -31.77
C VAL A 576 16.01 2.48 -31.61
N ALA A 577 16.76 3.36 -32.26
CA ALA A 577 16.53 4.80 -32.17
C ALA A 577 15.25 5.19 -32.91
N ALA A 578 14.73 6.37 -32.55
CA ALA A 578 13.51 6.87 -33.16
C ALA A 578 13.68 7.19 -34.64
N ASP A 579 14.84 7.76 -35.01
CA ASP A 579 15.10 8.12 -36.39
C ASP A 579 14.98 6.93 -37.34
N ASN A 580 15.27 5.72 -36.87
CA ASN A 580 15.17 4.53 -37.72
C ASN A 580 13.78 3.91 -37.69
N VAL A 581 12.76 4.66 -37.29
CA VAL A 581 11.39 4.16 -37.22
C VAL A 581 10.46 5.19 -37.83
N ILE A 582 9.50 4.71 -38.62
CA ILE A 582 8.51 5.57 -39.28
C ILE A 582 7.23 4.78 -39.45
N VAL A 583 6.10 5.41 -39.10
CA VAL A 583 4.80 4.75 -39.21
C VAL A 583 4.30 4.82 -40.64
N GLN A 584 3.63 3.76 -41.08
CA GLN A 584 3.08 3.73 -42.43
C GLN A 584 1.96 4.75 -42.52
N ASN A 585 1.71 5.24 -43.73
CA ASN A 585 0.67 6.26 -43.93
C ASN A 585 -0.73 5.78 -43.54
N SER A 586 -1.03 4.49 -43.67
CA SER A 586 -2.36 4.02 -43.32
C SER A 586 -2.36 2.51 -43.14
N MET A 587 -3.20 2.03 -42.21
CA MET A 587 -3.32 0.60 -41.96
C MET A 587 -4.47 -0.03 -42.72
N ARG A 588 -5.20 0.74 -43.53
CA ARG A 588 -6.33 0.20 -44.29
C ARG A 588 -5.77 -0.67 -45.41
N ILE A 589 -5.41 -1.90 -45.06
CA ILE A 589 -4.87 -2.85 -46.02
C ILE A 589 -5.93 -3.12 -47.08
N SER A 590 -5.64 -2.75 -48.33
CA SER A 590 -6.58 -2.93 -49.42
C SER A 590 -6.76 -4.40 -49.80
N SER A 591 -5.83 -5.27 -49.39
CA SER A 591 -5.94 -6.68 -49.73
C SER A 591 -7.18 -7.33 -49.14
N ARG A 592 -7.69 -6.83 -48.01
CA ARG A 592 -8.88 -7.38 -47.35
C ARG A 592 -9.84 -6.26 -46.98
N PRO A 593 -10.68 -5.82 -47.92
CA PRO A 593 -11.63 -4.75 -47.60
C PRO A 593 -12.59 -5.17 -46.50
N GLY A 594 -12.95 -4.21 -45.64
CA GLY A 594 -13.85 -4.47 -44.53
C GLY A 594 -13.21 -5.10 -43.32
N ALA A 595 -11.95 -5.54 -43.42
CA ALA A 595 -11.22 -6.15 -42.31
C ALA A 595 -9.77 -5.75 -42.50
N CYS A 596 -9.35 -4.71 -41.78
CA CYS A 596 -8.00 -4.19 -41.89
C CYS A 596 -7.36 -4.12 -40.51
N TYR A 597 -6.03 -3.96 -40.51
CA TYR A 597 -5.23 -3.88 -39.29
C TYR A 597 -5.79 -2.86 -38.31
N SER A 598 -5.76 -3.19 -37.02
CA SER A 598 -6.27 -2.29 -35.99
C SER A 598 -5.21 -1.33 -35.46
N ARG A 599 -3.94 -1.72 -35.48
CA ARG A 599 -2.85 -0.89 -34.99
C ARG A 599 -2.01 -0.42 -36.18
N PRO A 600 -1.29 0.70 -36.04
CA PRO A 600 -0.51 1.20 -37.17
C PRO A 600 0.61 0.27 -37.60
N LEU A 601 0.82 0.21 -38.91
CA LEU A 601 1.90 -0.60 -39.48
C LEU A 601 3.15 0.26 -39.48
N VAL A 602 4.27 -0.32 -39.02
CA VAL A 602 5.53 0.42 -38.91
C VAL A 602 6.63 -0.25 -39.71
N SER A 603 7.52 0.60 -40.22
CA SER A 603 8.68 0.20 -40.99
C SER A 603 9.89 0.74 -40.25
N PHE A 604 10.95 -0.05 -40.14
CA PHE A 604 12.13 0.38 -39.40
C PHE A 604 13.32 -0.46 -39.84
N ARG A 605 14.50 -0.04 -39.37
CA ARG A 605 15.76 -0.71 -39.65
C ARG A 605 16.52 -0.88 -38.34
N TYR A 606 17.06 -2.08 -38.12
CA TYR A 606 17.81 -2.34 -36.90
C TYR A 606 19.01 -1.42 -36.79
N CYS A 607 19.80 -1.32 -37.85
CA CYS A 607 20.99 -0.49 -37.90
C CYS A 607 20.75 0.61 -38.93
N ASP A 608 21.38 1.76 -38.72
CA ASP A 608 21.19 2.88 -39.64
C ASP A 608 21.58 2.52 -41.06
N GLN A 609 22.73 1.87 -41.26
CA GLN A 609 23.16 1.47 -42.60
C GLN A 609 22.62 0.11 -43.01
N GLY A 610 21.97 -0.61 -42.11
CA GLY A 610 21.43 -1.92 -42.41
C GLY A 610 20.13 -1.85 -43.19
N PRO A 611 19.64 -3.00 -43.63
CA PRO A 611 18.40 -3.02 -44.40
C PRO A 611 17.19 -2.72 -43.52
N LEU A 612 16.13 -2.26 -44.17
CA LEU A 612 14.89 -1.93 -43.46
C LEU A 612 13.97 -3.13 -43.40
N VAL A 613 13.10 -3.13 -42.39
CA VAL A 613 12.14 -4.19 -42.15
C VAL A 613 10.78 -3.55 -41.90
N GLU A 614 9.74 -4.38 -42.01
CA GLU A 614 8.36 -3.95 -41.83
C GLU A 614 7.72 -4.75 -40.70
N GLY A 615 6.84 -4.10 -39.96
CA GLY A 615 6.18 -4.75 -38.85
C GLY A 615 4.94 -4.00 -38.42
N GLN A 616 4.59 -4.16 -37.15
CA GLN A 616 3.43 -3.51 -36.57
C GLN A 616 3.83 -2.84 -35.26
N LEU A 617 3.18 -1.72 -34.95
CA LEU A 617 3.46 -0.96 -33.73
C LEU A 617 2.59 -1.50 -32.61
N GLY A 618 3.22 -2.10 -31.61
CA GLY A 618 2.51 -2.63 -30.47
C GLY A 618 2.29 -1.57 -29.41
N GLU A 619 1.98 -2.05 -28.20
CA GLU A 619 1.74 -1.17 -27.08
C GLU A 619 3.04 -0.83 -26.36
N ASN A 620 3.09 0.39 -25.82
CA ASN A 620 4.24 0.90 -25.08
C ASN A 620 5.52 0.86 -25.92
N ASN A 621 5.42 1.43 -27.13
CA ASN A 621 6.54 1.52 -28.06
C ASN A 621 7.15 0.18 -28.41
N GLU A 622 6.37 -0.91 -28.35
CA GLU A 622 6.86 -2.23 -28.66
C GLU A 622 6.67 -2.49 -30.16
N LEU A 623 7.77 -2.64 -30.88
CA LEU A 623 7.73 -2.87 -32.31
C LEU A 623 7.63 -4.37 -32.58
N ARG A 624 6.43 -4.84 -32.92
CA ARG A 624 6.26 -6.25 -33.20
C ARG A 624 6.94 -6.58 -34.52
N LEU A 625 7.56 -7.76 -34.59
CA LEU A 625 8.26 -8.18 -35.79
C LEU A 625 7.28 -8.76 -36.81
N THR A 626 6.01 -8.92 -36.43
CA THR A 626 5.01 -9.48 -37.32
C THR A 626 3.76 -8.60 -37.31
N ARG A 627 2.98 -8.71 -38.38
CA ARG A 627 1.75 -7.96 -38.57
C ARG A 627 0.58 -8.93 -38.57
N ASP A 628 -0.17 -8.96 -37.47
CA ASP A 628 -1.31 -9.88 -37.35
C ASP A 628 -2.53 -9.30 -36.65
N ALA A 629 -2.50 -8.03 -36.25
CA ALA A 629 -3.63 -7.45 -35.55
C ALA A 629 -4.79 -7.07 -36.47
N ILE A 630 -5.44 -8.07 -37.08
CA ILE A 630 -6.57 -7.79 -37.95
C ILE A 630 -7.81 -7.56 -37.09
N GLU A 631 -8.70 -6.70 -37.57
CA GLU A 631 -9.93 -6.38 -36.87
C GLU A 631 -10.96 -5.98 -37.92
N PRO A 632 -12.25 -6.35 -37.75
CA PRO A 632 -13.24 -5.94 -38.76
C PRO A 632 -13.46 -4.44 -38.73
N CYS A 633 -12.53 -3.72 -39.36
CA CYS A 633 -12.60 -2.27 -39.40
C CYS A 633 -13.93 -1.76 -39.96
N THR A 634 -14.57 -0.89 -39.17
CA THR A 634 -15.88 -0.32 -39.48
C THR A 634 -15.86 1.17 -39.19
N VAL A 635 -16.83 1.89 -39.76
CA VAL A 635 -17.01 3.33 -39.63
C VAL A 635 -17.01 3.75 -38.17
N GLY A 636 -16.65 5.01 -37.91
CA GLY A 636 -16.60 5.55 -36.57
C GLY A 636 -15.29 5.34 -35.85
N HIS A 637 -14.24 4.97 -36.56
CA HIS A 637 -12.95 4.73 -35.93
C HIS A 637 -12.19 6.02 -35.69
N ARG A 638 -11.66 6.16 -34.47
CA ARG A 638 -10.87 7.31 -34.07
C ARG A 638 -10.07 6.84 -32.86
N ARG A 639 -8.76 6.69 -33.02
CA ARG A 639 -7.93 6.20 -31.93
C ARG A 639 -6.56 6.86 -31.95
N TYR A 640 -5.82 6.60 -30.87
CA TYR A 640 -4.47 7.10 -30.65
C TYR A 640 -3.58 5.90 -30.37
N PHE A 641 -2.27 6.09 -30.53
CA PHE A 641 -1.30 5.03 -30.28
C PHE A 641 -0.01 5.66 -29.75
N THR A 642 0.60 5.00 -28.79
CA THR A 642 1.84 5.50 -28.22
C THR A 642 2.94 5.44 -29.26
N PHE A 643 3.66 6.55 -29.43
CA PHE A 643 4.74 6.64 -30.42
C PHE A 643 5.79 7.59 -29.87
N GLY A 644 6.93 7.03 -29.46
CA GLY A 644 7.98 7.87 -28.91
C GLY A 644 7.51 8.56 -27.66
N GLY A 645 7.80 9.85 -27.54
CA GLY A 645 7.39 10.60 -26.38
C GLY A 645 5.93 11.04 -26.42
N GLY A 646 5.38 11.22 -27.63
CA GLY A 646 4.02 11.64 -27.82
C GLY A 646 3.14 10.53 -28.36
N TYR A 647 2.01 10.94 -28.94
CA TYR A 647 1.03 10.04 -29.52
C TYR A 647 0.87 10.32 -31.01
N VAL A 648 0.35 9.34 -31.72
CA VAL A 648 0.09 9.43 -33.15
C VAL A 648 -1.43 9.30 -33.33
N TYR A 649 -2.05 10.31 -33.90
CA TYR A 649 -3.49 10.32 -34.10
C TYR A 649 -3.89 9.57 -35.35
N PHE A 650 -5.10 9.01 -35.32
CA PHE A 650 -5.67 8.28 -36.44
C PHE A 650 -7.18 8.40 -36.41
N GLU A 651 -7.78 8.43 -37.59
CA GLU A 651 -9.22 8.52 -37.74
C GLU A 651 -9.58 7.93 -39.09
N GLU A 652 -10.60 7.07 -39.09
CA GLU A 652 -11.06 6.39 -40.30
C GLU A 652 -9.93 5.59 -40.93
N TYR A 653 -8.99 5.13 -40.10
CA TYR A 653 -7.84 4.34 -40.54
C TYR A 653 -6.99 5.12 -41.55
N ALA A 654 -6.49 6.27 -41.12
CA ALA A 654 -5.65 7.13 -41.93
C ALA A 654 -4.90 8.09 -41.02
N TYR A 655 -3.60 8.24 -41.29
CA TYR A 655 -2.77 9.11 -40.48
C TYR A 655 -3.17 10.57 -40.66
N SER A 656 -3.22 11.29 -39.53
CA SER A 656 -3.58 12.70 -39.52
C SER A 656 -2.41 13.58 -39.09
N HIS A 657 -1.87 13.34 -37.89
CA HIS A 657 -0.77 14.14 -37.37
C HIS A 657 -0.34 13.58 -36.03
N GLN A 658 0.74 14.16 -35.50
CA GLN A 658 1.26 13.75 -34.20
C GLN A 658 0.63 14.62 -33.11
N LEU A 659 0.84 14.20 -31.86
CA LEU A 659 0.31 14.92 -30.70
C LEU A 659 1.26 14.73 -29.53
N SER A 660 1.72 15.84 -28.97
CA SER A 660 2.64 15.81 -27.86
C SER A 660 1.98 15.23 -26.61
N ARG A 661 2.79 14.97 -25.59
CA ARG A 661 2.30 14.40 -24.34
C ARG A 661 1.31 15.34 -23.66
N ALA A 662 1.60 16.63 -23.65
CA ALA A 662 0.73 17.61 -22.99
C ALA A 662 -0.55 17.88 -23.76
N ASP A 663 -0.70 17.37 -24.98
CA ASP A 663 -1.90 17.59 -25.76
C ASP A 663 -3.11 16.81 -25.27
N ILE A 664 -2.94 15.90 -24.31
CA ILE A 664 -4.03 15.09 -23.77
C ILE A 664 -4.08 15.30 -22.26
N THR A 665 -5.29 15.48 -21.73
CA THR A 665 -5.46 15.69 -20.30
C THR A 665 -4.99 14.45 -19.52
N THR A 666 -4.45 14.69 -18.34
CA THR A 666 -3.94 13.63 -17.47
C THR A 666 -4.77 13.55 -16.19
N VAL A 667 -4.94 12.33 -15.69
CA VAL A 667 -5.68 12.05 -14.46
C VAL A 667 -4.75 11.36 -13.49
N SER A 668 -5.13 11.38 -12.22
CA SER A 668 -4.32 10.78 -11.15
C SER A 668 -4.77 9.35 -10.87
N THR A 669 -3.95 8.40 -11.31
CA THR A 669 -4.17 6.97 -11.08
C THR A 669 -3.35 6.53 -9.86
N PHE A 670 -3.45 7.34 -8.81
CA PHE A 670 -2.68 7.12 -7.59
C PHE A 670 -3.34 7.89 -6.46
N ILE A 671 -2.69 7.84 -5.31
CA ILE A 671 -3.11 8.55 -4.12
C ILE A 671 -1.86 8.87 -3.32
N ASP A 672 -1.59 10.16 -3.12
CA ASP A 672 -0.42 10.55 -2.36
C ASP A 672 -0.68 10.40 -0.87
N LEU A 673 0.38 10.59 -0.08
CA LEU A 673 0.24 10.47 1.37
C LEU A 673 -0.67 11.55 1.95
N ASN A 674 -0.86 12.65 1.23
CA ASN A 674 -1.72 13.73 1.70
C ASN A 674 -3.16 13.25 1.77
N HIS A 692 -9.25 17.49 -9.27
CA HIS A 692 -9.58 16.75 -10.49
C HIS A 692 -10.22 17.68 -11.51
N GLU A 693 -10.16 17.31 -12.78
CA GLU A 693 -10.75 18.12 -13.85
C GLU A 693 -11.19 17.20 -14.98
N ILE A 694 -12.49 16.87 -14.98
CA ILE A 694 -13.11 16.03 -15.99
C ILE A 694 -14.47 16.64 -16.27
N LYS A 695 -14.88 16.66 -17.53
CA LYS A 695 -16.14 17.29 -17.90
C LYS A 695 -16.60 16.78 -19.26
N ASP A 696 -17.59 17.48 -19.83
CA ASP A 696 -18.19 17.21 -21.14
C ASP A 696 -19.19 16.06 -21.08
N SER A 697 -20.25 16.17 -21.89
CA SER A 697 -21.31 15.18 -21.97
C SER A 697 -21.32 14.54 -23.35
N GLY A 698 -21.97 13.38 -23.45
CA GLY A 698 -22.04 12.68 -24.72
C GLY A 698 -23.08 13.26 -25.65
N LEU A 699 -23.04 12.77 -26.89
CA LEU A 699 -23.97 13.21 -27.94
C LEU A 699 -25.17 12.27 -27.96
N LEU A 700 -26.13 12.57 -27.07
CA LEU A 700 -27.33 11.75 -26.96
C LEU A 700 -28.22 11.83 -28.19
N ASP A 701 -28.11 12.92 -28.97
CA ASP A 701 -28.94 13.13 -30.15
C ASP A 701 -28.31 12.57 -31.43
N TYR A 702 -27.48 11.53 -31.33
CA TYR A 702 -26.86 10.95 -32.52
C TYR A 702 -27.91 10.36 -33.44
N ASP B 110 -26.65 2.76 -1.99
CA ASP B 110 -25.37 3.50 -2.10
C ASP B 110 -25.44 4.56 -3.19
N ALA B 111 -26.15 4.27 -4.28
CA ALA B 111 -26.28 5.21 -5.38
C ALA B 111 -27.49 4.83 -6.22
N ASN B 112 -27.94 5.78 -7.04
CA ASN B 112 -29.07 5.57 -7.92
C ASN B 112 -28.61 4.88 -9.19
N PHE B 113 -29.54 4.61 -10.11
CA PHE B 113 -29.17 3.97 -11.35
C PHE B 113 -28.45 4.97 -12.26
N TYR B 114 -27.87 4.45 -13.34
CA TYR B 114 -27.14 5.29 -14.29
C TYR B 114 -27.19 4.69 -15.68
N VAL B 115 -27.22 5.57 -16.67
CA VAL B 115 -27.21 5.22 -18.08
C VAL B 115 -25.97 5.89 -18.66
N CYS B 116 -25.10 5.10 -19.27
CA CYS B 116 -23.84 5.59 -19.83
C CYS B 116 -23.75 5.39 -21.34
N PRO B 117 -24.00 6.42 -22.16
CA PRO B 117 -23.88 6.23 -23.60
C PRO B 117 -22.40 6.14 -23.98
N PRO B 118 -22.08 5.56 -25.14
CA PRO B 118 -20.66 5.46 -25.52
C PRO B 118 -20.04 6.84 -25.66
N PRO B 119 -18.81 7.04 -25.18
CA PRO B 119 -18.21 8.38 -25.32
C PRO B 119 -17.92 8.69 -26.77
N THR B 120 -18.06 9.97 -27.10
CA THR B 120 -17.82 10.45 -28.46
C THR B 120 -16.38 10.87 -28.72
N GLY B 121 -15.49 10.73 -27.74
CA GLY B 121 -14.12 11.11 -27.93
C GLY B 121 -13.85 12.59 -27.80
N ALA B 122 -14.82 13.37 -27.32
CA ALA B 122 -14.60 14.81 -27.18
C ALA B 122 -13.46 15.08 -26.21
N THR B 123 -13.42 14.35 -25.10
CA THR B 123 -12.38 14.48 -24.09
C THR B 123 -11.67 13.14 -23.98
N VAL B 124 -10.34 13.19 -24.07
CA VAL B 124 -9.49 12.01 -23.98
C VAL B 124 -8.59 12.16 -22.77
N VAL B 125 -8.33 11.03 -22.10
CA VAL B 125 -7.52 10.98 -20.90
C VAL B 125 -6.44 9.92 -21.05
N GLN B 126 -5.31 10.15 -20.38
CA GLN B 126 -4.17 9.25 -20.37
C GLN B 126 -3.73 9.01 -18.93
N PHE B 127 -2.92 7.98 -18.73
CA PHE B 127 -2.42 7.67 -17.40
C PHE B 127 -1.42 8.72 -16.96
N GLU B 128 -1.21 8.83 -15.64
CA GLU B 128 -0.25 9.80 -15.14
C GLU B 128 1.19 9.38 -15.39
N GLN B 129 1.42 8.14 -15.84
CA GLN B 129 2.73 7.57 -16.16
C GLN B 129 3.60 7.44 -14.91
N PRO B 130 4.68 6.67 -14.96
CA PRO B 130 5.55 6.52 -13.77
C PRO B 130 6.11 7.85 -13.30
N ARG B 131 6.62 7.85 -12.07
CA ARG B 131 7.19 9.03 -11.45
C ARG B 131 8.53 8.68 -10.81
N ARG B 132 9.42 9.68 -10.73
CA ARG B 132 10.74 9.49 -10.13
C ARG B 132 10.63 9.71 -8.63
N CYS B 133 10.79 8.64 -7.86
CA CYS B 133 10.69 8.74 -6.41
C CYS B 133 11.99 9.31 -5.83
N PRO B 134 11.93 10.16 -4.79
CA PRO B 134 13.18 10.69 -4.21
C PRO B 134 13.80 9.67 -3.25
N THR B 135 14.49 8.69 -3.84
CA THR B 135 15.09 7.58 -3.11
C THR B 135 15.84 8.00 -1.83
N ARG B 136 16.58 9.09 -1.87
CA ARG B 136 17.34 9.49 -0.69
C ARG B 136 16.47 10.31 0.27
N PRO B 137 16.33 9.90 1.59
CA PRO B 137 15.53 10.67 2.54
C PRO B 137 16.32 11.79 3.23
N GLU B 138 17.02 12.59 2.43
CA GLU B 138 17.83 13.72 2.91
C GLU B 138 18.93 13.23 3.84
N GLY B 139 19.45 14.14 4.69
CA GLY B 139 20.52 13.84 5.63
C GLY B 139 21.78 14.67 5.42
N GLN B 140 21.84 15.48 4.37
CA GLN B 140 22.97 16.33 4.02
C GLN B 140 22.72 17.75 4.55
N ASN B 141 23.53 18.71 4.09
CA ASN B 141 23.40 20.10 4.49
C ASN B 141 21.97 20.59 4.23
N TYR B 142 21.56 21.63 4.95
CA TYR B 142 20.21 22.15 4.82
C TYR B 142 20.17 23.67 4.83
N THR B 143 19.05 24.18 4.34
CA THR B 143 18.74 25.61 4.26
C THR B 143 17.21 25.73 4.27
N GLU B 144 16.71 26.58 5.17
CA GLU B 144 15.27 26.77 5.35
C GLU B 144 14.73 27.87 4.44
N GLY B 145 13.41 27.89 4.31
CA GLY B 145 12.74 28.88 3.50
C GLY B 145 11.31 28.47 3.22
N ILE B 146 10.48 29.48 2.91
CA ILE B 146 9.07 29.28 2.60
C ILE B 146 8.99 28.85 1.15
N ALA B 147 7.91 28.14 0.78
CA ALA B 147 7.76 27.67 -0.58
C ALA B 147 6.30 27.58 -1.01
N VAL B 148 6.09 27.68 -2.32
CA VAL B 148 4.79 27.58 -2.96
C VAL B 148 5.05 27.06 -4.37
N VAL B 149 4.37 25.98 -4.74
CA VAL B 149 4.56 25.34 -6.04
C VAL B 149 3.42 25.71 -6.99
N PHE B 150 3.75 25.72 -8.27
CA PHE B 150 2.82 26.02 -9.35
C PHE B 150 2.94 24.96 -10.43
N LYS B 151 1.94 24.91 -11.30
CA LYS B 151 1.92 23.97 -12.41
C LYS B 151 1.14 24.62 -13.53
N GLU B 152 1.31 24.07 -14.74
CA GLU B 152 0.64 24.61 -15.93
C GLU B 152 -0.86 24.75 -15.72
N ASN B 153 -1.34 25.99 -15.86
CA ASN B 153 -2.77 26.27 -15.69
C ASN B 153 -3.61 25.45 -16.67
N ILE B 154 -3.20 25.44 -17.94
CA ILE B 154 -3.84 24.69 -19.02
C ILE B 154 -5.36 24.78 -19.01
N ALA B 155 -5.91 25.92 -18.62
CA ALA B 155 -7.36 26.07 -18.60
C ALA B 155 -7.88 26.06 -20.04
N PRO B 156 -8.74 25.13 -20.42
CA PRO B 156 -9.23 25.13 -21.81
C PRO B 156 -10.46 26.01 -21.98
N TYR B 157 -10.44 26.82 -23.03
CA TYR B 157 -11.57 27.70 -23.30
C TYR B 157 -12.78 26.86 -23.67
N LYS B 158 -13.97 27.31 -23.24
CA LYS B 158 -15.22 26.61 -23.51
C LYS B 158 -16.26 27.59 -24.01
N PHE B 159 -17.16 27.08 -24.86
CA PHE B 159 -18.22 27.89 -25.43
C PHE B 159 -19.23 26.96 -26.07
N LYS B 160 -20.51 27.26 -25.88
CA LYS B 160 -21.57 26.43 -26.44
C LYS B 160 -21.77 26.77 -27.91
N ALA B 161 -21.35 25.87 -28.79
CA ALA B 161 -21.50 26.05 -30.22
C ALA B 161 -22.84 25.47 -30.66
N THR B 162 -23.16 25.60 -31.94
CA THR B 162 -24.41 25.09 -32.49
C THR B 162 -24.11 24.40 -33.81
N MET B 163 -24.31 23.08 -33.85
CA MET B 163 -24.06 22.29 -35.04
C MET B 163 -25.34 22.15 -35.84
N TYR B 164 -25.30 22.58 -37.11
CA TYR B 164 -26.43 22.51 -38.02
C TYR B 164 -26.09 21.49 -39.11
N TYR B 165 -26.96 20.52 -39.30
CA TYR B 165 -26.72 19.49 -40.30
C TYR B 165 -28.05 18.85 -40.68
N LYS B 166 -28.03 18.13 -41.80
CA LYS B 166 -29.20 17.44 -42.32
C LYS B 166 -28.84 16.01 -42.70
N ASP B 167 -29.70 15.07 -42.30
CA ASP B 167 -29.52 13.65 -42.60
C ASP B 167 -30.21 13.38 -43.94
N VAL B 168 -29.60 12.53 -44.76
CA VAL B 168 -30.12 12.19 -46.07
C VAL B 168 -30.23 10.68 -46.20
N THR B 169 -31.32 10.20 -46.79
CA THR B 169 -31.58 8.78 -46.98
C THR B 169 -32.35 8.57 -48.26
N VAL B 170 -32.36 7.32 -48.73
CA VAL B 170 -33.07 6.91 -49.94
C VAL B 170 -33.87 5.67 -49.58
N SER B 171 -35.03 5.50 -50.22
CA SER B 171 -35.93 4.38 -49.94
C SER B 171 -35.62 3.10 -50.72
N GLN B 172 -34.36 2.91 -51.13
CA GLN B 172 -34.01 1.71 -51.88
C GLN B 172 -33.93 0.53 -50.93
N VAL B 173 -34.49 -0.61 -51.36
CA VAL B 173 -34.49 -1.82 -50.54
C VAL B 173 -33.06 -2.31 -50.37
N ILE B 185 -30.35 4.66 -48.85
CA ILE B 185 -29.08 3.96 -48.83
C ILE B 185 -27.92 4.96 -48.92
N PHE B 186 -26.75 4.55 -48.43
CA PHE B 186 -25.55 5.40 -48.42
C PHE B 186 -25.83 6.68 -47.65
N GLU B 187 -26.58 6.57 -46.56
CA GLU B 187 -26.94 7.72 -45.74
C GLU B 187 -25.72 8.32 -45.05
N ASP B 188 -25.74 9.65 -44.92
CA ASP B 188 -24.65 10.38 -44.27
C ASP B 188 -25.12 11.81 -44.05
N ARG B 189 -24.43 12.50 -43.15
CA ARG B 189 -24.79 13.88 -42.85
C ARG B 189 -24.56 14.77 -44.06
N ALA B 190 -25.10 15.99 -43.97
CA ALA B 190 -24.98 16.98 -45.03
C ALA B 190 -25.00 18.36 -44.38
N PRO B 191 -24.14 19.29 -44.82
CA PRO B 191 -24.15 20.62 -44.21
C PRO B 191 -25.34 21.44 -44.67
N VAL B 192 -25.52 22.57 -44.00
CA VAL B 192 -26.59 23.53 -44.26
C VAL B 192 -25.95 24.81 -44.79
N PRO B 193 -26.36 25.36 -45.94
CA PRO B 193 -25.74 26.60 -46.41
C PRO B 193 -25.97 27.74 -45.44
N PHE B 194 -25.08 28.74 -45.47
CA PHE B 194 -25.20 29.88 -44.58
C PHE B 194 -26.52 30.62 -44.78
N GLU B 195 -26.90 30.86 -46.04
CA GLU B 195 -28.14 31.57 -46.33
C GLU B 195 -29.35 30.84 -45.77
N GLU B 196 -29.30 29.50 -45.74
CA GLU B 196 -30.42 28.74 -45.21
C GLU B 196 -30.46 28.78 -43.69
N VAL B 197 -29.30 28.88 -43.05
CA VAL B 197 -29.24 28.91 -41.58
C VAL B 197 -29.78 30.23 -41.05
N ILE B 198 -29.32 31.35 -41.63
CA ILE B 198 -29.76 32.65 -41.15
C ILE B 198 -31.19 32.98 -41.58
N ASP B 199 -31.66 32.38 -42.69
CA ASP B 199 -33.00 32.68 -43.18
C ASP B 199 -34.08 31.71 -42.75
N LYS B 200 -33.96 30.44 -43.11
CA LYS B 200 -35.02 29.47 -42.80
C LYS B 200 -34.94 28.97 -41.36
N ILE B 201 -33.77 28.52 -40.91
CA ILE B 201 -33.64 27.98 -39.56
C ILE B 201 -33.66 29.09 -38.51
N ASN B 202 -32.97 30.20 -38.77
CA ASN B 202 -32.91 31.26 -37.78
C ASN B 202 -34.15 32.13 -37.78
N ALA B 203 -34.40 32.84 -38.89
CA ALA B 203 -35.54 33.76 -38.93
C ALA B 203 -36.88 33.02 -38.92
N LYS B 204 -37.06 32.03 -39.80
CA LYS B 204 -38.32 31.31 -39.89
C LYS B 204 -38.41 30.05 -39.05
N GLY B 205 -37.30 29.32 -38.87
CA GLY B 205 -37.32 28.10 -38.09
C GLY B 205 -37.73 26.88 -38.89
N VAL B 206 -37.41 26.84 -40.19
CA VAL B 206 -37.74 25.71 -41.06
C VAL B 206 -36.47 25.31 -41.80
N CYS B 207 -36.57 24.20 -42.54
CA CYS B 207 -35.45 23.67 -43.30
C CYS B 207 -35.91 23.26 -44.69
N ARG B 208 -34.96 23.26 -45.62
CA ARG B 208 -35.24 22.90 -47.01
C ARG B 208 -35.32 21.38 -47.17
N SER B 209 -36.24 20.94 -48.03
CA SER B 209 -36.41 19.50 -48.25
C SER B 209 -35.28 18.93 -49.12
N THR B 210 -34.92 19.63 -50.19
CA THR B 210 -33.88 19.14 -51.08
C THR B 210 -32.50 19.29 -50.46
N ALA B 211 -31.66 18.27 -50.69
CA ALA B 211 -30.30 18.22 -50.20
C ALA B 211 -29.50 17.31 -51.12
N LYS B 212 -28.36 17.81 -51.60
CA LYS B 212 -27.51 17.08 -52.52
C LYS B 212 -26.41 16.35 -51.77
N TYR B 213 -26.09 15.14 -52.25
CA TYR B 213 -25.07 14.30 -51.65
C TYR B 213 -24.60 13.29 -52.70
N VAL B 214 -23.40 12.76 -52.49
CA VAL B 214 -22.84 11.78 -53.41
C VAL B 214 -23.52 10.44 -53.16
N ARG B 215 -23.96 9.78 -54.23
CA ARG B 215 -24.63 8.50 -54.16
C ARG B 215 -23.91 7.55 -55.12
N ASN B 216 -23.19 6.59 -54.55
CA ASN B 216 -22.44 5.60 -55.33
C ASN B 216 -21.49 6.26 -56.33
N ASN B 217 -20.72 7.24 -55.81
CA ASN B 217 -19.73 7.98 -56.59
C ASN B 217 -20.37 8.96 -57.57
N LEU B 218 -21.53 9.52 -57.25
CA LEU B 218 -22.19 10.48 -58.13
C LEU B 218 -23.21 11.28 -57.34
N GLU B 219 -23.21 12.59 -57.54
CA GLU B 219 -24.13 13.49 -56.85
C GLU B 219 -25.58 13.16 -57.17
N THR B 220 -26.43 13.30 -56.14
CA THR B 220 -27.86 13.03 -56.26
C THR B 220 -28.56 13.82 -55.17
N THR B 221 -29.73 14.36 -55.50
CA THR B 221 -30.53 15.16 -54.57
C THR B 221 -31.62 14.31 -53.94
N ALA B 222 -31.93 14.60 -52.68
CA ALA B 222 -32.94 13.90 -51.92
C ALA B 222 -34.20 14.77 -51.79
N PHE B 223 -35.21 14.21 -51.11
CA PHE B 223 -36.47 14.92 -50.91
C PHE B 223 -37.10 14.49 -49.59
N HIS B 224 -38.07 15.28 -49.14
CA HIS B 224 -38.78 15.02 -47.90
C HIS B 224 -39.88 13.99 -48.12
N ARG B 225 -39.60 12.74 -47.78
CA ARG B 225 -40.54 11.63 -47.95
C ARG B 225 -40.97 11.54 -49.43
N ASP B 226 -39.97 11.62 -50.31
CA ASP B 226 -40.12 11.57 -51.76
C ASP B 226 -41.25 12.46 -52.27
N ASP B 227 -41.44 13.61 -51.62
CA ASP B 227 -42.47 14.58 -51.97
C ASP B 227 -41.82 15.81 -52.59
N HIS B 228 -42.63 16.83 -52.86
CA HIS B 228 -42.14 18.07 -53.46
C HIS B 228 -41.30 18.86 -52.46
N GLU B 229 -40.69 19.96 -52.92
CA GLU B 229 -39.90 20.79 -52.03
C GLU B 229 -40.84 21.47 -51.03
N THR B 230 -40.53 21.30 -49.74
CA THR B 230 -41.36 21.87 -48.69
C THR B 230 -40.50 22.33 -47.53
N ASP B 231 -41.08 23.17 -46.67
CA ASP B 231 -40.38 23.69 -45.51
C ASP B 231 -40.91 23.00 -44.25
N MET B 232 -40.00 22.33 -43.53
CA MET B 232 -40.35 21.61 -42.31
C MET B 232 -39.86 22.37 -41.09
N GLU B 233 -40.79 22.70 -40.20
CA GLU B 233 -40.46 23.43 -38.97
C GLU B 233 -39.70 22.51 -38.02
N LEU B 234 -38.85 23.14 -37.20
CA LEU B 234 -38.02 22.42 -36.24
C LEU B 234 -38.70 22.33 -34.87
N LYS B 235 -38.54 21.19 -34.21
CA LYS B 235 -39.10 20.92 -32.90
C LYS B 235 -38.03 20.23 -32.04
N PRO B 236 -38.19 20.23 -30.72
CA PRO B 236 -37.19 19.57 -29.87
C PRO B 236 -37.09 18.08 -30.17
N ALA B 237 -35.87 17.53 -30.03
CA ALA B 237 -35.61 16.12 -30.32
C ALA B 237 -35.30 15.28 -29.09
N ASN B 238 -35.17 15.88 -27.91
CA ASN B 238 -34.84 15.13 -26.71
C ASN B 238 -36.05 14.41 -26.08
N ALA B 239 -37.26 14.95 -26.28
CA ALA B 239 -38.52 14.44 -25.72
C ALA B 239 -38.69 14.82 -24.24
N CYS B 240 -37.62 15.31 -23.61
CA CYS B 240 -37.60 15.80 -22.24
C CYS B 240 -36.19 16.34 -22.06
N THR B 241 -36.08 17.53 -21.47
CA THR B 241 -34.78 18.18 -21.31
C THR B 241 -33.96 17.54 -20.19
N ARG B 242 -33.09 16.61 -20.62
CA ARG B 242 -32.15 15.91 -19.76
C ARG B 242 -30.70 16.31 -20.06
N THR B 243 -30.48 16.94 -21.20
CA THR B 243 -29.18 17.42 -21.67
C THR B 243 -29.46 18.68 -22.48
N SER B 244 -28.54 19.04 -23.38
CA SER B 244 -28.75 20.20 -24.23
C SER B 244 -30.08 20.08 -24.96
N ARG B 245 -30.67 21.23 -25.30
CA ARG B 245 -31.98 21.25 -25.93
C ARG B 245 -32.06 20.43 -27.21
N GLY B 246 -31.37 20.84 -28.27
CA GLY B 246 -31.43 20.09 -29.51
C GLY B 246 -32.77 20.24 -30.20
N TRP B 247 -32.77 20.22 -31.54
CA TRP B 247 -34.01 20.36 -32.31
C TRP B 247 -33.93 19.49 -33.56
N HIS B 248 -35.10 19.17 -34.11
CA HIS B 248 -35.18 18.34 -35.30
C HIS B 248 -36.52 18.61 -35.98
N THR B 249 -36.69 17.99 -37.16
CA THR B 249 -37.92 18.15 -37.93
C THR B 249 -38.75 16.87 -37.99
N THR B 250 -38.13 15.75 -38.35
CA THR B 250 -38.82 14.47 -38.46
C THR B 250 -38.05 13.41 -37.66
N ASP B 251 -38.81 12.54 -37.02
CA ASP B 251 -38.22 11.47 -36.21
C ASP B 251 -37.59 10.38 -37.10
N THR B 267 -37.27 8.49 -50.46
CA THR B 267 -36.18 9.27 -49.86
C THR B 267 -36.71 10.17 -48.75
N THR B 268 -35.89 10.34 -47.70
CA THR B 268 -36.27 11.16 -46.56
C THR B 268 -35.07 11.99 -46.13
N VAL B 269 -35.32 13.26 -45.81
CA VAL B 269 -34.31 14.21 -45.36
C VAL B 269 -34.76 14.78 -44.04
N ASN B 270 -33.89 14.71 -43.04
CA ASN B 270 -34.17 15.21 -41.69
C ASN B 270 -33.18 16.31 -41.32
N CYS B 271 -33.71 17.47 -40.96
CA CYS B 271 -32.93 18.63 -40.56
C CYS B 271 -32.79 18.60 -39.04
N ILE B 272 -31.54 18.73 -38.56
CA ILE B 272 -31.24 18.70 -37.13
C ILE B 272 -30.38 19.89 -36.75
N VAL B 273 -30.63 20.44 -35.56
CA VAL B 273 -29.89 21.55 -34.99
C VAL B 273 -29.63 21.21 -33.54
N GLU B 274 -28.38 21.36 -33.08
CA GLU B 274 -28.02 21.03 -31.71
C GLU B 274 -27.04 22.06 -31.16
N GLU B 275 -27.31 22.54 -29.95
CA GLU B 275 -26.44 23.50 -29.27
C GLU B 275 -25.44 22.70 -28.40
N VAL B 276 -24.50 22.07 -29.09
CA VAL B 276 -23.50 21.24 -28.41
C VAL B 276 -22.46 22.11 -27.74
N ASP B 277 -21.68 21.49 -26.86
CA ASP B 277 -20.61 22.15 -26.14
C ASP B 277 -19.29 21.94 -26.89
N ALA B 278 -18.25 22.66 -26.47
CA ALA B 278 -16.96 22.55 -27.13
C ALA B 278 -15.84 22.86 -26.16
N ARG B 279 -14.65 22.38 -26.50
CA ARG B 279 -13.44 22.60 -25.70
C ARG B 279 -12.30 22.99 -26.63
N SER B 280 -11.37 23.77 -26.11
CA SER B 280 -10.21 24.24 -26.87
C SER B 280 -8.99 24.17 -25.97
N VAL B 281 -7.87 23.68 -26.52
CA VAL B 281 -6.64 23.58 -25.74
C VAL B 281 -6.19 24.97 -25.29
N TYR B 282 -5.27 24.99 -24.32
CA TYR B 282 -4.77 26.24 -23.77
C TYR B 282 -4.29 27.24 -24.82
N PRO B 283 -3.55 26.86 -25.86
CA PRO B 283 -3.15 27.85 -26.87
C PRO B 283 -4.31 28.50 -27.59
N TYR B 284 -5.50 27.91 -27.52
CA TYR B 284 -6.70 28.43 -28.17
C TYR B 284 -6.52 28.51 -29.68
N ASP B 285 -5.81 27.53 -30.23
CA ASP B 285 -5.55 27.43 -31.66
C ASP B 285 -6.51 26.50 -32.37
N GLU B 286 -7.04 25.50 -31.67
CA GLU B 286 -7.99 24.54 -32.22
C GLU B 286 -9.00 24.16 -31.13
N PHE B 287 -10.16 23.72 -31.57
CA PHE B 287 -11.24 23.31 -30.66
C PHE B 287 -11.97 22.12 -31.25
N VAL B 288 -12.65 21.38 -30.38
CA VAL B 288 -13.40 20.20 -30.75
C VAL B 288 -14.78 20.28 -30.14
N LEU B 289 -15.77 19.73 -30.84
CA LEU B 289 -17.15 19.72 -30.40
C LEU B 289 -17.47 18.44 -29.63
N ALA B 290 -18.71 18.36 -29.11
CA ALA B 290 -19.12 17.19 -28.37
C ALA B 290 -19.13 15.94 -29.25
N THR B 291 -19.38 16.10 -30.55
CA THR B 291 -19.41 14.96 -31.46
C THR B 291 -18.04 14.32 -31.67
N GLY B 292 -16.96 15.00 -31.27
CA GLY B 292 -15.62 14.46 -31.41
C GLY B 292 -14.87 14.85 -32.67
N ASP B 293 -15.48 15.62 -33.57
CA ASP B 293 -14.80 16.03 -34.79
C ASP B 293 -13.99 17.30 -34.52
N PHE B 294 -12.67 17.20 -34.75
CA PHE B 294 -11.80 18.34 -34.51
C PHE B 294 -12.03 19.44 -35.53
N VAL B 295 -11.98 20.69 -35.07
CA VAL B 295 -12.13 21.86 -35.91
C VAL B 295 -10.74 22.50 -36.01
N TYR B 296 -10.10 22.34 -37.17
CA TYR B 296 -8.75 22.86 -37.38
C TYR B 296 -8.76 24.37 -37.55
N MET B 297 -9.11 25.10 -36.49
CA MET B 297 -9.17 26.56 -36.54
C MET B 297 -9.44 27.09 -35.13
N SER B 298 -8.82 28.25 -34.83
CA SER B 298 -8.90 28.92 -33.53
C SER B 298 -10.25 29.59 -33.33
N PRO B 299 -10.89 29.45 -32.16
CA PRO B 299 -12.19 30.10 -31.96
C PRO B 299 -12.15 31.61 -32.08
N PHE B 300 -10.99 32.23 -31.91
CA PHE B 300 -10.86 33.68 -32.03
C PHE B 300 -10.80 34.14 -33.49
N TYR B 301 -10.92 33.22 -34.45
CA TYR B 301 -10.89 33.58 -35.87
C TYR B 301 -12.00 34.56 -36.21
N GLY B 302 -11.64 35.61 -36.94
CA GLY B 302 -12.61 36.62 -37.34
C GLY B 302 -11.96 37.83 -37.95
N TYR B 303 -12.60 38.42 -38.96
CA TYR B 303 -12.08 39.60 -39.64
C TYR B 303 -12.66 40.91 -39.13
N ARG B 304 -13.50 40.87 -38.08
CA ARG B 304 -14.09 42.11 -37.57
C ARG B 304 -13.02 43.02 -36.98
N GLU B 305 -12.09 42.46 -36.21
CA GLU B 305 -11.02 43.22 -35.60
C GLU B 305 -9.77 42.36 -35.57
N GLY B 306 -8.70 42.89 -34.97
CA GLY B 306 -7.46 42.16 -34.86
C GLY B 306 -7.63 40.97 -33.92
N SER B 307 -7.49 39.76 -34.45
CA SER B 307 -7.65 38.56 -33.66
C SER B 307 -6.77 37.48 -34.27
N HIS B 308 -6.95 36.24 -33.79
CA HIS B 308 -6.18 35.10 -34.29
C HIS B 308 -6.78 34.59 -35.59
N THR B 309 -6.89 35.46 -36.59
CA THR B 309 -7.46 35.12 -37.89
C THR B 309 -6.46 34.40 -38.79
N GLU B 310 -5.18 34.37 -38.42
CA GLU B 310 -4.19 33.70 -39.26
C GLU B 310 -4.24 32.18 -39.12
N HIS B 311 -4.84 31.68 -38.03
CA HIS B 311 -4.92 30.24 -37.79
C HIS B 311 -6.22 29.67 -38.35
N THR B 312 -6.09 29.00 -39.49
CA THR B 312 -7.21 28.34 -40.17
C THR B 312 -6.67 27.47 -41.29
N SER B 313 -7.16 26.22 -41.35
CA SER B 313 -6.75 25.29 -42.38
C SER B 313 -7.80 25.15 -43.48
N TYR B 314 -9.04 25.54 -43.21
CA TYR B 314 -10.10 25.45 -44.21
C TYR B 314 -10.06 26.66 -45.14
N ALA B 315 -10.68 26.48 -46.31
CA ALA B 315 -10.72 27.57 -47.28
C ALA B 315 -11.69 28.65 -46.82
N ALA B 316 -11.48 29.87 -47.31
CA ALA B 316 -12.34 30.98 -46.95
C ALA B 316 -13.79 30.74 -47.36
N ASP B 317 -14.02 29.96 -48.42
CA ASP B 317 -15.38 29.68 -48.86
C ASP B 317 -16.19 28.94 -47.82
N ARG B 318 -15.53 28.20 -46.93
CA ARG B 318 -16.20 27.43 -45.90
C ARG B 318 -16.46 28.23 -44.62
N PHE B 319 -16.28 29.55 -44.64
CA PHE B 319 -16.49 30.37 -43.44
C PHE B 319 -17.18 31.67 -43.79
N LYS B 320 -17.95 32.17 -42.83
CA LYS B 320 -18.66 33.44 -42.93
C LYS B 320 -18.93 33.93 -41.53
N GLN B 321 -18.84 35.25 -41.34
CA GLN B 321 -19.10 35.90 -40.06
C GLN B 321 -20.37 36.71 -40.22
N VAL B 322 -21.45 36.24 -39.59
CA VAL B 322 -22.75 36.89 -39.68
C VAL B 322 -22.80 38.00 -38.63
N ASP B 323 -22.64 39.24 -39.09
CA ASP B 323 -22.70 40.38 -38.19
C ASP B 323 -24.17 40.75 -37.94
N GLY B 324 -24.44 41.27 -36.74
CA GLY B 324 -25.80 41.63 -36.41
C GLY B 324 -26.67 40.44 -36.08
N PHE B 325 -26.08 39.35 -35.59
CA PHE B 325 -26.84 38.16 -35.24
C PHE B 325 -27.76 38.46 -34.06
N TYR B 326 -29.02 38.04 -34.17
CA TYR B 326 -30.02 38.30 -33.14
C TYR B 326 -30.57 37.03 -32.46
N ALA B 327 -29.92 35.89 -32.67
CA ALA B 327 -30.26 34.61 -32.04
C ALA B 327 -31.72 34.24 -31.86
N ARG B 328 -32.46 34.03 -32.94
CA ARG B 328 -33.86 33.62 -32.83
C ARG B 328 -33.85 32.14 -32.44
N ASP B 329 -34.16 31.86 -31.17
CA ASP B 329 -34.17 30.50 -30.67
C ASP B 329 -35.31 29.68 -31.28
N LEU B 330 -35.10 28.38 -31.36
CA LEU B 330 -36.11 27.48 -31.91
C LEU B 330 -37.15 27.07 -30.87
N THR B 331 -36.89 27.27 -29.59
CA THR B 331 -37.85 26.89 -28.55
C THR B 331 -39.06 27.80 -28.55
N THR B 332 -38.83 29.12 -28.60
CA THR B 332 -39.91 30.11 -28.58
C THR B 332 -39.77 31.21 -29.62
N LYS B 333 -38.63 31.35 -30.29
CA LYS B 333 -38.43 32.39 -31.30
C LYS B 333 -38.61 33.78 -30.71
N ALA B 334 -37.94 34.04 -29.58
CA ALA B 334 -38.04 35.33 -28.91
C ALA B 334 -36.94 36.31 -29.32
N ARG B 335 -35.97 35.88 -30.14
CA ARG B 335 -34.89 36.75 -30.59
C ARG B 335 -33.96 37.14 -29.44
N ALA B 336 -32.79 37.68 -29.76
CA ALA B 336 -31.82 38.05 -28.74
C ALA B 336 -32.23 39.37 -28.05
N THR B 337 -31.36 39.81 -27.13
CA THR B 337 -31.60 41.04 -26.39
C THR B 337 -30.90 42.23 -27.03
N ALA B 338 -29.78 42.02 -27.71
CA ALA B 338 -29.05 43.10 -28.35
C ALA B 338 -28.28 42.55 -29.54
N PRO B 339 -27.87 43.41 -30.47
CA PRO B 339 -27.11 42.92 -31.64
C PRO B 339 -25.77 42.30 -31.24
N THR B 340 -25.37 41.29 -32.01
CA THR B 340 -24.11 40.59 -31.79
C THR B 340 -23.58 40.12 -33.15
N THR B 341 -22.40 39.51 -33.12
CA THR B 341 -21.74 38.97 -34.30
C THR B 341 -21.52 37.49 -34.06
N ARG B 342 -21.74 36.68 -35.09
CA ARG B 342 -21.60 35.23 -34.99
C ARG B 342 -20.78 34.69 -36.14
N ASN B 343 -19.90 33.74 -35.84
CA ASN B 343 -19.07 33.11 -36.86
C ASN B 343 -19.81 31.89 -37.40
N LEU B 344 -19.68 31.65 -38.69
CA LEU B 344 -20.32 30.52 -39.34
C LEU B 344 -19.31 29.79 -40.21
N LEU B 345 -19.04 28.54 -39.87
CA LEU B 345 -18.12 27.68 -40.61
C LEU B 345 -18.83 26.36 -40.84
N THR B 346 -18.45 25.67 -41.92
CA THR B 346 -19.09 24.40 -42.22
C THR B 346 -18.12 23.42 -42.88
N THR B 347 -17.95 22.29 -42.22
CA THR B 347 -17.11 21.22 -42.73
C THR B 347 -17.96 20.38 -43.68
N PRO B 348 -17.35 19.53 -44.53
CA PRO B 348 -18.18 18.73 -45.44
C PRO B 348 -19.22 17.84 -44.75
N LYS B 349 -19.04 17.59 -43.45
CA LYS B 349 -19.98 16.75 -42.71
C LYS B 349 -21.11 17.57 -42.07
N PHE B 350 -20.88 18.85 -41.74
CA PHE B 350 -21.92 19.63 -41.10
C PHE B 350 -21.56 21.11 -41.09
N THR B 351 -22.42 21.91 -40.46
CA THR B 351 -22.26 23.35 -40.31
C THR B 351 -22.26 23.70 -38.82
N VAL B 352 -21.43 24.67 -38.45
CA VAL B 352 -21.29 25.09 -37.06
C VAL B 352 -21.36 26.61 -36.95
N ALA B 353 -21.61 27.09 -35.74
CA ALA B 353 -21.69 28.52 -35.47
C ALA B 353 -21.69 28.75 -33.96
N TRP B 354 -21.22 29.93 -33.56
CA TRP B 354 -21.13 30.29 -32.16
C TRP B 354 -20.84 31.78 -32.07
N ASP B 355 -21.20 32.40 -30.94
CA ASP B 355 -20.96 33.82 -30.77
C ASP B 355 -19.46 34.09 -30.74
N TRP B 356 -19.04 35.12 -31.47
CA TRP B 356 -17.63 35.48 -31.60
C TRP B 356 -17.29 36.78 -30.86
N VAL B 357 -16.07 36.80 -30.32
CA VAL B 357 -15.50 37.95 -29.61
C VAL B 357 -14.07 38.09 -30.13
N PRO B 358 -13.43 39.25 -29.98
CA PRO B 358 -12.06 39.39 -30.49
C PRO B 358 -11.06 38.40 -29.90
N LYS B 359 -10.92 38.35 -28.57
CA LYS B 359 -9.98 37.45 -27.95
C LYS B 359 -10.30 37.35 -26.46
N ARG B 360 -9.83 36.27 -25.84
CA ARG B 360 -10.02 36.01 -24.41
C ARG B 360 -8.67 35.67 -23.81
N PRO B 361 -7.78 36.66 -23.65
CA PRO B 361 -6.46 36.40 -23.07
C PRO B 361 -6.38 36.50 -21.56
N SER B 362 -7.50 36.62 -20.85
CA SER B 362 -7.49 36.74 -19.40
C SER B 362 -7.21 35.38 -18.74
N VAL B 363 -5.93 35.01 -18.75
CA VAL B 363 -5.48 33.75 -18.16
C VAL B 363 -3.98 33.78 -18.03
N CYS B 364 -3.47 33.07 -17.02
CA CYS B 364 -2.04 32.99 -16.74
C CYS B 364 -1.55 31.58 -17.08
N THR B 365 -0.26 31.49 -17.42
CA THR B 365 0.32 30.21 -17.81
C THR B 365 0.46 29.22 -16.66
N MET B 366 0.46 29.69 -15.40
CA MET B 366 0.62 28.82 -14.24
C MET B 366 -0.50 29.02 -13.25
N THR B 367 -0.71 28.01 -12.40
CA THR B 367 -1.75 28.01 -11.38
C THR B 367 -1.13 27.63 -10.04
N LYS B 368 -1.55 28.33 -8.98
CA LYS B 368 -1.05 28.05 -7.64
C LYS B 368 -1.62 26.72 -7.17
N TRP B 369 -0.76 25.71 -7.04
CA TRP B 369 -1.17 24.37 -6.65
C TRP B 369 -1.17 24.13 -5.13
N GLN B 370 -0.02 24.29 -4.47
CA GLN B 370 0.07 24.07 -3.03
C GLN B 370 0.93 25.12 -2.36
N GLU B 371 0.55 25.47 -1.13
CA GLU B 371 1.26 26.42 -0.30
C GLU B 371 1.82 25.66 0.89
N VAL B 372 3.13 25.48 0.92
CA VAL B 372 3.82 24.74 1.97
C VAL B 372 4.32 25.71 3.02
N ASP B 373 4.07 25.39 4.29
CA ASP B 373 4.51 26.24 5.39
C ASP B 373 6.01 26.13 5.63
N GLU B 374 6.55 24.90 5.60
CA GLU B 374 7.97 24.65 5.83
C GLU B 374 8.50 23.73 4.74
N MET B 375 9.62 24.11 4.15
CA MET B 375 10.24 23.29 3.10
C MET B 375 11.74 23.52 3.13
N LEU B 376 12.50 22.45 3.30
CA LEU B 376 13.95 22.53 3.36
C LEU B 376 14.57 22.50 1.97
N ARG B 377 15.67 23.22 1.81
CA ARG B 377 16.40 23.30 0.54
C ARG B 377 17.74 22.61 0.72
N SER B 378 17.84 21.37 0.23
CA SER B 378 19.05 20.56 0.32
C SER B 378 19.81 20.63 -0.99
N GLU B 379 21.12 20.35 -0.94
CA GLU B 379 21.98 20.39 -2.11
C GLU B 379 22.79 19.11 -2.21
N TYR B 380 22.63 18.40 -3.34
CA TYR B 380 23.38 17.18 -3.60
C TYR B 380 23.04 16.71 -5.01
N GLY B 381 24.00 15.99 -5.62
CA GLY B 381 23.80 15.48 -6.96
C GLY B 381 23.73 16.55 -8.02
N GLY B 382 24.29 17.73 -7.77
CA GLY B 382 24.26 18.81 -8.75
C GLY B 382 22.88 19.34 -9.04
N SER B 383 21.91 19.09 -8.16
CA SER B 383 20.54 19.55 -8.36
C SER B 383 19.94 19.82 -6.99
N PHE B 384 19.49 21.06 -6.76
CA PHE B 384 18.90 21.41 -5.48
C PHE B 384 17.64 20.61 -5.23
N ARG B 385 17.47 20.18 -3.98
CA ARG B 385 16.31 19.41 -3.55
C ARG B 385 15.48 20.24 -2.59
N PHE B 386 14.20 20.39 -2.91
CA PHE B 386 13.24 21.14 -2.09
C PHE B 386 12.28 20.11 -1.50
N SER B 387 12.41 19.87 -0.20
CA SER B 387 11.58 18.88 0.48
C SER B 387 10.97 19.42 1.76
N SER B 388 9.67 19.18 1.90
CA SER B 388 8.83 19.50 3.04
C SER B 388 8.84 18.28 3.95
N ASP B 389 7.81 18.12 4.79
CA ASP B 389 7.69 16.98 5.69
C ASP B 389 8.01 15.67 4.97
N ALA B 390 8.45 14.68 5.75
CA ALA B 390 8.87 13.39 5.18
C ALA B 390 7.83 12.79 4.23
N ILE B 391 6.56 12.73 4.63
CA ILE B 391 5.55 12.16 3.73
C ILE B 391 5.21 13.06 2.55
N SER B 392 5.68 14.30 2.56
CA SER B 392 5.39 15.23 1.48
C SER B 392 6.18 14.87 0.23
N THR B 393 5.78 15.47 -0.90
CA THR B 393 6.45 15.24 -2.16
C THR B 393 7.67 16.16 -2.26
N THR B 394 8.78 15.62 -2.73
CA THR B 394 10.03 16.36 -2.87
C THR B 394 10.25 16.74 -4.33
N PHE B 395 10.77 17.94 -4.55
CA PHE B 395 11.05 18.47 -5.88
C PHE B 395 12.56 18.56 -6.10
N THR B 396 12.93 18.69 -7.38
CA THR B 396 14.33 18.79 -7.77
C THR B 396 14.42 19.73 -8.97
N THR B 397 15.42 20.61 -8.95
CA THR B 397 15.61 21.59 -10.02
C THR B 397 17.04 21.54 -10.53
N ASN B 398 17.30 22.34 -11.57
CA ASN B 398 18.63 22.42 -12.18
C ASN B 398 19.56 23.41 -11.47
N LEU B 399 19.18 23.89 -10.29
CA LEU B 399 19.99 24.83 -9.49
C LEU B 399 20.12 26.20 -10.17
N THR B 400 19.41 26.44 -11.29
CA THR B 400 19.47 27.70 -12.01
C THR B 400 18.12 28.38 -11.98
N GLU B 401 18.14 29.71 -11.80
CA GLU B 401 16.92 30.51 -11.76
C GLU B 401 16.26 30.52 -13.13
N TYR B 402 15.02 30.03 -13.23
CA TYR B 402 14.36 30.03 -14.53
C TYR B 402 13.96 31.46 -14.90
N PRO B 403 13.96 31.83 -16.18
CA PRO B 403 13.62 33.22 -16.52
C PRO B 403 12.14 33.50 -16.73
N LEU B 404 11.23 32.53 -16.59
CA LEU B 404 9.82 32.83 -16.85
C LEU B 404 9.27 33.87 -15.89
N SER B 405 9.85 34.00 -14.69
CA SER B 405 9.36 34.98 -13.73
C SER B 405 10.00 36.34 -13.91
N ARG B 406 11.34 36.39 -13.95
CA ARG B 406 12.04 37.66 -14.12
C ARG B 406 11.83 38.31 -15.48
N VAL B 407 11.25 37.59 -16.45
CA VAL B 407 10.99 38.17 -17.77
C VAL B 407 9.81 39.14 -17.68
N ASP B 408 9.08 39.11 -16.56
CA ASP B 408 7.93 39.96 -16.26
C ASP B 408 6.65 39.47 -16.94
N LEU B 409 6.74 38.40 -17.74
CA LEU B 409 5.53 37.88 -18.38
C LEU B 409 4.66 37.16 -17.36
N GLY B 410 5.25 36.70 -16.25
CA GLY B 410 4.54 36.00 -15.20
C GLY B 410 4.32 36.88 -13.99
N ASP B 411 3.98 38.14 -14.21
CA ASP B 411 3.76 39.06 -13.09
C ASP B 411 2.65 38.56 -12.18
N CYS B 412 1.64 37.90 -12.75
CA CYS B 412 0.55 37.36 -11.95
C CYS B 412 1.07 36.25 -11.03
N ILE B 413 2.03 35.47 -11.53
CA ILE B 413 2.60 34.40 -10.73
C ILE B 413 3.34 34.99 -9.53
N GLY B 414 4.13 36.03 -9.77
CA GLY B 414 4.85 36.67 -8.68
C GLY B 414 3.91 37.26 -7.65
N LYS B 415 2.84 37.92 -8.13
CA LYS B 415 1.87 38.52 -7.21
C LYS B 415 1.26 37.46 -6.32
N ASP B 416 0.79 36.35 -6.91
CA ASP B 416 0.21 35.29 -6.12
C ASP B 416 1.25 34.64 -5.22
N ALA B 417 2.44 34.40 -5.76
CA ALA B 417 3.51 33.78 -4.97
C ALA B 417 3.95 34.70 -3.84
N ARG B 418 4.20 35.98 -4.16
CA ARG B 418 4.64 36.93 -3.14
C ARG B 418 3.59 37.05 -2.03
N ASP B 419 2.31 37.05 -2.41
CA ASP B 419 1.26 37.14 -1.40
C ASP B 419 1.28 35.91 -0.50
N ALA B 420 1.45 34.73 -1.10
CA ALA B 420 1.50 33.50 -0.31
C ALA B 420 2.72 33.48 0.60
N MET B 421 3.86 33.94 0.08
CA MET B 421 5.08 33.94 0.88
C MET B 421 4.93 34.87 2.09
N ASP B 422 4.36 36.05 1.87
CA ASP B 422 4.16 36.97 2.98
C ASP B 422 3.07 36.47 3.92
N ARG B 423 2.07 35.77 3.38
CA ARG B 423 1.00 35.23 4.21
C ARG B 423 1.54 34.26 5.24
N ILE B 424 2.37 33.31 4.80
CA ILE B 424 2.93 32.32 5.71
C ILE B 424 3.93 32.98 6.66
N PHE B 425 4.69 33.96 6.18
CA PHE B 425 5.67 34.63 7.03
C PHE B 425 5.00 35.30 8.22
N ALA B 426 4.00 36.14 7.96
CA ALA B 426 3.31 36.81 9.06
C ALA B 426 2.47 35.84 9.86
N ARG B 427 2.04 34.74 9.23
CA ARG B 427 1.22 33.75 9.92
C ARG B 427 2.03 32.90 10.88
N ARG B 428 3.30 32.64 10.55
CA ARG B 428 4.14 31.77 11.40
C ARG B 428 5.54 32.25 11.73
N TYR B 429 6.16 33.09 10.88
CA TYR B 429 7.55 33.51 11.11
C TYR B 429 7.81 35.01 11.20
N ASN B 430 6.98 35.79 11.90
CA ASN B 430 7.29 37.21 12.01
C ASN B 430 8.53 37.42 12.87
N ALA B 431 8.55 36.77 14.04
CA ALA B 431 9.66 36.86 14.98
C ALA B 431 10.49 35.59 15.06
N THR B 432 10.14 34.54 14.32
CA THR B 432 10.90 33.29 14.38
C THR B 432 12.12 33.33 13.47
N HIS B 433 11.94 33.67 12.20
CA HIS B 433 13.01 33.75 11.21
C HIS B 433 13.05 35.15 10.61
N ILE B 434 13.98 35.34 9.68
CA ILE B 434 14.16 36.60 8.98
C ILE B 434 14.18 36.31 7.48
N LYS B 435 13.43 37.11 6.73
CA LYS B 435 13.36 36.94 5.28
C LYS B 435 14.60 37.56 4.64
N VAL B 436 15.27 36.80 3.78
CA VAL B 436 16.49 37.24 3.11
C VAL B 436 16.30 37.15 1.62
N GLY B 437 16.85 38.14 0.91
CA GLY B 437 16.76 38.17 -0.53
C GLY B 437 15.35 38.34 -1.03
N GLN B 438 15.11 37.86 -2.25
CA GLN B 438 13.83 37.92 -2.93
C GLN B 438 13.45 36.50 -3.34
N PRO B 439 12.17 36.26 -3.64
CA PRO B 439 11.77 34.90 -4.02
C PRO B 439 12.49 34.43 -5.28
N GLN B 440 12.86 33.16 -5.27
CA GLN B 440 13.55 32.51 -6.38
C GLN B 440 12.60 31.55 -7.05
N TYR B 441 12.74 31.40 -8.37
CA TYR B 441 11.87 30.55 -9.18
C TYR B 441 12.72 29.53 -9.93
N TYR B 442 12.22 28.29 -9.99
CA TYR B 442 12.90 27.20 -10.67
C TYR B 442 11.90 26.27 -11.33
N LEU B 443 12.29 25.67 -12.45
CA LEU B 443 11.45 24.71 -13.14
C LEU B 443 11.87 23.32 -12.67
N ALA B 444 11.13 22.79 -11.68
CA ALA B 444 11.44 21.51 -11.09
C ALA B 444 11.07 20.35 -11.99
N ASN B 445 11.55 19.16 -11.60
CA ASN B 445 11.29 17.94 -12.35
C ASN B 445 9.79 17.66 -12.39
N GLY B 446 9.35 17.09 -13.51
CA GLY B 446 7.95 16.78 -13.69
C GLY B 446 7.10 17.94 -14.16
N GLY B 447 7.70 19.09 -14.46
CA GLY B 447 6.97 20.25 -14.91
C GLY B 447 6.52 21.21 -13.82
N PHE B 448 6.73 20.87 -12.55
CA PHE B 448 6.33 21.76 -11.48
C PHE B 448 7.20 23.00 -11.42
N LEU B 449 6.58 24.13 -11.13
CA LEU B 449 7.26 25.41 -10.98
C LEU B 449 7.23 25.75 -9.50
N ILE B 450 8.41 25.81 -8.88
CA ILE B 450 8.53 26.07 -7.45
C ILE B 450 9.08 27.47 -7.21
N ALA B 451 8.45 28.19 -6.29
CA ALA B 451 8.85 29.54 -5.88
C ALA B 451 9.35 29.42 -4.45
N TYR B 452 10.64 29.70 -4.26
CA TYR B 452 11.28 29.58 -2.94
C TYR B 452 11.71 30.92 -2.41
N GLN B 453 11.60 31.06 -1.08
CA GLN B 453 11.99 32.27 -0.35
C GLN B 453 12.87 31.82 0.81
N PRO B 454 14.20 31.99 0.73
CA PRO B 454 15.06 31.54 1.84
C PRO B 454 14.75 32.27 3.14
N LEU B 455 14.99 31.57 4.25
CA LEU B 455 14.80 32.10 5.59
C LEU B 455 16.01 31.75 6.44
N LEU B 456 16.10 32.41 7.60
CA LEU B 456 17.20 32.19 8.53
C LEU B 456 16.68 32.37 9.95
N SER B 457 17.06 31.46 10.84
CA SER B 457 16.61 31.52 12.22
C SER B 457 17.28 32.68 12.95
N ASN B 458 16.46 33.44 13.68
CA ASN B 458 16.98 34.58 14.43
C ASN B 458 17.92 34.17 15.55
N THR B 459 17.78 32.95 16.07
CA THR B 459 18.63 32.47 17.14
C THR B 459 20.04 32.17 16.61
N HIS B 512 14.95 15.48 19.75
CA HIS B 512 15.92 14.61 19.08
C HIS B 512 15.32 13.24 18.74
N ILE B 513 14.18 12.90 19.35
CA ILE B 513 13.54 11.63 19.08
C ILE B 513 12.97 11.60 17.66
N GLN B 514 12.82 12.76 17.03
CA GLN B 514 12.28 12.83 15.67
C GLN B 514 13.27 12.35 14.62
N ARG B 515 14.55 12.17 14.97
CA ARG B 515 15.55 11.75 13.99
C ARG B 515 15.23 10.38 13.36
N PRO B 516 15.15 9.28 14.10
CA PRO B 516 14.88 8.00 13.44
C PRO B 516 13.51 7.91 12.81
N VAL B 517 12.44 8.27 13.53
CA VAL B 517 11.08 8.17 13.00
C VAL B 517 10.96 8.91 11.67
N ASN B 518 11.63 10.05 11.53
CA ASN B 518 11.57 10.79 10.27
C ASN B 518 12.16 9.94 9.15
N ASP B 519 13.29 9.28 9.42
CA ASP B 519 13.89 8.41 8.42
C ASP B 519 12.99 7.20 8.17
N MET B 520 12.31 6.73 9.23
CA MET B 520 11.40 5.59 9.08
C MET B 520 10.23 5.97 8.18
N LEU B 521 9.58 7.09 8.48
CA LEU B 521 8.45 7.54 7.67
C LEU B 521 8.89 7.87 6.26
N GLY B 522 10.06 8.49 6.11
CA GLY B 522 10.54 8.81 4.78
C GLY B 522 10.70 7.58 3.92
N ARG B 523 11.30 6.53 4.49
CA ARG B 523 11.47 5.29 3.74
C ARG B 523 10.13 4.70 3.37
N VAL B 524 9.13 4.86 4.25
CA VAL B 524 7.79 4.36 3.95
C VAL B 524 7.21 5.11 2.76
N ALA B 525 7.43 6.42 2.71
CA ALA B 525 6.94 7.22 1.60
C ALA B 525 7.55 6.77 0.28
N ILE B 526 8.85 6.49 0.27
CA ILE B 526 9.49 6.03 -0.94
C ILE B 526 8.93 4.68 -1.34
N ALA B 527 8.68 3.82 -0.36
CA ALA B 527 8.09 2.52 -0.66
C ALA B 527 6.71 2.71 -1.26
N TRP B 528 5.97 3.69 -0.75
CA TRP B 528 4.64 3.98 -1.29
C TRP B 528 4.75 4.46 -2.73
N CYS B 529 5.70 5.36 -3.00
CA CYS B 529 5.88 5.87 -4.35
C CYS B 529 6.29 4.73 -5.29
N GLU B 530 7.20 3.88 -4.84
CA GLU B 530 7.62 2.76 -5.66
C GLU B 530 6.48 1.77 -5.83
N GLU B 531 5.73 1.52 -4.76
CA GLU B 531 4.60 0.60 -4.85
C GLU B 531 3.55 1.14 -5.82
N GLN B 532 3.29 2.45 -5.74
CA GLN B 532 2.32 3.05 -6.66
C GLN B 532 2.81 2.94 -8.09
N ASN B 533 4.12 3.10 -8.30
CA ASN B 533 4.67 2.97 -9.63
C ASN B 533 4.42 1.57 -10.19
N HIS B 534 4.52 0.54 -9.35
CA HIS B 534 4.23 -0.81 -9.79
C HIS B 534 2.75 -0.98 -10.05
N GLU B 535 1.92 -0.43 -9.14
CA GLU B 535 0.48 -0.53 -9.30
C GLU B 535 -0.01 0.11 -10.58
N LEU B 536 0.71 1.14 -11.05
CA LEU B 536 0.31 1.81 -12.29
C LEU B 536 0.24 0.82 -13.43
N THR B 537 1.14 -0.17 -13.44
CA THR B 537 1.09 -1.19 -14.47
C THR B 537 -0.19 -1.98 -14.39
N LEU B 538 -0.56 -2.43 -13.18
CA LEU B 538 -1.80 -3.20 -13.01
C LEU B 538 -3.01 -2.43 -13.50
N TRP B 539 -3.03 -1.12 -13.25
CA TRP B 539 -4.16 -0.31 -13.71
C TRP B 539 -4.26 -0.32 -15.23
N ASN B 540 -3.13 -0.45 -15.92
CA ASN B 540 -3.15 -0.45 -17.37
C ASN B 540 -3.95 -1.63 -17.93
N GLU B 541 -3.65 -2.85 -17.48
CA GLU B 541 -4.41 -3.99 -17.98
C GLU B 541 -5.83 -3.97 -17.44
N ALA B 542 -6.05 -3.37 -16.27
CA ALA B 542 -7.39 -3.32 -15.72
C ALA B 542 -8.33 -2.52 -16.62
N ARG B 543 -7.85 -1.42 -17.17
CA ARG B 543 -8.68 -0.61 -18.06
C ARG B 543 -9.06 -1.40 -19.31
N LYS B 544 -8.12 -2.13 -19.89
CA LYS B 544 -8.43 -2.93 -21.06
C LYS B 544 -9.47 -3.99 -20.73
N LEU B 545 -9.42 -4.52 -19.50
CA LEU B 545 -10.37 -5.55 -19.09
C LEU B 545 -11.74 -4.94 -18.81
N ASN B 546 -11.79 -3.80 -18.13
CA ASN B 546 -13.03 -3.11 -17.81
C ASN B 546 -12.77 -1.61 -17.67
N PRO B 547 -13.11 -0.79 -18.68
CA PRO B 547 -12.84 0.66 -18.54
C PRO B 547 -13.89 1.44 -17.78
N ASN B 548 -15.11 0.94 -17.71
CA ASN B 548 -16.19 1.65 -17.03
C ASN B 548 -15.86 1.87 -15.55
N ALA B 549 -15.73 0.80 -14.79
CA ALA B 549 -15.47 0.92 -13.36
C ALA B 549 -14.12 1.59 -13.09
N ILE B 550 -13.08 1.21 -13.84
CA ILE B 550 -11.76 1.79 -13.62
C ILE B 550 -11.75 3.29 -13.88
N ALA B 551 -12.38 3.71 -14.98
CA ALA B 551 -12.40 5.14 -15.30
C ALA B 551 -13.22 5.92 -14.28
N SER B 552 -14.31 5.33 -13.78
CA SER B 552 -15.15 6.04 -12.84
C SER B 552 -14.46 6.26 -11.50
N VAL B 553 -13.85 5.21 -10.94
CA VAL B 553 -13.19 5.36 -9.65
C VAL B 553 -12.00 6.30 -9.72
N THR B 554 -11.25 6.26 -10.83
CA THR B 554 -10.09 7.14 -10.96
C THR B 554 -10.46 8.61 -10.97
N VAL B 555 -11.52 8.99 -11.71
CA VAL B 555 -11.92 10.39 -11.78
C VAL B 555 -12.76 10.83 -10.58
N GLY B 556 -13.32 9.90 -9.82
CA GLY B 556 -14.11 10.24 -8.65
C GLY B 556 -15.61 10.26 -8.82
N ARG B 557 -16.14 9.68 -9.88
CA ARG B 557 -17.58 9.67 -10.08
C ARG B 557 -17.94 8.71 -11.20
N ARG B 558 -19.21 8.33 -11.26
CA ARG B 558 -19.68 7.41 -12.29
C ARG B 558 -19.53 8.09 -13.66
N VAL B 559 -18.61 7.57 -14.47
CA VAL B 559 -18.33 8.14 -15.79
C VAL B 559 -18.16 7.01 -16.78
N SER B 560 -18.53 7.28 -18.04
CA SER B 560 -18.42 6.32 -19.12
C SER B 560 -17.03 6.39 -19.73
N ALA B 561 -16.60 5.28 -20.32
CA ALA B 561 -15.28 5.25 -20.93
C ALA B 561 -15.07 3.97 -21.73
N ARG B 562 -14.24 4.08 -22.76
CA ARG B 562 -13.87 2.96 -23.62
C ARG B 562 -12.48 3.27 -24.14
N MET B 563 -11.68 2.23 -24.33
CA MET B 563 -10.31 2.40 -24.79
C MET B 563 -10.26 2.58 -26.30
N LEU B 564 -9.88 3.78 -26.74
CA LEU B 564 -9.72 4.09 -28.15
C LEU B 564 -8.26 3.90 -28.54
N GLY B 565 -7.79 2.67 -28.33
CA GLY B 565 -6.41 2.32 -28.60
C GLY B 565 -5.59 2.46 -27.33
N ASP B 566 -4.53 3.26 -27.38
CA ASP B 566 -3.68 3.48 -26.23
C ASP B 566 -4.12 4.68 -25.39
N VAL B 567 -5.24 5.32 -25.75
CA VAL B 567 -5.77 6.47 -25.03
C VAL B 567 -7.24 6.18 -24.72
N MET B 568 -7.68 6.62 -23.55
CA MET B 568 -9.05 6.40 -23.09
C MET B 568 -9.92 7.61 -23.35
N ALA B 569 -11.19 7.35 -23.71
CA ALA B 569 -12.18 8.38 -23.95
C ALA B 569 -13.03 8.51 -22.68
N VAL B 570 -13.59 9.70 -22.47
CA VAL B 570 -14.37 9.96 -21.26
C VAL B 570 -15.58 10.82 -21.60
N SER B 571 -16.69 10.53 -20.93
CA SER B 571 -17.95 11.26 -21.08
C SER B 571 -18.83 10.91 -19.89
N THR B 572 -19.35 11.94 -19.23
CA THR B 572 -20.18 11.73 -18.05
C THR B 572 -21.46 10.99 -18.39
N CYS B 573 -22.00 10.29 -17.38
CA CYS B 573 -23.23 9.53 -17.52
C CYS B 573 -24.41 10.34 -16.98
N VAL B 574 -25.60 9.96 -17.42
CA VAL B 574 -26.85 10.62 -17.02
C VAL B 574 -27.49 9.80 -15.90
N PRO B 575 -27.97 10.42 -14.83
CA PRO B 575 -28.59 9.63 -13.75
C PRO B 575 -30.09 9.48 -13.95
N VAL B 576 -30.63 8.40 -13.40
CA VAL B 576 -32.06 8.10 -13.48
C VAL B 576 -32.49 7.54 -12.13
N ALA B 577 -33.65 7.96 -11.65
CA ALA B 577 -34.17 7.50 -10.36
C ALA B 577 -34.61 6.05 -10.42
N ALA B 578 -34.65 5.41 -9.25
CA ALA B 578 -35.04 4.01 -9.16
C ALA B 578 -36.49 3.79 -9.56
N ASP B 579 -37.38 4.71 -9.18
CA ASP B 579 -38.80 4.56 -9.50
C ASP B 579 -39.06 4.43 -10.99
N ASN B 580 -38.23 5.02 -11.83
CA ASN B 580 -38.41 4.94 -13.28
C ASN B 580 -37.72 3.72 -13.89
N VAL B 581 -37.39 2.70 -13.09
CA VAL B 581 -36.72 1.50 -13.58
C VAL B 581 -37.45 0.27 -13.02
N ILE B 582 -37.62 -0.73 -13.87
CA ILE B 582 -38.29 -1.97 -13.48
C ILE B 582 -37.67 -3.10 -14.31
N VAL B 583 -37.33 -4.20 -13.63
CA VAL B 583 -36.73 -5.34 -14.31
C VAL B 583 -37.81 -6.18 -14.97
N GLN B 584 -37.51 -6.71 -16.16
CA GLN B 584 -38.48 -7.53 -16.86
C GLN B 584 -38.69 -8.83 -16.09
N ASN B 585 -39.87 -9.43 -16.26
CA ASN B 585 -40.20 -10.65 -15.53
C ASN B 585 -39.25 -11.81 -15.83
N SER B 586 -38.69 -11.88 -17.04
CA SER B 586 -37.79 -12.98 -17.37
C SER B 586 -37.00 -12.64 -18.62
N MET B 587 -35.75 -13.11 -18.67
CA MET B 587 -34.88 -12.88 -19.82
C MET B 587 -34.92 -14.03 -20.82
N ARG B 588 -35.74 -15.05 -20.59
CA ARG B 588 -35.82 -16.19 -21.50
C ARG B 588 -36.52 -15.76 -22.78
N ILE B 589 -35.76 -15.14 -23.66
CA ILE B 589 -36.29 -14.67 -24.94
C ILE B 589 -36.74 -15.91 -25.73
N SER B 590 -38.03 -16.00 -25.98
CA SER B 590 -38.58 -17.14 -26.71
C SER B 590 -38.20 -17.13 -28.19
N SER B 591 -37.75 -15.99 -28.72
CA SER B 591 -37.37 -15.92 -30.12
C SER B 591 -36.21 -16.85 -30.46
N ARG B 592 -35.31 -17.11 -29.52
CA ARG B 592 -34.15 -17.98 -29.74
C ARG B 592 -34.07 -19.01 -28.60
N PRO B 593 -34.84 -20.09 -28.69
CA PRO B 593 -34.77 -21.12 -27.63
C PRO B 593 -33.38 -21.71 -27.51
N GLY B 594 -32.98 -22.00 -26.27
CA GLY B 594 -31.67 -22.57 -26.00
C GLY B 594 -30.55 -21.56 -25.94
N ALA B 595 -30.79 -20.31 -26.32
CA ALA B 595 -29.78 -19.25 -26.29
C ALA B 595 -30.55 -17.96 -25.99
N CYS B 596 -30.56 -17.58 -24.71
CA CYS B 596 -31.27 -16.40 -24.26
C CYS B 596 -30.31 -15.48 -23.51
N TYR B 597 -30.78 -14.26 -23.24
CA TYR B 597 -29.98 -13.24 -22.56
C TYR B 597 -29.46 -13.74 -21.22
N SER B 598 -28.23 -13.36 -20.89
CA SER B 598 -27.59 -13.77 -19.65
C SER B 598 -27.89 -12.83 -18.49
N ARG B 599 -28.10 -11.54 -18.75
CA ARG B 599 -28.39 -10.56 -17.72
C ARG B 599 -29.84 -10.13 -17.84
N PRO B 600 -30.45 -9.63 -16.75
CA PRO B 600 -31.86 -9.25 -16.82
C PRO B 600 -32.13 -8.12 -17.79
N LEU B 601 -33.29 -8.19 -18.46
CA LEU B 601 -33.71 -7.15 -19.37
C LEU B 601 -34.46 -6.11 -18.55
N VAL B 602 -34.15 -4.84 -18.78
CA VAL B 602 -34.75 -3.75 -18.01
C VAL B 602 -35.46 -2.75 -18.93
N SER B 603 -36.53 -2.18 -18.38
CA SER B 603 -37.35 -1.17 -19.05
C SER B 603 -37.32 0.05 -18.14
N PHE B 604 -37.18 1.23 -18.72
CA PHE B 604 -37.11 2.44 -17.92
C PHE B 604 -37.45 3.65 -18.79
N ARG B 605 -37.48 4.81 -18.15
CA ARG B 605 -37.77 6.08 -18.81
C ARG B 605 -36.84 7.13 -18.23
N TYR B 606 -36.25 7.94 -19.12
CA TYR B 606 -35.33 8.99 -18.68
C TYR B 606 -36.04 9.98 -17.76
N CYS B 607 -37.21 10.43 -18.17
CA CYS B 607 -38.01 11.38 -17.41
C CYS B 607 -39.31 10.71 -17.01
N ASP B 608 -39.85 11.10 -15.86
CA ASP B 608 -41.09 10.48 -15.37
C ASP B 608 -42.23 10.65 -16.36
N GLN B 609 -42.39 11.86 -16.92
CA GLN B 609 -43.44 12.09 -17.90
C GLN B 609 -43.02 11.74 -19.32
N GLY B 610 -41.75 11.43 -19.54
CA GLY B 610 -41.27 11.09 -20.86
C GLY B 610 -41.60 9.66 -21.25
N PRO B 611 -41.30 9.31 -22.51
CA PRO B 611 -41.58 7.95 -22.97
C PRO B 611 -40.64 6.94 -22.35
N LEU B 612 -41.08 5.68 -22.37
CA LEU B 612 -40.29 4.60 -21.81
C LEU B 612 -39.37 3.99 -22.87
N VAL B 613 -38.29 3.36 -22.39
CA VAL B 613 -37.29 2.72 -23.23
C VAL B 613 -36.99 1.35 -22.64
N GLU B 614 -36.41 0.49 -23.47
CA GLU B 614 -36.05 -0.87 -23.08
C GLU B 614 -34.56 -1.09 -23.30
N GLY B 615 -33.95 -1.84 -22.40
CA GLY B 615 -32.53 -2.13 -22.49
C GLY B 615 -32.17 -3.34 -21.67
N GLN B 616 -30.92 -3.37 -21.22
CA GLN B 616 -30.40 -4.47 -20.42
C GLN B 616 -29.70 -3.91 -19.19
N LEU B 617 -29.73 -4.68 -18.11
CA LEU B 617 -29.12 -4.27 -16.85
C LEU B 617 -27.66 -4.74 -16.82
N GLY B 618 -26.73 -3.78 -16.84
CA GLY B 618 -25.33 -4.10 -16.82
C GLY B 618 -24.82 -4.25 -15.40
N GLU B 619 -23.49 -4.19 -15.28
CA GLU B 619 -22.85 -4.33 -13.99
C GLU B 619 -22.80 -2.99 -13.25
N ASN B 620 -22.91 -3.08 -11.92
CA ASN B 620 -22.86 -1.93 -11.04
C ASN B 620 -23.93 -0.89 -11.39
N ASN B 621 -25.18 -1.35 -11.48
CA ASN B 621 -26.33 -0.52 -11.76
C ASN B 621 -26.21 0.25 -13.08
N GLU B 622 -25.43 -0.26 -14.03
CA GLU B 622 -25.26 0.41 -15.32
C GLU B 622 -26.33 -0.11 -16.27
N LEU B 623 -27.24 0.78 -16.69
CA LEU B 623 -28.30 0.41 -17.60
C LEU B 623 -27.82 0.59 -19.04
N ARG B 624 -27.47 -0.51 -19.69
CA ARG B 624 -27.02 -0.42 -21.08
C ARG B 624 -28.20 -0.03 -21.95
N LEU B 625 -27.93 0.79 -22.95
CA LEU B 625 -28.97 1.26 -23.86
C LEU B 625 -29.31 0.22 -24.94
N THR B 626 -28.62 -0.92 -24.95
CA THR B 626 -28.87 -1.96 -25.93
C THR B 626 -28.88 -3.32 -25.23
N ARG B 627 -29.48 -4.30 -25.91
CA ARG B 627 -29.62 -5.66 -25.42
C ARG B 627 -28.84 -6.59 -26.34
N ASP B 628 -27.65 -7.02 -25.90
CA ASP B 628 -26.81 -7.91 -26.72
C ASP B 628 -26.13 -9.05 -25.95
N ALA B 629 -26.27 -9.10 -24.62
CA ALA B 629 -25.62 -10.14 -23.84
C ALA B 629 -26.31 -11.50 -23.98
N ILE B 630 -26.09 -12.13 -25.13
CA ILE B 630 -26.67 -13.45 -25.37
C ILE B 630 -25.71 -14.50 -24.81
N GLU B 631 -26.28 -15.63 -24.38
CA GLU B 631 -25.50 -16.73 -23.82
C GLU B 631 -26.27 -18.01 -24.07
N PRO B 632 -25.59 -19.14 -24.36
CA PRO B 632 -26.34 -20.38 -24.56
C PRO B 632 -26.94 -20.87 -23.26
N CYS B 633 -28.06 -20.26 -22.88
CA CYS B 633 -28.74 -20.61 -21.64
C CYS B 633 -29.11 -22.08 -21.59
N THR B 634 -28.62 -22.75 -20.54
CA THR B 634 -28.80 -24.19 -20.31
C THR B 634 -29.20 -24.41 -18.86
N VAL B 635 -29.76 -25.59 -18.59
CA VAL B 635 -30.21 -26.01 -17.27
C VAL B 635 -29.10 -25.84 -16.24
N GLY B 636 -29.49 -25.62 -14.98
CA GLY B 636 -28.53 -25.44 -13.90
C GLY B 636 -28.10 -23.99 -13.80
N HIS B 637 -29.07 -23.08 -13.75
CA HIS B 637 -28.82 -21.65 -13.67
C HIS B 637 -29.37 -21.09 -12.37
N ARG B 638 -28.55 -20.29 -11.69
CA ARG B 638 -28.91 -19.64 -10.44
C ARG B 638 -27.93 -18.50 -10.29
N ARG B 639 -28.40 -17.26 -10.42
CA ARG B 639 -27.52 -16.11 -10.35
C ARG B 639 -28.21 -14.92 -9.69
N TYR B 640 -27.39 -13.92 -9.37
CA TYR B 640 -27.81 -12.67 -8.76
C TYR B 640 -27.30 -11.53 -9.63
N PHE B 641 -27.89 -10.36 -9.46
CA PHE B 641 -27.49 -9.18 -10.21
C PHE B 641 -27.68 -7.94 -9.34
N THR B 642 -26.73 -7.02 -9.41
CA THR B 642 -26.83 -5.79 -8.62
C THR B 642 -28.01 -4.97 -9.12
N PHE B 643 -28.84 -4.52 -8.19
CA PHE B 643 -30.02 -3.72 -8.54
C PHE B 643 -30.27 -2.75 -7.40
N GLY B 644 -30.03 -1.47 -7.65
CA GLY B 644 -30.25 -0.47 -6.62
C GLY B 644 -29.35 -0.75 -5.43
N GLY B 645 -29.95 -0.72 -4.23
CA GLY B 645 -29.18 -0.98 -3.02
C GLY B 645 -29.02 -2.46 -2.70
N GLY B 646 -29.89 -3.31 -3.24
CA GLY B 646 -29.85 -4.73 -3.00
C GLY B 646 -29.56 -5.52 -4.26
N TYR B 647 -29.96 -6.79 -4.24
CA TYR B 647 -29.77 -7.71 -5.34
C TYR B 647 -31.11 -8.26 -5.81
N VAL B 648 -31.12 -8.74 -7.06
CA VAL B 648 -32.30 -9.33 -7.66
C VAL B 648 -31.96 -10.79 -7.96
N TYR B 649 -32.72 -11.70 -7.36
CA TYR B 649 -32.48 -13.12 -7.53
C TYR B 649 -33.08 -13.64 -8.83
N PHE B 650 -32.48 -14.71 -9.35
CA PHE B 650 -32.94 -15.36 -10.57
C PHE B 650 -32.55 -16.82 -10.54
N GLU B 651 -33.44 -17.66 -11.07
CA GLU B 651 -33.22 -19.10 -11.14
C GLU B 651 -33.90 -19.62 -12.39
N GLU B 652 -33.16 -20.43 -13.16
CA GLU B 652 -33.67 -21.01 -14.40
C GLU B 652 -34.16 -19.91 -15.35
N TYR B 653 -33.53 -18.74 -15.28
CA TYR B 653 -33.89 -17.61 -16.12
C TYR B 653 -35.34 -17.18 -15.90
N ALA B 654 -35.65 -16.81 -14.66
CA ALA B 654 -36.97 -16.37 -14.26
C ALA B 654 -36.86 -15.60 -12.94
N TYR B 655 -37.53 -14.47 -12.87
CA TYR B 655 -37.49 -13.64 -11.67
C TYR B 655 -38.17 -14.34 -10.50
N SER B 656 -37.52 -14.24 -9.33
CA SER B 656 -38.04 -14.83 -8.10
C SER B 656 -38.41 -13.78 -7.06
N HIS B 657 -37.46 -12.95 -6.66
CA HIS B 657 -37.70 -11.93 -5.65
C HIS B 657 -36.46 -11.09 -5.45
N GLN B 658 -36.60 -10.06 -4.62
CA GLN B 658 -35.49 -9.18 -4.29
C GLN B 658 -34.73 -9.72 -3.07
N LEU B 659 -33.56 -9.16 -2.82
CA LEU B 659 -32.72 -9.56 -1.69
C LEU B 659 -31.92 -8.36 -1.24
N SER B 660 -32.07 -7.98 0.03
CA SER B 660 -31.37 -6.84 0.58
C SER B 660 -29.86 -7.11 0.65
N ARG B 661 -29.12 -6.05 0.97
CA ARG B 661 -27.66 -6.16 1.06
C ARG B 661 -27.24 -7.12 2.15
N ALA B 662 -27.89 -7.07 3.31
CA ALA B 662 -27.55 -7.93 4.43
C ALA B 662 -27.93 -9.39 4.20
N ASP B 663 -28.68 -9.70 3.15
CA ASP B 663 -29.08 -11.08 2.87
C ASP B 663 -27.94 -11.95 2.38
N ILE B 664 -26.78 -11.36 2.06
CA ILE B 664 -25.62 -12.10 1.56
C ILE B 664 -24.45 -11.83 2.49
N THR B 665 -23.72 -12.90 2.84
CA THR B 665 -22.58 -12.77 3.73
C THR B 665 -21.48 -11.93 3.08
N THR B 666 -20.77 -11.17 3.90
CA THR B 666 -19.69 -10.31 3.42
C THR B 666 -18.34 -10.81 3.92
N VAL B 667 -17.31 -10.64 3.08
CA VAL B 667 -15.95 -11.05 3.41
C VAL B 667 -15.02 -9.86 3.18
N SER B 668 -14.06 -9.69 4.07
CA SER B 668 -13.12 -8.59 3.96
C SER B 668 -12.14 -8.80 2.82
N THR B 669 -12.06 -7.81 1.93
CA THR B 669 -11.13 -7.85 0.80
C THR B 669 -9.86 -7.08 1.17
N PHE B 670 -10.02 -5.85 1.61
CA PHE B 670 -8.88 -5.04 2.01
C PHE B 670 -8.52 -5.36 3.46
N ILE B 671 -7.22 -5.27 3.75
CA ILE B 671 -6.69 -5.55 5.08
C ILE B 671 -6.52 -4.24 5.84
N ASP B 672 -7.00 -4.22 7.08
CA ASP B 672 -6.88 -3.05 7.92
C ASP B 672 -5.46 -2.93 8.48
N LEU B 673 -5.19 -1.80 9.12
CA LEU B 673 -3.87 -1.59 9.70
C LEU B 673 -3.57 -2.51 10.86
N ASN B 674 -4.59 -3.10 11.49
CA ASN B 674 -4.36 -4.01 12.60
C ASN B 674 -3.67 -5.28 12.13
N HIS B 692 -12.89 -14.39 10.38
CA HIS B 692 -13.50 -14.85 9.13
C HIS B 692 -14.61 -15.84 9.40
N GLU B 693 -15.55 -15.97 8.45
CA GLU B 693 -16.66 -16.90 8.60
C GLU B 693 -17.05 -17.41 7.21
N ILE B 694 -16.51 -18.57 6.86
CA ILE B 694 -16.79 -19.23 5.59
C ILE B 694 -16.89 -20.72 5.89
N LYS B 695 -17.85 -21.40 5.29
CA LYS B 695 -18.06 -22.82 5.57
C LYS B 695 -18.86 -23.46 4.45
N ASP B 696 -19.35 -24.67 4.72
CA ASP B 696 -20.17 -25.49 3.84
C ASP B 696 -19.34 -26.21 2.78
N SER B 697 -19.78 -27.41 2.40
CA SER B 697 -19.12 -28.25 1.42
C SER B 697 -20.03 -28.45 0.21
N GLY B 698 -19.44 -28.87 -0.91
CA GLY B 698 -20.20 -29.10 -2.11
C GLY B 698 -20.96 -30.41 -2.07
N LEU B 699 -21.76 -30.62 -3.12
CA LEU B 699 -22.57 -31.83 -3.26
C LEU B 699 -21.85 -32.81 -4.18
N LEU B 700 -20.91 -33.54 -3.56
CA LEU B 700 -20.12 -34.52 -4.30
C LEU B 700 -20.97 -35.68 -4.81
N ASP B 701 -22.10 -35.95 -4.17
CA ASP B 701 -22.96 -37.06 -4.56
C ASP B 701 -23.96 -36.71 -5.66
N TYR B 702 -23.70 -35.67 -6.45
CA TYR B 702 -24.59 -35.30 -7.53
C TYR B 702 -24.51 -36.32 -8.67
N ASP C 110 4.78 -26.50 0.08
CA ASP C 110 3.95 -25.44 0.70
C ASP C 110 2.57 -25.97 1.08
N ALA C 111 2.02 -26.84 0.23
CA ALA C 111 0.71 -27.41 0.50
C ALA C 111 0.52 -28.65 -0.36
N ASN C 112 -0.42 -29.50 0.05
CA ASN C 112 -0.73 -30.72 -0.67
C ASN C 112 -1.67 -30.42 -1.83
N PHE C 113 -1.99 -31.43 -2.63
CA PHE C 113 -2.89 -31.21 -3.75
C PHE C 113 -4.30 -30.90 -3.26
N TYR C 114 -5.16 -30.48 -4.18
CA TYR C 114 -6.53 -30.13 -3.83
C TYR C 114 -7.44 -30.37 -5.02
N VAL C 115 -8.66 -30.83 -4.72
CA VAL C 115 -9.71 -31.07 -5.70
C VAL C 115 -10.86 -30.14 -5.31
N CYS C 116 -11.28 -29.31 -6.25
CA CYS C 116 -12.35 -28.33 -6.00
C CYS C 116 -13.55 -28.55 -6.91
N PRO C 117 -14.61 -29.22 -6.44
CA PRO C 117 -15.78 -29.40 -7.29
C PRO C 117 -16.49 -28.08 -7.47
N PRO C 118 -17.32 -27.92 -8.51
CA PRO C 118 -18.02 -26.65 -8.69
C PRO C 118 -18.92 -26.35 -7.51
N PRO C 119 -18.98 -25.11 -7.03
CA PRO C 119 -19.84 -24.82 -5.89
C PRO C 119 -21.31 -24.95 -6.26
N THR C 120 -22.11 -25.38 -5.28
CA THR C 120 -23.53 -25.56 -5.48
C THR C 120 -24.35 -24.31 -5.16
N GLY C 121 -23.71 -23.22 -4.77
CA GLY C 121 -24.42 -22.01 -4.46
C GLY C 121 -25.08 -21.99 -3.09
N ALA C 122 -24.72 -22.94 -2.22
CA ALA C 122 -25.31 -22.96 -0.89
C ALA C 122 -24.97 -21.70 -0.12
N THR C 123 -23.74 -21.22 -0.27
CA THR C 123 -23.27 -20.02 0.38
C THR C 123 -22.76 -19.05 -0.68
N VAL C 124 -23.22 -17.81 -0.59
CA VAL C 124 -22.85 -16.76 -1.53
C VAL C 124 -22.13 -15.66 -0.76
N VAL C 125 -21.20 -15.00 -1.43
CA VAL C 125 -20.38 -13.95 -0.85
C VAL C 125 -20.33 -12.73 -1.76
N GLN C 126 -20.11 -11.57 -1.15
CA GLN C 126 -20.01 -10.29 -1.85
C GLN C 126 -18.82 -9.52 -1.31
N PHE C 127 -18.57 -8.34 -1.89
CA PHE C 127 -17.45 -7.51 -1.45
C PHE C 127 -17.88 -6.64 -0.27
N GLU C 128 -16.90 -6.03 0.38
CA GLU C 128 -17.21 -5.10 1.46
C GLU C 128 -17.73 -3.78 0.93
N GLN C 129 -17.52 -3.50 -0.37
CA GLN C 129 -17.92 -2.28 -1.06
C GLN C 129 -17.08 -1.12 -0.55
N PRO C 130 -17.07 0.02 -1.22
CA PRO C 130 -16.24 1.15 -0.75
C PRO C 130 -16.58 1.56 0.68
N ARG C 131 -15.54 1.80 1.47
CA ARG C 131 -15.66 2.20 2.86
C ARG C 131 -15.32 3.68 2.97
N ARG C 132 -16.05 4.39 3.82
CA ARG C 132 -15.83 5.82 4.02
C ARG C 132 -14.60 6.02 4.90
N CYS C 133 -13.61 6.73 4.38
CA CYS C 133 -12.38 6.99 5.13
C CYS C 133 -12.50 8.28 5.93
N PRO C 134 -12.13 8.30 7.22
CA PRO C 134 -12.25 9.57 7.99
C PRO C 134 -11.14 10.53 7.58
N THR C 135 -11.41 11.26 6.49
CA THR C 135 -10.44 12.19 5.91
C THR C 135 -9.80 13.14 6.92
N ARG C 136 -10.56 13.63 7.90
CA ARG C 136 -10.00 14.56 8.87
C ARG C 136 -9.22 13.80 9.96
N PRO C 137 -7.89 14.14 10.22
CA PRO C 137 -7.14 13.46 11.28
C PRO C 137 -7.31 14.13 12.65
N GLU C 138 -8.56 14.41 13.02
CA GLU C 138 -8.90 15.05 14.29
C GLU C 138 -8.24 16.43 14.42
N GLY C 139 -7.96 16.87 15.65
CA GLY C 139 -7.35 18.16 15.92
C GLY C 139 -8.27 19.16 16.58
N GLN C 140 -9.54 18.82 16.77
CA GLN C 140 -10.53 19.70 17.39
C GLN C 140 -10.66 19.34 18.88
N ASN C 141 -11.71 19.85 19.54
CA ASN C 141 -11.97 19.58 20.95
C ASN C 141 -11.98 18.06 21.18
N TYR C 142 -11.70 17.67 22.43
CA TYR C 142 -11.64 16.24 22.77
C TYR C 142 -12.29 15.94 24.10
N THR C 143 -12.59 14.65 24.27
CA THR C 143 -13.17 14.05 25.46
C THR C 143 -12.71 12.60 25.48
N GLU C 144 -12.44 12.09 26.68
CA GLU C 144 -11.94 10.73 26.87
C GLU C 144 -13.01 9.79 27.40
N GLY C 145 -12.73 8.50 27.25
CA GLY C 145 -13.65 7.47 27.71
C GLY C 145 -13.25 6.13 27.14
N ILE C 146 -13.75 5.07 27.81
CA ILE C 146 -13.50 3.69 27.41
C ILE C 146 -14.50 3.37 26.30
N ALA C 147 -14.16 2.41 25.44
CA ALA C 147 -15.03 2.04 24.34
C ALA C 147 -14.95 0.55 24.02
N VAL C 148 -16.05 0.05 23.48
CA VAL C 148 -16.21 -1.34 23.04
C VAL C 148 -17.23 -1.30 21.92
N VAL C 149 -16.89 -1.83 20.75
CA VAL C 149 -17.75 -1.80 19.59
C VAL C 149 -18.42 -3.16 19.39
N PHE C 150 -19.61 -3.11 18.78
CA PHE C 150 -20.42 -4.28 18.48
C PHE C 150 -20.89 -4.20 17.04
N LYS C 151 -21.44 -5.31 16.56
CA LYS C 151 -21.97 -5.40 15.21
C LYS C 151 -22.98 -6.55 15.18
N GLU C 152 -23.74 -6.61 14.09
CA GLU C 152 -24.76 -7.65 13.95
C GLU C 152 -24.15 -9.04 14.08
N ASN C 153 -24.70 -9.81 15.02
CA ASN C 153 -24.22 -11.17 15.26
C ASN C 153 -24.39 -12.03 14.01
N ILE C 154 -25.56 -11.94 13.37
CA ILE C 154 -25.92 -12.64 12.14
C ILE C 154 -25.50 -14.11 12.13
N ALA C 155 -25.53 -14.77 13.28
CA ALA C 155 -25.16 -16.19 13.31
C ALA C 155 -26.26 -17.01 12.64
N PRO C 156 -25.96 -17.75 11.57
CA PRO C 156 -27.03 -18.54 10.92
C PRO C 156 -27.22 -19.89 11.57
N TYR C 157 -28.48 -20.27 11.74
CA TYR C 157 -28.81 -21.55 12.33
C TYR C 157 -28.43 -22.67 11.36
N LYS C 158 -28.00 -23.80 11.92
CA LYS C 158 -27.60 -24.95 11.12
C LYS C 158 -28.21 -26.23 11.69
N PHE C 159 -28.37 -27.23 10.83
CA PHE C 159 -28.93 -28.51 11.21
C PHE C 159 -28.63 -29.50 10.10
N LYS C 160 -28.01 -30.62 10.46
CA LYS C 160 -27.65 -31.65 9.48
C LYS C 160 -28.89 -32.39 9.02
N ALA C 161 -29.65 -31.79 8.11
CA ALA C 161 -30.86 -32.41 7.58
C ALA C 161 -30.53 -33.58 6.67
N THR C 162 -31.57 -34.20 6.10
CA THR C 162 -31.39 -35.32 5.19
C THR C 162 -32.35 -35.14 4.02
N MET C 163 -31.84 -35.37 2.82
CA MET C 163 -32.62 -35.24 1.59
C MET C 163 -32.81 -36.61 0.96
N TYR C 164 -34.05 -36.89 0.56
CA TYR C 164 -34.43 -38.17 -0.05
C TYR C 164 -35.03 -37.87 -1.42
N TYR C 165 -34.56 -38.58 -2.44
CA TYR C 165 -35.05 -38.38 -3.79
C TYR C 165 -34.74 -39.62 -4.62
N LYS C 166 -35.27 -39.64 -5.84
CA LYS C 166 -35.08 -40.74 -6.76
C LYS C 166 -34.83 -40.22 -8.16
N ASP C 167 -33.91 -40.87 -8.88
CA ASP C 167 -33.57 -40.51 -10.25
C ASP C 167 -34.41 -41.40 -11.17
N VAL C 168 -34.90 -40.84 -12.27
CA VAL C 168 -35.74 -41.55 -13.22
C VAL C 168 -35.17 -41.36 -14.62
N THR C 169 -35.11 -42.45 -15.39
CA THR C 169 -34.60 -42.43 -16.75
C THR C 169 -35.38 -43.42 -17.60
N VAL C 170 -35.22 -43.29 -18.92
CA VAL C 170 -35.86 -44.16 -19.90
C VAL C 170 -34.77 -44.64 -20.86
N SER C 171 -34.95 -45.83 -21.41
CA SER C 171 -33.97 -46.43 -22.32
C SER C 171 -34.15 -46.03 -23.79
N GLN C 172 -34.75 -44.87 -24.06
CA GLN C 172 -34.93 -44.44 -25.44
C GLN C 172 -33.60 -43.95 -25.99
N VAL C 173 -33.23 -44.44 -27.17
CA VAL C 173 -31.98 -44.05 -27.80
C VAL C 173 -32.06 -42.59 -28.23
N ILE C 185 -34.69 -40.88 -21.18
CA ILE C 185 -34.72 -39.51 -21.69
C ILE C 185 -35.56 -38.63 -20.78
N PHE C 186 -35.29 -37.33 -20.80
CA PHE C 186 -36.01 -36.36 -19.96
C PHE C 186 -35.86 -36.72 -18.48
N GLU C 187 -34.67 -37.19 -18.12
CA GLU C 187 -34.40 -37.59 -16.74
C GLU C 187 -34.42 -36.40 -15.79
N ASP C 188 -34.90 -36.64 -14.57
CA ASP C 188 -34.98 -35.62 -13.54
C ASP C 188 -35.28 -36.30 -12.21
N ARG C 189 -35.04 -35.57 -11.12
CA ARG C 189 -35.30 -36.12 -9.79
C ARG C 189 -36.80 -36.35 -9.58
N ALA C 190 -37.11 -37.01 -8.48
CA ALA C 190 -38.47 -37.32 -8.07
C ALA C 190 -38.49 -37.46 -6.56
N PRO C 191 -39.54 -36.99 -5.88
CA PRO C 191 -39.59 -37.12 -4.42
C PRO C 191 -39.97 -38.51 -3.97
N VAL C 192 -39.89 -38.72 -2.67
CA VAL C 192 -40.22 -39.97 -2.01
C VAL C 192 -41.40 -39.72 -1.07
N PRO C 193 -42.48 -40.52 -1.12
CA PRO C 193 -43.59 -40.27 -0.20
C PRO C 193 -43.17 -40.46 1.25
N PHE C 194 -43.93 -39.83 2.15
CA PHE C 194 -43.62 -39.92 3.58
C PHE C 194 -43.69 -41.35 4.08
N GLU C 195 -44.73 -42.09 3.69
CA GLU C 195 -44.88 -43.48 4.15
C GLU C 195 -43.71 -44.34 3.71
N GLU C 196 -43.15 -44.09 2.53
CA GLU C 196 -42.03 -44.89 2.06
C GLU C 196 -40.75 -44.54 2.80
N VAL C 197 -40.57 -43.25 3.15
CA VAL C 197 -39.36 -42.82 3.83
C VAL C 197 -39.27 -43.47 5.21
N ILE C 198 -40.34 -43.40 5.99
CA ILE C 198 -40.32 -43.97 7.33
C ILE C 198 -40.36 -45.49 7.30
N ASP C 199 -41.06 -46.09 6.35
CA ASP C 199 -41.17 -47.54 6.31
C ASP C 199 -40.09 -48.28 5.51
N LYS C 200 -40.02 -48.05 4.20
CA LYS C 200 -39.07 -48.78 3.38
C LYS C 200 -37.63 -48.28 3.57
N ILE C 201 -37.41 -46.98 3.43
CA ILE C 201 -36.05 -46.45 3.55
C ILE C 201 -35.55 -46.49 4.98
N ASN C 202 -36.38 -46.09 5.95
CA ASN C 202 -35.90 -46.07 7.32
C ASN C 202 -36.02 -47.44 8.00
N ALA C 203 -37.25 -47.93 8.20
CA ALA C 203 -37.42 -49.20 8.91
C ALA C 203 -36.82 -50.39 8.17
N LYS C 204 -37.11 -50.53 6.87
CA LYS C 204 -36.61 -51.67 6.10
C LYS C 204 -35.31 -51.40 5.37
N GLY C 205 -35.05 -50.16 4.95
CA GLY C 205 -33.82 -49.87 4.25
C GLY C 205 -33.86 -50.20 2.77
N VAL C 206 -35.02 -50.10 2.14
CA VAL C 206 -35.19 -50.39 0.72
C VAL C 206 -35.98 -49.24 0.09
N CYS C 207 -36.08 -49.29 -1.24
CA CYS C 207 -36.79 -48.27 -2.00
C CYS C 207 -37.66 -48.94 -3.07
N ARG C 208 -38.75 -48.26 -3.42
CA ARG C 208 -39.67 -48.77 -4.42
C ARG C 208 -39.07 -48.62 -5.81
N SER C 209 -39.46 -49.52 -6.72
CA SER C 209 -38.94 -49.48 -8.08
C SER C 209 -39.72 -48.49 -8.94
N THR C 210 -41.04 -48.56 -8.91
CA THR C 210 -41.86 -47.68 -9.72
C THR C 210 -41.82 -46.23 -9.21
N ALA C 211 -41.80 -45.30 -10.16
CA ALA C 211 -41.77 -43.88 -9.88
C ALA C 211 -42.40 -43.15 -11.06
N LYS C 212 -43.30 -42.22 -10.75
CA LYS C 212 -44.02 -41.47 -11.76
C LYS C 212 -43.37 -40.10 -11.99
N TYR C 213 -43.38 -39.65 -13.24
CA TYR C 213 -42.81 -38.38 -13.63
C TYR C 213 -43.41 -37.96 -14.96
N VAL C 214 -43.28 -36.68 -15.29
CA VAL C 214 -43.80 -36.14 -16.53
C VAL C 214 -42.81 -36.44 -17.65
N ARG C 215 -43.32 -36.98 -18.76
CA ARG C 215 -42.53 -37.32 -19.94
C ARG C 215 -43.15 -36.67 -21.15
N ASN C 216 -42.51 -35.63 -21.67
CA ASN C 216 -42.98 -34.90 -22.84
C ASN C 216 -44.40 -34.38 -22.65
N ASN C 217 -44.61 -33.68 -21.52
CA ASN C 217 -45.90 -33.08 -21.17
C ASN C 217 -46.96 -34.12 -20.79
N LEU C 218 -46.57 -35.26 -20.21
CA LEU C 218 -47.53 -36.26 -19.81
C LEU C 218 -46.88 -37.22 -18.83
N GLU C 219 -47.63 -37.58 -17.79
CA GLU C 219 -47.14 -38.47 -16.76
C GLU C 219 -46.81 -39.86 -17.30
N THR C 220 -45.79 -40.47 -16.71
CA THR C 220 -45.34 -41.81 -17.09
C THR C 220 -44.62 -42.43 -15.90
N THR C 221 -44.73 -43.75 -15.76
CA THR C 221 -44.12 -44.48 -14.67
C THR C 221 -42.89 -45.23 -15.16
N ALA C 222 -41.85 -45.26 -14.34
CA ALA C 222 -40.59 -45.93 -14.65
C ALA C 222 -40.49 -47.26 -13.91
N PHE C 223 -39.39 -47.97 -14.12
CA PHE C 223 -39.16 -49.25 -13.49
C PHE C 223 -37.66 -49.45 -13.27
N HIS C 224 -37.35 -50.44 -12.42
CA HIS C 224 -35.96 -50.78 -12.11
C HIS C 224 -35.38 -51.66 -13.20
N ARG C 225 -34.65 -51.05 -14.14
CA ARG C 225 -34.04 -51.76 -15.26
C ARG C 225 -35.12 -52.52 -16.04
N ASP C 226 -36.21 -51.80 -16.34
CA ASP C 226 -37.38 -52.30 -17.07
C ASP C 226 -37.86 -53.66 -16.56
N ASP C 227 -37.74 -53.87 -15.25
CA ASP C 227 -38.14 -55.12 -14.61
C ASP C 227 -39.42 -54.89 -13.80
N HIS C 228 -39.84 -55.91 -13.06
CA HIS C 228 -41.04 -55.83 -12.24
C HIS C 228 -40.79 -54.97 -11.01
N GLU C 229 -41.84 -54.72 -10.23
CA GLU C 229 -41.71 -53.93 -9.02
C GLU C 229 -40.90 -54.73 -7.99
N THR C 230 -39.84 -54.13 -7.48
CA THR C 230 -38.98 -54.80 -6.51
C THR C 230 -38.45 -53.79 -5.50
N ASP C 231 -37.94 -54.32 -4.38
CA ASP C 231 -37.39 -53.48 -3.33
C ASP C 231 -35.86 -53.60 -3.36
N MET C 232 -35.19 -52.48 -3.61
CA MET C 232 -33.73 -52.43 -3.69
C MET C 232 -33.16 -51.84 -2.41
N GLU C 233 -32.27 -52.58 -1.76
CA GLU C 233 -31.64 -52.11 -0.53
C GLU C 233 -30.66 -50.99 -0.84
N LEU C 234 -30.47 -50.11 0.16
CA LEU C 234 -29.58 -48.96 0.02
C LEU C 234 -28.19 -49.28 0.55
N LYS C 235 -27.18 -48.73 -0.12
CA LYS C 235 -25.78 -48.89 0.23
C LYS C 235 -25.07 -47.54 0.12
N PRO C 236 -23.90 -47.38 0.75
CA PRO C 236 -23.19 -46.10 0.66
C PRO C 236 -22.83 -45.77 -0.80
N ALA C 237 -22.81 -44.47 -1.11
CA ALA C 237 -22.52 -44.01 -2.47
C ALA C 237 -21.19 -43.27 -2.62
N ASN C 238 -20.43 -43.08 -1.54
CA ASN C 238 -19.16 -42.37 -1.61
C ASN C 238 -17.97 -43.27 -1.94
N ALA C 239 -18.04 -44.56 -1.60
CA ALA C 239 -16.99 -45.56 -1.80
C ALA C 239 -15.86 -45.42 -0.77
N CYS C 240 -15.85 -44.33 -0.01
CA CYS C 240 -14.92 -44.05 1.07
C CYS C 240 -15.40 -42.74 1.66
N THR C 241 -15.53 -42.70 2.99
CA THR C 241 -16.07 -41.52 3.67
C THR C 241 -15.08 -40.35 3.67
N ARG C 242 -15.30 -39.45 2.72
CA ARG C 242 -14.53 -38.21 2.57
C ARG C 242 -15.38 -36.98 2.89
N THR C 243 -16.70 -37.15 2.91
CA THR C 243 -17.69 -36.12 3.21
C THR C 243 -18.85 -36.83 3.88
N SER C 244 -20.04 -36.22 3.84
CA SER C 244 -21.22 -36.84 4.43
C SER C 244 -21.39 -38.26 3.89
N ARG C 245 -21.98 -39.13 4.71
CA ARG C 245 -22.14 -40.54 4.35
C ARG C 245 -22.84 -40.77 3.01
N GLY C 246 -24.12 -40.44 2.91
CA GLY C 246 -24.82 -40.64 1.66
C GLY C 246 -25.08 -42.11 1.37
N TRP C 247 -26.21 -42.42 0.72
CA TRP C 247 -26.55 -43.80 0.39
C TRP C 247 -27.26 -43.84 -0.95
N HIS C 248 -27.24 -45.01 -1.59
CA HIS C 248 -27.86 -45.18 -2.89
C HIS C 248 -28.16 -46.66 -3.11
N THR C 249 -28.80 -46.96 -4.24
CA THR C 249 -29.16 -48.34 -4.57
C THR C 249 -28.30 -48.92 -5.68
N THR C 250 -28.24 -48.27 -6.84
CA THR C 250 -27.46 -48.73 -7.98
C THR C 250 -26.58 -47.61 -8.50
N ASP C 251 -25.37 -47.97 -8.90
CA ASP C 251 -24.41 -47.01 -9.42
C ASP C 251 -24.82 -46.48 -10.79
N THR C 267 -35.86 -48.61 -19.05
CA THR C 267 -36.00 -47.61 -18.01
C THR C 267 -35.25 -48.02 -16.75
N THR C 268 -34.68 -47.05 -16.05
CA THR C 268 -33.91 -47.30 -14.84
C THR C 268 -34.27 -46.24 -13.80
N VAL C 269 -34.40 -46.68 -12.55
CA VAL C 269 -34.71 -45.82 -11.42
C VAL C 269 -33.72 -46.10 -10.31
N ASN C 270 -33.20 -45.03 -9.70
CA ASN C 270 -32.24 -45.12 -8.61
C ASN C 270 -32.70 -44.28 -7.44
N CYS C 271 -32.72 -44.89 -6.26
CA CYS C 271 -33.12 -44.24 -5.01
C CYS C 271 -31.87 -43.76 -4.30
N ILE C 272 -31.87 -42.50 -3.89
CA ILE C 272 -30.72 -41.88 -3.22
C ILE C 272 -31.17 -41.16 -1.96
N VAL C 273 -30.31 -41.20 -0.94
CA VAL C 273 -30.53 -40.55 0.34
C VAL C 273 -29.23 -39.85 0.71
N GLU C 274 -29.32 -38.61 1.19
CA GLU C 274 -28.12 -37.84 1.54
C GLU C 274 -28.37 -37.01 2.79
N GLU C 275 -27.42 -37.10 3.74
CA GLU C 275 -27.47 -36.32 4.99
C GLU C 275 -26.70 -35.03 4.77
N VAL C 276 -27.29 -34.16 3.93
CA VAL C 276 -26.65 -32.90 3.59
C VAL C 276 -26.74 -31.92 4.76
N ASP C 277 -25.93 -30.87 4.69
CA ASP C 277 -25.90 -29.82 5.69
C ASP C 277 -26.91 -28.74 5.31
N ALA C 278 -27.18 -27.83 6.25
CA ALA C 278 -28.14 -26.77 5.99
C ALA C 278 -27.75 -25.50 6.73
N ARG C 279 -28.25 -24.38 6.23
CA ARG C 279 -28.02 -23.06 6.80
C ARG C 279 -29.31 -22.25 6.70
N SER C 280 -29.51 -21.36 7.67
CA SER C 280 -30.68 -20.50 7.72
C SER C 280 -30.23 -19.08 8.05
N VAL C 281 -30.83 -18.10 7.38
CA VAL C 281 -30.46 -16.71 7.62
C VAL C 281 -30.75 -16.33 9.08
N TYR C 282 -30.18 -15.20 9.49
CA TYR C 282 -30.34 -14.71 10.86
C TYR C 282 -31.79 -14.67 11.34
N PRO C 283 -32.77 -14.18 10.58
CA PRO C 283 -34.15 -14.21 11.07
C PRO C 283 -34.68 -15.62 11.28
N TYR C 284 -34.03 -16.63 10.70
CA TYR C 284 -34.44 -18.02 10.82
C TYR C 284 -35.82 -18.24 10.21
N ASP C 285 -36.08 -17.59 9.07
CA ASP C 285 -37.36 -17.71 8.36
C ASP C 285 -37.26 -18.62 7.14
N GLU C 286 -36.08 -18.75 6.56
CA GLU C 286 -35.85 -19.60 5.39
C GLU C 286 -34.49 -20.29 5.54
N PHE C 287 -34.35 -21.44 4.89
CA PHE C 287 -33.11 -22.20 4.93
C PHE C 287 -32.84 -22.81 3.56
N VAL C 288 -31.59 -23.20 3.37
CA VAL C 288 -31.14 -23.81 2.12
C VAL C 288 -30.21 -24.97 2.47
N LEU C 289 -30.24 -26.00 1.63
CA LEU C 289 -29.42 -27.18 1.82
C LEU C 289 -28.15 -27.08 0.98
N ALA C 290 -27.31 -28.11 1.08
CA ALA C 290 -26.06 -28.13 0.33
C ALA C 290 -26.30 -28.12 -1.17
N THR C 291 -27.43 -28.69 -1.63
CA THR C 291 -27.71 -28.71 -3.06
C THR C 291 -27.96 -27.31 -3.62
N GLY C 292 -28.27 -26.33 -2.77
CA GLY C 292 -28.50 -24.97 -3.20
C GLY C 292 -29.95 -24.59 -3.47
N ASP C 293 -30.89 -25.51 -3.32
CA ASP C 293 -32.29 -25.19 -3.56
C ASP C 293 -32.90 -24.57 -2.32
N PHE C 294 -33.35 -23.33 -2.42
CA PHE C 294 -33.96 -22.65 -1.28
C PHE C 294 -35.26 -23.33 -0.89
N VAL C 295 -35.49 -23.39 0.42
CA VAL C 295 -36.71 -23.96 0.99
C VAL C 295 -37.49 -22.81 1.60
N TYR C 296 -38.64 -22.50 1.02
CA TYR C 296 -39.49 -21.41 1.51
C TYR C 296 -40.30 -21.85 2.74
N MET C 297 -39.57 -22.24 3.78
CA MET C 297 -40.17 -22.68 5.04
C MET C 297 -39.07 -22.70 6.10
N SER C 298 -39.39 -22.12 7.28
CA SER C 298 -38.43 -22.01 8.37
C SER C 298 -38.16 -23.34 9.08
N PRO C 299 -36.95 -23.54 9.62
CA PRO C 299 -36.68 -24.80 10.33
C PRO C 299 -37.52 -25.02 11.57
N PHE C 300 -38.09 -23.96 12.14
CA PHE C 300 -38.91 -24.07 13.34
C PHE C 300 -40.37 -24.39 13.05
N TYR C 301 -40.75 -24.62 11.78
CA TYR C 301 -42.13 -24.91 11.46
C TYR C 301 -42.57 -26.20 12.14
N GLY C 302 -43.77 -26.18 12.72
CA GLY C 302 -44.29 -27.36 13.39
C GLY C 302 -45.59 -27.10 14.13
N TYR C 303 -46.52 -28.06 14.06
CA TYR C 303 -47.81 -27.93 14.73
C TYR C 303 -47.85 -28.64 16.09
N ARG C 304 -46.72 -29.18 16.56
CA ARG C 304 -46.72 -29.87 17.84
C ARG C 304 -46.97 -28.91 19.00
N GLU C 305 -46.35 -27.74 18.97
CA GLU C 305 -46.51 -26.72 20.01
C GLU C 305 -46.49 -25.34 19.38
N GLY C 306 -46.54 -24.31 20.22
CA GLY C 306 -46.49 -22.96 19.73
C GLY C 306 -45.12 -22.63 19.17
N SER C 307 -45.00 -22.61 17.84
CA SER C 307 -43.74 -22.34 17.19
C SER C 307 -44.00 -21.37 16.03
N HIS C 308 -42.97 -21.18 15.20
CA HIS C 308 -43.04 -20.27 14.06
C HIS C 308 -43.65 -21.02 12.87
N THR C 309 -44.86 -21.55 13.08
CA THR C 309 -45.62 -22.33 12.11
C THR C 309 -46.37 -21.47 11.09
N GLU C 310 -46.47 -20.16 11.31
CA GLU C 310 -47.20 -19.32 10.37
C GLU C 310 -46.41 -19.09 9.08
N HIS C 311 -45.09 -19.34 9.09
CA HIS C 311 -44.25 -19.10 7.93
C HIS C 311 -44.09 -20.36 7.07
N THR C 312 -44.81 -20.38 5.96
CA THR C 312 -44.73 -21.49 5.00
C THR C 312 -45.45 -21.09 3.71
N SER C 313 -44.76 -21.27 2.59
CA SER C 313 -45.32 -20.96 1.28
C SER C 313 -45.88 -22.19 0.57
N TYR C 314 -45.55 -23.39 1.03
CA TYR C 314 -46.04 -24.61 0.42
C TYR C 314 -47.36 -25.02 1.05
N ALA C 315 -48.09 -25.89 0.35
CA ALA C 315 -49.37 -26.37 0.87
C ALA C 315 -49.12 -27.39 1.98
N ALA C 316 -50.13 -27.55 2.86
CA ALA C 316 -50.00 -28.50 3.95
C ALA C 316 -49.80 -29.92 3.46
N ASP C 317 -50.26 -30.25 2.25
CA ASP C 317 -50.10 -31.58 1.71
C ASP C 317 -48.63 -31.93 1.47
N ARG C 318 -47.77 -30.93 1.34
CA ARG C 318 -46.35 -31.15 1.11
C ARG C 318 -45.54 -31.26 2.40
N PHE C 319 -46.18 -31.26 3.57
CA PHE C 319 -45.46 -31.34 4.83
C PHE C 319 -46.16 -32.31 5.79
N LYS C 320 -45.33 -32.94 6.63
CA LYS C 320 -45.79 -33.88 7.65
C LYS C 320 -44.74 -33.89 8.76
N GLN C 321 -45.22 -33.98 10.00
CA GLN C 321 -44.37 -34.03 11.18
C GLN C 321 -44.55 -35.41 11.79
N VAL C 322 -43.60 -36.30 11.55
CA VAL C 322 -43.66 -37.67 12.05
C VAL C 322 -43.24 -37.67 13.52
N ASP C 323 -44.22 -37.88 14.40
CA ASP C 323 -43.95 -37.93 15.83
C ASP C 323 -43.57 -39.36 16.21
N GLY C 324 -42.73 -39.48 17.23
CA GLY C 324 -42.30 -40.80 17.64
C GLY C 324 -41.28 -41.43 16.73
N PHE C 325 -40.75 -40.68 15.76
CA PHE C 325 -39.75 -41.20 14.84
C PHE C 325 -38.54 -41.64 15.65
N TYR C 326 -38.14 -42.91 15.50
CA TYR C 326 -37.02 -43.44 16.28
C TYR C 326 -35.76 -43.60 15.42
N ALA C 327 -35.72 -42.95 14.25
CA ALA C 327 -34.60 -42.79 13.32
C ALA C 327 -33.65 -43.94 12.98
N ARG C 328 -34.10 -44.94 12.21
CA ARG C 328 -33.18 -46.00 11.80
C ARG C 328 -32.12 -45.45 10.86
N ASP C 329 -30.90 -45.99 10.97
CA ASP C 329 -29.77 -45.58 10.15
C ASP C 329 -29.50 -46.61 9.06
N LEU C 330 -29.05 -46.14 7.90
CA LEU C 330 -28.75 -47.03 6.78
C LEU C 330 -27.37 -47.65 6.85
N THR C 331 -26.47 -47.13 7.70
CA THR C 331 -25.13 -47.70 7.79
C THR C 331 -25.13 -49.08 8.44
N THR C 332 -25.84 -49.21 9.57
CA THR C 332 -25.91 -50.46 10.30
C THR C 332 -27.31 -50.87 10.73
N LYS C 333 -28.32 -50.03 10.56
CA LYS C 333 -29.69 -50.35 10.97
C LYS C 333 -29.76 -50.64 12.47
N ALA C 334 -28.87 -50.00 13.24
CA ALA C 334 -28.84 -50.19 14.68
C ALA C 334 -29.96 -49.43 15.37
N ARG C 335 -30.64 -48.53 14.66
CA ARG C 335 -31.73 -47.75 15.21
C ARG C 335 -31.24 -46.75 16.26
N ALA C 336 -31.97 -45.64 16.44
CA ALA C 336 -31.57 -44.59 17.37
C ALA C 336 -31.71 -45.06 18.82
N THR C 337 -31.44 -44.11 19.74
CA THR C 337 -31.49 -44.39 21.17
C THR C 337 -32.85 -44.05 21.78
N ALA C 338 -33.46 -42.94 21.38
CA ALA C 338 -34.74 -42.53 21.94
C ALA C 338 -35.63 -42.00 20.82
N PRO C 339 -36.96 -42.07 20.98
CA PRO C 339 -37.84 -41.56 19.93
C PRO C 339 -37.79 -40.05 19.85
N THR C 340 -38.05 -39.53 18.65
CA THR C 340 -38.02 -38.09 18.40
C THR C 340 -39.12 -37.72 17.41
N THR C 341 -39.31 -36.41 17.26
CA THR C 341 -40.28 -35.86 16.32
C THR C 341 -39.47 -35.28 15.17
N ARG C 342 -39.75 -35.75 13.95
CA ARG C 342 -39.03 -35.34 12.76
C ARG C 342 -39.97 -34.70 11.74
N ASN C 343 -39.60 -33.52 11.28
CA ASN C 343 -40.39 -32.82 10.27
C ASN C 343 -40.08 -33.43 8.90
N LEU C 344 -41.11 -33.51 8.06
CA LEU C 344 -40.97 -34.09 6.72
C LEU C 344 -41.67 -33.21 5.70
N LEU C 345 -40.88 -32.57 4.84
CA LEU C 345 -41.38 -31.72 3.76
C LEU C 345 -40.78 -32.24 2.47
N THR C 346 -41.51 -32.05 1.37
CA THR C 346 -41.03 -32.53 0.07
C THR C 346 -41.42 -31.58 -1.04
N THR C 347 -40.41 -31.02 -1.68
CA THR C 347 -40.60 -30.13 -2.82
C THR C 347 -40.82 -31.02 -4.05
N PRO C 348 -41.36 -30.48 -5.15
CA PRO C 348 -41.58 -31.34 -6.32
C PRO C 348 -40.34 -32.04 -6.85
N LYS C 349 -39.15 -31.56 -6.47
CA LYS C 349 -37.89 -32.16 -6.90
C LYS C 349 -37.36 -33.21 -5.92
N PHE C 350 -37.67 -33.12 -4.63
CA PHE C 350 -37.14 -34.09 -3.68
C PHE C 350 -37.88 -33.99 -2.34
N THR C 351 -37.44 -34.81 -1.39
CA THR C 351 -37.98 -34.88 -0.04
C THR C 351 -36.86 -34.57 0.95
N VAL C 352 -37.22 -33.86 2.03
CA VAL C 352 -36.28 -33.46 3.07
C VAL C 352 -36.85 -33.74 4.45
N ALA C 353 -35.97 -33.78 5.46
CA ALA C 353 -36.38 -34.03 6.83
C ALA C 353 -35.23 -33.75 7.78
N TRP C 354 -35.58 -33.50 9.04
CA TRP C 354 -34.61 -33.22 10.09
C TRP C 354 -35.34 -33.18 11.43
N ASP C 355 -34.60 -33.45 12.50
CA ASP C 355 -35.19 -33.43 13.84
C ASP C 355 -35.70 -32.02 14.16
N TRP C 356 -36.93 -31.96 14.66
CA TRP C 356 -37.59 -30.70 14.99
C TRP C 356 -37.58 -30.40 16.48
N VAL C 357 -37.45 -29.12 16.80
CA VAL C 357 -37.46 -28.60 18.17
C VAL C 357 -38.41 -27.41 18.16
N PRO C 358 -38.98 -27.00 19.30
CA PRO C 358 -39.92 -25.86 19.27
C PRO C 358 -39.30 -24.56 18.77
N LYS C 359 -38.19 -24.12 19.34
CA LYS C 359 -37.57 -22.88 18.92
C LYS C 359 -36.15 -22.82 19.49
N ARG C 360 -35.29 -22.08 18.80
CA ARG C 360 -33.90 -21.88 19.19
C ARG C 360 -33.63 -20.38 19.16
N PRO C 361 -34.16 -19.63 20.12
CA PRO C 361 -33.94 -18.18 20.14
C PRO C 361 -32.75 -17.71 20.97
N SER C 362 -31.94 -18.62 21.51
CA SER C 362 -30.79 -18.25 22.32
C SER C 362 -29.65 -17.72 21.44
N VAL C 363 -29.76 -16.44 21.11
CA VAL C 363 -28.77 -15.75 20.28
C VAL C 363 -28.91 -14.26 20.50
N CYS C 364 -27.78 -13.59 20.68
CA CYS C 364 -27.77 -12.14 20.88
C CYS C 364 -27.80 -11.44 19.54
N THR C 365 -28.55 -10.34 19.46
CA THR C 365 -28.65 -9.60 18.21
C THR C 365 -27.34 -8.97 17.77
N MET C 366 -26.37 -8.81 18.68
CA MET C 366 -25.08 -8.21 18.35
C MET C 366 -23.97 -9.03 18.97
N THR C 367 -22.77 -8.87 18.40
CA THR C 367 -21.57 -9.59 18.85
C THR C 367 -20.49 -8.58 19.24
N LYS C 368 -19.83 -8.84 20.37
CA LYS C 368 -18.75 -7.98 20.85
C LYS C 368 -17.57 -8.16 19.91
N TRP C 369 -17.33 -7.18 19.05
CA TRP C 369 -16.27 -7.25 18.06
C TRP C 369 -14.89 -6.90 18.63
N GLN C 370 -14.70 -5.67 19.12
CA GLN C 370 -13.41 -5.24 19.66
C GLN C 370 -13.58 -4.45 20.95
N GLU C 371 -12.54 -4.53 21.78
CA GLU C 371 -12.46 -3.83 23.05
C GLU C 371 -11.27 -2.89 22.99
N VAL C 372 -11.54 -1.59 22.94
CA VAL C 372 -10.51 -0.57 22.83
C VAL C 372 -10.23 0.00 24.22
N ASP C 373 -8.94 0.07 24.57
CA ASP C 373 -8.56 0.60 25.88
C ASP C 373 -8.72 2.12 25.95
N GLU C 374 -8.32 2.82 24.89
CA GLU C 374 -8.39 4.28 24.84
C GLU C 374 -9.06 4.70 23.55
N MET C 375 -10.09 5.54 23.66
CA MET C 375 -10.80 6.04 22.50
C MET C 375 -11.30 7.45 22.80
N LEU C 376 -10.87 8.41 21.99
CA LEU C 376 -11.27 9.79 22.19
C LEU C 376 -12.61 10.05 21.51
N ARG C 377 -13.36 11.00 22.07
CA ARG C 377 -14.67 11.40 21.57
C ARG C 377 -14.60 12.86 21.14
N SER C 378 -14.46 13.10 19.84
CA SER C 378 -14.38 14.44 19.28
C SER C 378 -15.76 14.87 18.79
N GLU C 379 -15.95 16.18 18.62
CA GLU C 379 -17.23 16.75 18.18
C GLU C 379 -17.00 17.74 17.05
N TYR C 380 -17.63 17.48 15.91
CA TYR C 380 -17.56 18.35 14.75
C TYR C 380 -18.47 17.80 13.66
N GLY C 381 -18.97 18.71 12.83
CA GLY C 381 -19.85 18.32 11.74
C GLY C 381 -21.20 17.77 12.17
N GLY C 382 -21.65 18.11 13.38
CA GLY C 382 -22.93 17.64 13.87
C GLY C 382 -23.00 16.13 14.06
N SER C 383 -21.87 15.45 14.13
CA SER C 383 -21.82 14.00 14.30
C SER C 383 -20.58 13.67 15.13
N PHE C 384 -20.80 13.09 16.31
CA PHE C 384 -19.68 12.76 17.19
C PHE C 384 -18.76 11.74 16.52
N ARG C 385 -17.45 11.94 16.71
CA ARG C 385 -16.44 11.06 16.17
C ARG C 385 -15.72 10.34 17.30
N PHE C 386 -15.72 9.01 17.24
CA PHE C 386 -15.09 8.16 18.24
C PHE C 386 -13.83 7.59 17.59
N SER C 387 -12.68 8.11 18.00
CA SER C 387 -11.40 7.69 17.45
C SER C 387 -10.48 7.20 18.56
N SER C 388 -9.63 6.25 18.20
CA SER C 388 -8.61 5.60 19.01
C SER C 388 -7.26 5.90 18.36
N ASP C 389 -6.22 5.12 18.70
CA ASP C 389 -4.88 5.30 18.14
C ASP C 389 -4.94 5.60 16.65
N ALA C 390 -3.99 6.46 16.22
CA ALA C 390 -3.90 6.95 14.84
C ALA C 390 -4.21 5.90 13.78
N ILE C 391 -3.56 4.73 13.83
CA ILE C 391 -3.82 3.70 12.82
C ILE C 391 -5.15 2.99 13.01
N SER C 392 -5.84 3.22 14.13
CA SER C 392 -7.12 2.57 14.36
C SER C 392 -8.22 3.18 13.50
N THR C 393 -9.32 2.44 13.40
CA THR C 393 -10.47 2.90 12.63
C THR C 393 -11.32 3.84 13.50
N THR C 394 -11.81 4.92 12.88
CA THR C 394 -12.62 5.92 13.57
C THR C 394 -14.08 5.74 13.18
N PHE C 395 -14.97 5.91 14.15
CA PHE C 395 -16.40 5.77 13.96
C PHE C 395 -17.08 7.15 13.99
N THR C 396 -18.31 7.18 13.48
CA THR C 396 -19.11 8.40 13.43
C THR C 396 -20.56 8.01 13.69
N THR C 397 -21.23 8.80 14.53
CA THR C 397 -22.62 8.54 14.90
C THR C 397 -23.47 9.78 14.70
N ASN C 398 -24.78 9.62 14.95
CA ASN C 398 -25.75 10.70 14.81
C ASN C 398 -25.86 11.56 16.06
N LEU C 399 -24.98 11.35 17.05
CA LEU C 399 -24.97 12.09 18.32
C LEU C 399 -26.18 11.78 19.21
N THR C 400 -27.07 10.89 18.78
CA THR C 400 -28.27 10.53 19.52
C THR C 400 -28.11 9.13 20.11
N GLU C 401 -28.53 8.98 21.36
CA GLU C 401 -28.46 7.68 22.03
C GLU C 401 -29.42 6.70 21.37
N TYR C 402 -28.92 5.52 21.03
CA TYR C 402 -29.80 4.53 20.41
C TYR C 402 -30.72 3.94 21.47
N PRO C 403 -31.95 3.54 21.12
CA PRO C 403 -32.85 3.00 22.15
C PRO C 403 -32.74 1.50 22.41
N LEU C 404 -31.79 0.78 21.80
CA LEU C 404 -31.75 -0.67 22.03
C LEU C 404 -31.47 -1.01 23.49
N SER C 405 -30.49 -0.33 24.10
CA SER C 405 -30.14 -0.64 25.49
C SER C 405 -31.25 -0.24 26.44
N ARG C 406 -31.73 1.00 26.37
CA ARG C 406 -32.79 1.45 27.28
C ARG C 406 -34.09 0.68 27.07
N VAL C 407 -34.30 0.05 25.91
CA VAL C 407 -35.51 -0.75 25.70
C VAL C 407 -35.40 -2.09 26.42
N ASP C 408 -34.19 -2.50 26.82
CA ASP C 408 -33.88 -3.73 27.54
C ASP C 408 -33.80 -4.95 26.64
N LEU C 409 -34.04 -4.81 25.33
CA LEU C 409 -33.94 -5.96 24.44
C LEU C 409 -32.51 -6.41 24.25
N GLY C 410 -31.53 -5.52 24.47
CA GLY C 410 -30.13 -5.84 24.33
C GLY C 410 -29.49 -6.06 25.69
N ASP C 411 -30.19 -6.81 26.55
CA ASP C 411 -29.69 -7.08 27.89
C ASP C 411 -28.32 -7.74 27.86
N CYS C 412 -28.13 -8.73 26.98
CA CYS C 412 -26.84 -9.39 26.91
C CYS C 412 -25.78 -8.44 26.35
N ILE C 413 -26.17 -7.56 25.44
CA ILE C 413 -25.22 -6.60 24.88
C ILE C 413 -24.72 -5.68 25.98
N GLY C 414 -25.64 -5.18 26.81
CA GLY C 414 -25.23 -4.30 27.89
C GLY C 414 -24.36 -5.02 28.90
N LYS C 415 -24.74 -6.26 29.23
CA LYS C 415 -23.96 -7.04 30.19
C LYS C 415 -22.54 -7.24 29.69
N ASP C 416 -22.39 -7.70 28.44
CA ASP C 416 -21.06 -7.90 27.88
C ASP C 416 -20.32 -6.58 27.78
N ALA C 417 -21.01 -5.52 27.35
CA ALA C 417 -20.36 -4.22 27.24
C ALA C 417 -19.95 -3.70 28.61
N ARG C 418 -20.86 -3.75 29.58
CA ARG C 418 -20.56 -3.28 30.93
C ARG C 418 -19.37 -4.03 31.51
N ASP C 419 -19.26 -5.32 31.23
CA ASP C 419 -18.12 -6.09 31.71
C ASP C 419 -16.84 -5.59 31.07
N ALA C 420 -16.92 -5.21 29.79
CA ALA C 420 -15.74 -4.72 29.07
C ALA C 420 -15.26 -3.41 29.66
N MET C 421 -16.18 -2.50 29.99
CA MET C 421 -15.77 -1.21 30.56
C MET C 421 -15.12 -1.42 31.92
N ASP C 422 -15.70 -2.29 32.74
CA ASP C 422 -15.13 -2.56 34.06
C ASP C 422 -13.77 -3.24 33.95
N ARG C 423 -13.63 -4.15 32.99
CA ARG C 423 -12.36 -4.85 32.81
C ARG C 423 -11.24 -3.87 32.47
N ILE C 424 -11.50 -2.96 31.54
CA ILE C 424 -10.48 -2.00 31.13
C ILE C 424 -10.21 -1.00 32.24
N PHE C 425 -11.25 -0.57 32.95
CA PHE C 425 -11.07 0.41 34.03
C PHE C 425 -10.18 -0.15 35.13
N ALA C 426 -10.53 -1.32 35.66
CA ALA C 426 -9.73 -1.92 36.73
C ALA C 426 -8.35 -2.32 36.22
N ARG C 427 -8.24 -2.62 34.92
CA ARG C 427 -6.96 -3.04 34.36
C ARG C 427 -6.01 -1.87 34.15
N ARG C 428 -6.54 -0.66 33.88
CA ARG C 428 -5.67 0.49 33.59
C ARG C 428 -5.97 1.80 34.29
N TYR C 429 -7.23 2.10 34.61
CA TYR C 429 -7.59 3.40 35.19
C TYR C 429 -8.24 3.41 36.56
N ASN C 430 -7.74 2.66 37.55
CA ASN C 430 -8.38 2.75 38.86
C ASN C 430 -8.09 4.11 39.49
N ALA C 431 -6.82 4.51 39.50
CA ALA C 431 -6.39 5.79 40.07
C ALA C 431 -6.03 6.83 39.03
N THR C 432 -6.17 6.52 37.73
CA THR C 432 -5.82 7.48 36.70
C THR C 432 -7.01 8.37 36.33
N HIS C 433 -8.13 7.76 35.94
CA HIS C 433 -9.33 8.47 35.54
C HIS C 433 -10.47 8.12 36.49
N ILE C 434 -11.64 8.69 36.22
CA ILE C 434 -12.85 8.49 37.01
C ILE C 434 -14.03 8.37 36.06
N LYS C 435 -14.90 7.38 36.32
CA LYS C 435 -16.07 7.21 35.49
C LYS C 435 -17.06 8.35 35.72
N VAL C 436 -17.91 8.56 34.73
CA VAL C 436 -18.94 9.60 34.77
C VAL C 436 -20.16 9.08 34.03
N GLY C 437 -21.31 9.12 34.69
CA GLY C 437 -22.51 8.65 34.04
C GLY C 437 -22.48 7.15 33.83
N GLN C 438 -23.28 6.69 32.87
CA GLN C 438 -23.41 5.29 32.51
C GLN C 438 -23.00 5.12 31.07
N PRO C 439 -22.71 3.90 30.62
CA PRO C 439 -22.30 3.69 29.23
C PRO C 439 -23.36 4.17 28.25
N GLN C 440 -22.91 4.85 27.20
CA GLN C 440 -23.78 5.37 26.15
C GLN C 440 -23.66 4.49 24.91
N TYR C 441 -24.77 4.37 24.19
CA TYR C 441 -24.86 3.54 22.99
C TYR C 441 -25.23 4.39 21.79
N TYR C 442 -24.60 4.11 20.66
CA TYR C 442 -24.83 4.86 19.43
C TYR C 442 -24.68 3.95 18.22
N LEU C 443 -25.53 4.16 17.21
CA LEU C 443 -25.42 3.41 15.97
C LEU C 443 -24.49 4.20 15.04
N ALA C 444 -23.29 3.67 14.85
CA ALA C 444 -22.28 4.33 14.04
C ALA C 444 -22.41 4.00 12.57
N ASN C 445 -21.67 4.76 11.76
CA ASN C 445 -21.68 4.58 10.32
C ASN C 445 -21.15 3.20 9.96
N GLY C 446 -21.68 2.63 8.89
CA GLY C 446 -21.28 1.32 8.44
C GLY C 446 -21.94 0.17 9.17
N GLY C 447 -22.91 0.44 10.03
CA GLY C 447 -23.60 -0.58 10.78
C GLY C 447 -23.01 -0.92 12.13
N PHE C 448 -21.87 -0.34 12.49
CA PHE C 448 -21.27 -0.64 13.78
C PHE C 448 -22.07 -0.02 14.92
N LEU C 449 -22.02 -0.68 16.06
CA LEU C 449 -22.69 -0.25 17.29
C LEU C 449 -21.58 -0.03 18.31
N ILE C 450 -21.46 1.20 18.81
CA ILE C 450 -20.40 1.54 19.76
C ILE C 450 -21.01 1.84 21.13
N ALA C 451 -20.42 1.24 22.16
CA ALA C 451 -20.83 1.44 23.54
C ALA C 451 -19.70 2.22 24.20
N TYR C 452 -19.95 3.51 24.46
CA TYR C 452 -18.95 4.40 25.01
C TYR C 452 -19.21 4.72 26.48
N GLN C 453 -18.13 4.78 27.25
CA GLN C 453 -18.16 5.10 28.67
C GLN C 453 -17.24 6.29 28.89
N PRO C 454 -17.75 7.53 28.96
CA PRO C 454 -16.85 8.67 29.14
C PRO C 454 -16.06 8.61 30.44
N LEU C 455 -14.86 9.19 30.39
CA LEU C 455 -13.94 9.24 31.52
C LEU C 455 -13.43 10.66 31.71
N LEU C 456 -12.74 10.87 32.82
CA LEU C 456 -12.17 12.17 33.17
C LEU C 456 -10.90 11.94 33.98
N SER C 457 -9.87 12.71 33.66
CA SER C 457 -8.58 12.56 34.35
C SER C 457 -8.65 13.15 35.76
N ASN C 458 -8.13 12.39 36.73
CA ASN C 458 -8.12 12.83 38.12
C ASN C 458 -7.18 14.00 38.35
N THR C 459 -6.13 14.15 37.55
CA THR C 459 -5.18 15.24 37.71
C THR C 459 -5.82 16.56 37.33
N HIS C 512 6.13 15.50 23.97
CA HIS C 512 5.40 16.37 23.05
C HIS C 512 5.74 16.12 21.58
N ILE C 513 6.67 15.19 21.33
CA ILE C 513 7.06 14.87 19.96
C ILE C 513 5.97 14.04 19.26
N GLN C 514 4.99 13.57 20.01
CA GLN C 514 3.92 12.76 19.43
C GLN C 514 3.00 13.57 18.51
N ARG C 515 3.01 14.91 18.63
CA ARG C 515 2.12 15.73 17.81
C ARG C 515 2.34 15.57 16.32
N PRO C 516 3.52 15.89 15.76
CA PRO C 516 3.66 15.75 14.30
C PRO C 516 3.57 14.31 13.79
N VAL C 517 4.20 13.36 14.47
CA VAL C 517 4.17 11.97 14.01
C VAL C 517 2.74 11.44 13.97
N ASN C 518 1.92 11.80 14.96
CA ASN C 518 0.53 11.34 14.97
C ASN C 518 -0.22 11.84 13.75
N ASP C 519 -0.01 13.11 13.38
CA ASP C 519 -0.67 13.65 12.20
C ASP C 519 -0.17 12.95 10.95
N MET C 520 1.14 12.69 10.89
CA MET C 520 1.71 12.02 9.73
C MET C 520 1.21 10.59 9.64
N LEU C 521 1.19 9.87 10.77
CA LEU C 521 0.69 8.50 10.75
C LEU C 521 -0.78 8.47 10.39
N GLY C 522 -1.56 9.42 10.92
CA GLY C 522 -2.97 9.45 10.60
C GLY C 522 -3.20 9.64 9.12
N ARG C 523 -2.44 10.57 8.51
CA ARG C 523 -2.57 10.79 7.08
C ARG C 523 -2.19 9.54 6.30
N VAL C 524 -1.21 8.80 6.82
CA VAL C 524 -0.80 7.56 6.16
C VAL C 524 -1.93 6.56 6.21
N ALA C 525 -2.63 6.48 7.35
CA ALA C 525 -3.74 5.55 7.48
C ALA C 525 -4.85 5.91 6.50
N ILE C 526 -5.15 7.20 6.35
CA ILE C 526 -6.19 7.61 5.42
C ILE C 526 -5.76 7.27 4.00
N ALA C 527 -4.48 7.45 3.70
CA ALA C 527 -3.99 7.10 2.37
C ALA C 527 -4.16 5.61 2.14
N TRP C 528 -3.95 4.81 3.19
CA TRP C 528 -4.14 3.37 3.07
C TRP C 528 -5.60 3.04 2.82
N CYS C 529 -6.50 3.70 3.55
CA CYS C 529 -7.93 3.46 3.35
C CYS C 529 -8.35 3.87 1.95
N GLU C 530 -7.89 5.03 1.48
CA GLU C 530 -8.24 5.47 0.14
C GLU C 530 -7.59 4.56 -0.91
N GLU C 531 -6.33 4.19 -0.69
CA GLU C 531 -5.65 3.31 -1.63
C GLU C 531 -6.36 1.95 -1.68
N GLN C 532 -6.73 1.42 -0.52
CA GLN C 532 -7.44 0.14 -0.50
C GLN C 532 -8.78 0.28 -1.18
N ASN C 533 -9.42 1.44 -1.04
CA ASN C 533 -10.69 1.67 -1.70
C ASN C 533 -10.54 1.56 -3.21
N HIS C 534 -9.44 2.09 -3.75
CA HIS C 534 -9.19 1.98 -5.18
C HIS C 534 -8.89 0.53 -5.55
N GLU C 535 -8.13 -0.16 -4.70
CA GLU C 535 -7.78 -1.55 -4.97
C GLU C 535 -9.01 -2.43 -5.06
N LEU C 536 -10.10 -2.07 -4.37
CA LEU C 536 -11.31 -2.87 -4.44
C LEU C 536 -11.80 -3.00 -5.87
N THR C 537 -11.60 -1.96 -6.68
CA THR C 537 -12.00 -2.05 -8.08
C THR C 537 -11.16 -3.07 -8.82
N LEU C 538 -9.88 -3.15 -8.50
CA LEU C 538 -9.01 -4.13 -9.15
C LEU C 538 -9.43 -5.54 -8.81
N TRP C 539 -9.80 -5.77 -7.54
CA TRP C 539 -10.24 -7.10 -7.13
C TRP C 539 -11.49 -7.51 -7.89
N ASN C 540 -12.37 -6.55 -8.20
CA ASN C 540 -13.60 -6.86 -8.91
C ASN C 540 -13.29 -7.47 -10.28
N GLU C 541 -12.32 -6.92 -10.99
CA GLU C 541 -11.97 -7.46 -12.29
C GLU C 541 -11.19 -8.75 -12.15
N ALA C 542 -10.43 -8.89 -11.06
CA ALA C 542 -9.64 -10.10 -10.86
C ALA C 542 -10.53 -11.32 -10.65
N ARG C 543 -11.60 -11.18 -9.88
CA ARG C 543 -12.47 -12.32 -9.63
C ARG C 543 -13.13 -12.81 -10.92
N LYS C 544 -13.54 -11.89 -11.79
CA LYS C 544 -14.14 -12.33 -13.05
C LYS C 544 -13.11 -13.05 -13.91
N LEU C 545 -11.83 -12.74 -13.72
CA LEU C 545 -10.77 -13.36 -14.50
C LEU C 545 -10.32 -14.69 -13.91
N ASN C 546 -10.26 -14.78 -12.57
CA ASN C 546 -9.82 -16.01 -11.89
C ASN C 546 -10.46 -16.03 -10.51
N PRO C 547 -11.62 -16.69 -10.36
CA PRO C 547 -12.26 -16.69 -9.03
C PRO C 547 -11.64 -17.68 -8.05
N ASN C 548 -11.00 -18.75 -8.54
CA ASN C 548 -10.42 -19.74 -7.65
C ASN C 548 -9.36 -19.14 -6.72
N ALA C 549 -8.27 -18.64 -7.30
CA ALA C 549 -7.20 -18.08 -6.49
C ALA C 549 -7.64 -16.86 -5.69
N ILE C 550 -8.40 -15.96 -6.31
CA ILE C 550 -8.82 -14.74 -5.62
C ILE C 550 -9.74 -15.08 -4.44
N ALA C 551 -10.69 -15.97 -4.64
CA ALA C 551 -11.61 -16.32 -3.56
C ALA C 551 -10.88 -17.02 -2.42
N SER C 552 -9.86 -17.82 -2.74
CA SER C 552 -9.14 -18.55 -1.71
C SER C 552 -8.30 -17.63 -0.84
N VAL C 553 -7.52 -16.74 -1.45
CA VAL C 553 -6.67 -15.84 -0.67
C VAL C 553 -7.50 -14.87 0.15
N THR C 554 -8.64 -14.42 -0.39
CA THR C 554 -9.48 -13.47 0.35
C THR C 554 -10.06 -14.08 1.61
N VAL C 555 -10.58 -15.32 1.52
CA VAL C 555 -11.18 -15.96 2.70
C VAL C 555 -10.11 -16.53 3.64
N GLY C 556 -8.93 -16.85 3.13
CA GLY C 556 -7.85 -17.37 3.95
C GLY C 556 -7.54 -18.84 3.81
N ARG C 557 -8.00 -19.51 2.75
CA ARG C 557 -7.71 -20.93 2.58
C ARG C 557 -8.15 -21.35 1.19
N ARG C 558 -7.61 -22.48 0.74
CA ARG C 558 -7.95 -23.01 -0.58
C ARG C 558 -9.44 -23.29 -0.62
N VAL C 559 -10.17 -22.54 -1.44
CA VAL C 559 -11.62 -22.68 -1.54
C VAL C 559 -12.04 -22.54 -2.99
N SER C 560 -13.11 -23.26 -3.36
CA SER C 560 -13.65 -23.22 -4.71
C SER C 560 -14.58 -22.02 -4.85
N ALA C 561 -14.74 -21.55 -6.08
CA ALA C 561 -15.60 -20.39 -6.31
C ALA C 561 -15.79 -20.15 -7.80
N ARG C 562 -16.97 -19.63 -8.13
CA ARG C 562 -17.31 -19.27 -9.51
C ARG C 562 -18.29 -18.11 -9.40
N MET C 563 -18.24 -17.21 -10.39
CA MET C 563 -19.10 -16.04 -10.37
C MET C 563 -20.47 -16.36 -10.95
N LEU C 564 -21.49 -16.33 -10.09
CA LEU C 564 -22.87 -16.58 -10.50
C LEU C 564 -23.53 -15.22 -10.79
N GLY C 565 -22.89 -14.47 -11.67
CA GLY C 565 -23.35 -13.14 -12.04
C GLY C 565 -22.58 -12.11 -11.26
N ASP C 566 -23.28 -11.21 -10.58
CA ASP C 566 -22.64 -10.18 -9.78
C ASP C 566 -22.33 -10.63 -8.36
N VAL C 567 -22.63 -11.89 -8.02
CA VAL C 567 -22.39 -12.44 -6.70
C VAL C 567 -21.58 -13.72 -6.87
N MET C 568 -20.65 -13.95 -5.94
CA MET C 568 -19.79 -15.13 -5.99
C MET C 568 -20.31 -16.25 -5.12
N ALA C 569 -20.14 -17.48 -5.61
CA ALA C 569 -20.54 -18.70 -4.90
C ALA C 569 -19.29 -19.25 -4.22
N VAL C 570 -19.47 -19.93 -3.09
CA VAL C 570 -18.35 -20.47 -2.34
C VAL C 570 -18.65 -21.86 -1.79
N SER C 571 -17.61 -22.70 -1.77
CA SER C 571 -17.68 -24.07 -1.26
C SER C 571 -16.24 -24.54 -1.05
N THR C 572 -16.01 -25.12 0.12
CA THR C 572 -14.67 -25.59 0.45
C THR C 572 -14.24 -26.74 -0.45
N CYS C 573 -12.93 -26.91 -0.58
CA CYS C 573 -12.33 -27.97 -1.39
C CYS C 573 -11.90 -29.12 -0.51
N VAL C 574 -11.73 -30.28 -1.13
CA VAL C 574 -11.33 -31.52 -0.45
C VAL C 574 -9.84 -31.72 -0.67
N PRO C 575 -9.06 -32.07 0.37
CA PRO C 575 -7.62 -32.28 0.15
C PRO C 575 -7.28 -33.72 -0.15
N VAL C 576 -6.15 -33.93 -0.81
CA VAL C 576 -5.65 -35.25 -1.17
C VAL C 576 -4.13 -35.22 -1.07
N ALA C 577 -3.54 -36.28 -0.51
CA ALA C 577 -2.10 -36.35 -0.34
C ALA C 577 -1.40 -36.54 -1.68
N ALA C 578 -0.11 -36.19 -1.70
CA ALA C 578 0.69 -36.30 -2.91
C ALA C 578 0.86 -37.75 -3.36
N ASP C 579 1.03 -38.68 -2.42
CA ASP C 579 1.22 -40.09 -2.75
C ASP C 579 0.09 -40.65 -3.59
N ASN C 580 -1.12 -40.14 -3.43
CA ASN C 580 -2.27 -40.63 -4.19
C ASN C 580 -2.45 -39.91 -5.52
N VAL C 581 -1.41 -39.23 -6.03
CA VAL C 581 -1.49 -38.50 -7.28
C VAL C 581 -0.27 -38.83 -8.13
N ILE C 582 -0.48 -38.97 -9.44
CA ILE C 582 0.58 -39.28 -10.38
C ILE C 582 0.22 -38.65 -11.72
N VAL C 583 1.19 -38.00 -12.36
CA VAL C 583 0.95 -37.36 -13.64
C VAL C 583 1.08 -38.38 -14.76
N GLN C 584 0.22 -38.27 -15.77
CA GLN C 584 0.28 -39.20 -16.90
C GLN C 584 1.57 -38.97 -17.67
N ASN C 585 2.05 -40.01 -18.33
CA ASN C 585 3.30 -39.93 -19.08
C ASN C 585 3.26 -38.88 -20.18
N SER C 586 2.12 -38.63 -20.80
CA SER C 586 2.06 -37.65 -21.88
C SER C 586 0.64 -37.19 -22.12
N MET C 587 0.50 -35.92 -22.50
CA MET C 587 -0.79 -35.32 -22.80
C MET C 587 -1.13 -35.38 -24.28
N ARG C 588 -0.24 -35.90 -25.12
CA ARG C 588 -0.47 -35.98 -26.56
C ARG C 588 -1.51 -37.06 -26.83
N ILE C 589 -2.78 -36.68 -26.73
CA ILE C 589 -3.88 -37.61 -26.96
C ILE C 589 -3.83 -38.01 -28.43
N SER C 590 -3.66 -39.31 -28.68
CA SER C 590 -3.58 -39.81 -30.05
C SER C 590 -4.91 -39.77 -30.77
N SER C 591 -6.02 -39.68 -30.04
CA SER C 591 -7.33 -39.65 -30.67
C SER C 591 -7.53 -38.43 -31.56
N ARG C 592 -6.89 -37.31 -31.24
CA ARG C 592 -7.02 -36.07 -32.00
C ARG C 592 -5.64 -35.50 -32.30
N PRO C 593 -4.97 -36.01 -33.35
CA PRO C 593 -3.64 -35.48 -33.68
C PRO C 593 -3.69 -34.00 -34.03
N GLY C 594 -2.68 -33.27 -33.58
CA GLY C 594 -2.60 -31.84 -33.83
C GLY C 594 -3.40 -31.00 -32.86
N ALA C 595 -4.28 -31.60 -32.06
CA ALA C 595 -5.10 -30.89 -31.08
C ALA C 595 -5.14 -31.80 -29.85
N CYS C 596 -4.24 -31.55 -28.90
CA CYS C 596 -4.12 -32.34 -27.69
C CYS C 596 -4.20 -31.44 -26.47
N TYR C 597 -4.33 -32.07 -25.30
CA TYR C 597 -4.44 -31.36 -24.03
C TYR C 597 -3.24 -30.44 -23.81
N SER C 598 -3.51 -29.23 -23.31
CA SER C 598 -2.44 -28.27 -23.05
C SER C 598 -1.78 -28.49 -21.70
N ARG C 599 -2.54 -28.95 -20.70
CA ARG C 599 -2.01 -29.17 -19.36
C ARG C 599 -1.89 -30.68 -19.13
N PRO C 600 -1.04 -31.11 -18.19
CA PRO C 600 -0.86 -32.54 -17.97
C PRO C 600 -2.12 -33.24 -17.47
N LEU C 601 -2.29 -34.48 -17.92
CA LEU C 601 -3.41 -35.29 -17.47
C LEU C 601 -2.97 -36.02 -16.21
N VAL C 602 -3.78 -35.93 -15.16
CA VAL C 602 -3.45 -36.51 -13.87
C VAL C 602 -4.48 -37.57 -13.48
N SER C 603 -3.97 -38.59 -12.79
CA SER C 603 -4.75 -39.70 -12.27
C SER C 603 -4.51 -39.73 -10.77
N PHE C 604 -5.58 -39.95 -10.00
CA PHE C 604 -5.44 -39.96 -8.54
C PHE C 604 -6.61 -40.72 -7.94
N ARG C 605 -6.51 -40.94 -6.62
CA ARG C 605 -7.53 -41.62 -5.85
C ARG C 605 -7.83 -40.78 -4.61
N TYR C 606 -9.12 -40.61 -4.32
CA TYR C 606 -9.51 -39.82 -3.15
C TYR C 606 -8.98 -40.43 -1.87
N CYS C 607 -9.16 -41.74 -1.69
CA CYS C 607 -8.72 -42.47 -0.52
C CYS C 607 -7.66 -43.47 -0.95
N ASP C 608 -6.73 -43.77 -0.04
CA ASP C 608 -5.66 -44.69 -0.38
C ASP C 608 -6.20 -46.06 -0.80
N GLN C 609 -7.18 -46.59 -0.06
CA GLN C 609 -7.76 -47.89 -0.40
C GLN C 609 -8.92 -47.77 -1.38
N GLY C 610 -9.37 -46.55 -1.69
CA GLY C 610 -10.47 -46.35 -2.59
C GLY C 610 -10.06 -46.44 -4.05
N PRO C 611 -11.03 -46.37 -4.95
CA PRO C 611 -10.72 -46.46 -6.38
C PRO C 611 -10.06 -45.20 -6.89
N LEU C 612 -9.37 -45.33 -8.02
CA LEU C 612 -8.68 -44.22 -8.65
C LEU C 612 -9.57 -43.56 -9.70
N VAL C 613 -9.27 -42.28 -9.96
CA VAL C 613 -10.00 -41.47 -10.92
C VAL C 613 -8.99 -40.77 -11.81
N GLU C 614 -9.48 -40.28 -12.95
CA GLU C 614 -8.65 -39.58 -13.93
C GLU C 614 -9.15 -38.15 -14.09
N GLY C 615 -8.22 -37.24 -14.34
CA GLY C 615 -8.58 -35.85 -14.51
C GLY C 615 -7.46 -35.08 -15.17
N GLN C 616 -7.43 -33.78 -14.89
CA GLN C 616 -6.43 -32.87 -15.44
C GLN C 616 -5.83 -32.04 -14.32
N LEU C 617 -4.56 -31.67 -14.48
CA LEU C 617 -3.86 -30.87 -13.49
C LEU C 617 -4.07 -29.39 -13.80
N GLY C 618 -4.77 -28.69 -12.92
CA GLY C 618 -5.02 -27.29 -13.09
C GLY C 618 -3.89 -26.44 -12.53
N GLU C 619 -4.19 -25.16 -12.36
CA GLU C 619 -3.21 -24.22 -11.84
C GLU C 619 -3.22 -24.23 -10.31
N ASN C 620 -2.03 -24.00 -9.75
CA ASN C 620 -1.82 -23.95 -8.31
C ASN C 620 -2.26 -25.24 -7.62
N ASN C 621 -1.75 -26.37 -8.12
CA ASN C 621 -2.03 -27.69 -7.58
C ASN C 621 -3.51 -28.03 -7.56
N GLU C 622 -4.31 -27.41 -8.42
CA GLU C 622 -5.74 -27.69 -8.46
C GLU C 622 -6.00 -28.88 -9.37
N LEU C 623 -6.52 -29.96 -8.81
CA LEU C 623 -6.82 -31.18 -9.57
C LEU C 623 -8.22 -31.08 -10.14
N ARG C 624 -8.32 -30.77 -11.43
CA ARG C 624 -9.63 -30.68 -12.07
C ARG C 624 -10.23 -32.07 -12.17
N LEU C 625 -11.54 -32.16 -11.94
CA LEU C 625 -12.23 -33.43 -11.99
C LEU C 625 -12.60 -33.80 -13.43
N THR C 626 -12.32 -32.92 -14.38
CA THR C 626 -12.64 -33.15 -15.78
C THR C 626 -11.44 -32.77 -16.64
N ARG C 627 -11.41 -33.34 -17.84
CA ARG C 627 -10.35 -33.11 -18.83
C ARG C 627 -10.96 -32.41 -20.03
N ASP C 628 -10.72 -31.10 -20.16
CA ASP C 628 -11.27 -30.32 -21.27
C ASP C 628 -10.32 -29.26 -21.83
N ALA C 629 -9.08 -29.17 -21.33
CA ALA C 629 -8.16 -28.16 -21.82
C ALA C 629 -7.50 -28.52 -23.14
N ILE C 630 -8.29 -28.65 -24.21
CA ILE C 630 -7.73 -28.97 -25.52
C ILE C 630 -7.10 -27.70 -26.09
N GLU C 631 -6.04 -27.87 -26.87
CA GLU C 631 -5.33 -26.76 -27.48
C GLU C 631 -4.70 -27.28 -28.77
N PRO C 632 -4.65 -26.48 -29.85
CA PRO C 632 -4.02 -26.97 -31.09
C PRO C 632 -2.52 -27.11 -30.91
N CYS C 633 -2.10 -28.19 -30.25
CA CYS C 633 -0.68 -28.42 -30.01
C CYS C 633 0.11 -28.44 -31.31
N THR C 634 1.20 -27.66 -31.34
CA THR C 634 2.05 -27.51 -32.51
C THR C 634 3.50 -27.55 -32.07
N VAL C 635 4.40 -27.77 -33.04
CA VAL C 635 5.84 -27.85 -32.84
C VAL C 635 6.33 -26.60 -32.10
N GLY C 636 7.45 -26.72 -31.40
CA GLY C 636 8.00 -25.61 -30.66
C GLY C 636 7.34 -25.38 -29.33
N HIS C 637 7.09 -26.45 -28.56
CA HIS C 637 6.43 -26.36 -27.27
C HIS C 637 7.36 -26.83 -26.17
N ARG C 638 7.42 -26.06 -25.09
CA ARG C 638 8.25 -26.35 -23.93
C ARG C 638 7.63 -25.58 -22.77
N ARG C 639 7.06 -26.29 -21.80
CA ARG C 639 6.39 -25.63 -20.69
C ARG C 639 6.64 -26.37 -19.38
N TYR C 640 6.22 -25.72 -18.30
CA TYR C 640 6.32 -26.21 -16.94
C TYR C 640 4.94 -26.13 -16.32
N PHE C 641 4.74 -26.87 -15.24
CA PHE C 641 3.46 -26.87 -14.54
C PHE C 641 3.71 -27.09 -13.06
N THR C 642 2.96 -26.39 -12.21
CA THR C 642 3.13 -26.54 -10.77
C THR C 642 2.68 -27.93 -10.36
N PHE C 643 3.50 -28.60 -9.55
CA PHE C 643 3.20 -29.96 -9.09
C PHE C 643 3.79 -30.10 -7.70
N GLY C 644 2.93 -30.17 -6.68
CA GLY C 644 3.42 -30.30 -5.32
C GLY C 644 4.26 -29.10 -4.95
N GLY C 645 5.45 -29.37 -4.42
CA GLY C 645 6.36 -28.31 -4.03
C GLY C 645 7.23 -27.82 -5.16
N GLY C 646 7.47 -28.68 -6.15
CA GLY C 646 8.29 -28.36 -7.30
C GLY C 646 7.48 -28.21 -8.57
N TYR C 647 8.17 -28.31 -9.70
CA TYR C 647 7.58 -28.20 -11.02
C TYR C 647 7.82 -29.48 -11.81
N VAL C 648 6.98 -29.68 -12.84
CA VAL C 648 7.06 -30.83 -13.72
C VAL C 648 7.36 -30.28 -15.11
N TYR C 649 8.46 -30.74 -15.69
CA TYR C 649 8.91 -30.27 -17.00
C TYR C 649 8.24 -31.06 -18.13
N PHE C 650 8.11 -30.41 -19.28
CA PHE C 650 7.53 -31.01 -20.47
C PHE C 650 8.11 -30.35 -21.71
N GLU C 651 8.34 -31.18 -22.74
CA GLU C 651 8.86 -30.74 -24.01
C GLU C 651 8.24 -31.60 -25.10
N GLU C 652 7.71 -30.93 -26.13
CA GLU C 652 7.06 -31.62 -27.24
C GLU C 652 5.92 -32.51 -26.75
N TYR C 653 5.29 -32.10 -25.65
CA TYR C 653 4.18 -32.84 -25.05
C TYR C 653 4.61 -34.25 -24.64
N ALA C 654 5.57 -34.32 -23.72
CA ALA C 654 6.09 -35.57 -23.21
C ALA C 654 6.84 -35.30 -21.91
N TYR C 655 6.51 -36.06 -20.87
CA TYR C 655 7.15 -35.89 -19.58
C TYR C 655 8.64 -36.16 -19.67
N SER C 656 9.43 -35.29 -19.01
CA SER C 656 10.88 -35.42 -19.00
C SER C 656 11.40 -35.71 -17.60
N HIS C 657 11.10 -34.85 -16.63
CA HIS C 657 11.58 -35.03 -15.26
C HIS C 657 11.00 -33.95 -14.37
N GLN C 658 11.27 -34.08 -13.08
CA GLN C 658 10.83 -33.10 -12.10
C GLN C 658 11.88 -32.02 -11.92
N LEU C 659 11.50 -30.93 -11.26
CA LEU C 659 12.39 -29.80 -11.00
C LEU C 659 12.01 -29.17 -9.68
N SER C 660 12.97 -29.08 -8.77
CA SER C 660 12.73 -28.49 -7.46
C SER C 660 12.45 -26.99 -7.58
N ARG C 661 12.02 -26.41 -6.46
CA ARG C 661 11.70 -24.99 -6.44
C ARG C 661 12.93 -24.14 -6.73
N ALA C 662 14.08 -24.49 -6.16
CA ALA C 662 15.30 -23.72 -6.36
C ALA C 662 15.88 -23.87 -7.77
N ASP C 663 15.36 -24.80 -8.57
CA ASP C 663 15.88 -24.99 -9.92
C ASP C 663 15.50 -23.86 -10.87
N ILE C 664 14.60 -22.97 -10.48
CA ILE C 664 14.16 -21.86 -11.30
C ILE C 664 14.48 -20.57 -10.57
N THR C 665 15.06 -19.61 -11.28
CA THR C 665 15.43 -18.34 -10.68
C THR C 665 14.17 -17.60 -10.19
N THR C 666 14.30 -16.94 -9.04
CA THR C 666 13.19 -16.21 -8.45
C THR C 666 13.44 -14.71 -8.56
N VAL C 667 12.35 -13.95 -8.71
CA VAL C 667 12.40 -12.50 -8.82
C VAL C 667 11.37 -11.90 -7.88
N SER C 668 11.74 -10.78 -7.27
CA SER C 668 10.84 -10.10 -6.35
C SER C 668 9.65 -9.51 -7.10
N THR C 669 8.46 -9.66 -6.50
CA THR C 669 7.23 -9.13 -7.07
C THR C 669 6.62 -8.06 -6.17
N PHE C 670 7.21 -7.82 -5.00
CA PHE C 670 6.73 -6.82 -4.06
C PHE C 670 7.93 -6.06 -3.52
N ILE C 671 7.73 -4.77 -3.29
CA ILE C 671 8.77 -3.89 -2.78
C ILE C 671 8.73 -3.88 -1.27
N ASP C 672 9.90 -4.07 -0.67
CA ASP C 672 10.01 -4.05 0.79
C ASP C 672 10.04 -2.61 1.28
N LEU C 673 10.01 -2.43 2.60
CA LEU C 673 10.03 -1.09 3.15
C LEU C 673 11.38 -0.41 2.96
N ASN C 674 12.44 -1.16 2.67
CA ASN C 674 13.75 -0.57 2.47
C ASN C 674 13.77 0.20 1.15
N HIS C 692 18.93 -7.23 -8.29
CA HIS C 692 18.25 -8.03 -9.29
C HIS C 692 19.25 -8.85 -10.10
N GLU C 693 18.77 -9.88 -10.79
CA GLU C 693 19.64 -10.73 -11.61
C GLU C 693 18.80 -11.32 -12.74
N ILE C 694 18.90 -10.70 -13.92
CA ILE C 694 18.21 -11.14 -15.12
C ILE C 694 19.15 -10.89 -16.28
N LYS C 695 19.21 -11.82 -17.23
CA LYS C 695 20.14 -11.69 -18.34
C LYS C 695 19.69 -12.60 -19.48
N ASP C 696 20.61 -12.79 -20.44
CA ASP C 696 20.44 -13.63 -21.64
C ASP C 696 19.64 -12.93 -22.73
N SER C 697 20.00 -13.22 -23.98
CA SER C 697 19.35 -12.64 -25.16
C SER C 697 18.68 -13.74 -25.97
N GLY C 698 17.76 -13.33 -26.83
CA GLY C 698 17.06 -14.28 -27.66
C GLY C 698 17.87 -14.75 -28.85
N LEU C 699 17.32 -15.75 -29.55
CA LEU C 699 17.96 -16.34 -30.72
C LEU C 699 17.41 -15.66 -31.98
N LEU C 700 18.02 -14.52 -32.31
CA LEU C 700 17.59 -13.74 -33.47
C LEU C 700 17.85 -14.45 -34.79
N ASP C 701 18.82 -15.37 -34.82
CA ASP C 701 19.18 -16.07 -36.05
C ASP C 701 18.36 -17.34 -36.30
N TYR C 702 17.17 -17.46 -35.72
CA TYR C 702 16.34 -18.64 -35.95
C TYR C 702 15.91 -18.73 -37.41
N VAL D 1 31.94 -20.41 45.42
CA VAL D 1 31.95 -21.30 44.22
C VAL D 1 33.26 -22.09 44.20
N GLN D 2 33.16 -23.39 43.92
CA GLN D 2 34.34 -24.24 43.87
C GLN D 2 34.04 -25.46 43.01
N LEU D 3 35.10 -26.01 42.44
CA LEU D 3 35.04 -27.19 41.59
C LEU D 3 36.07 -28.19 42.10
N VAL D 4 35.80 -29.48 41.91
CA VAL D 4 36.69 -30.55 42.38
C VAL D 4 36.91 -31.55 41.25
N GLU D 5 38.17 -31.82 40.92
CA GLU D 5 38.51 -32.78 39.88
C GLU D 5 38.97 -34.09 40.50
N THR D 6 38.71 -35.20 39.81
CA THR D 6 39.09 -36.53 40.29
C THR D 6 39.40 -37.43 39.10
N GLY D 7 40.17 -38.48 39.37
CA GLY D 7 40.54 -39.47 38.36
C GLY D 7 41.96 -39.41 37.85
N GLY D 8 42.81 -38.54 38.39
CA GLY D 8 44.19 -38.47 37.93
C GLY D 8 45.09 -39.49 38.59
N GLY D 9 46.30 -39.60 38.05
CA GLY D 9 47.28 -40.52 38.57
C GLY D 9 48.36 -40.80 37.55
N VAL D 10 49.43 -41.43 38.03
CA VAL D 10 50.55 -41.77 37.17
C VAL D 10 50.16 -42.96 36.31
N VAL D 11 50.18 -42.78 34.98
CA VAL D 11 49.81 -43.83 34.05
C VAL D 11 50.80 -43.85 32.89
N ARG D 12 51.23 -45.05 32.49
CA ARG D 12 52.16 -45.16 31.38
C ARG D 12 51.43 -44.92 30.06
N PRO D 13 52.15 -44.51 28.99
CA PRO D 13 51.47 -44.27 27.71
C PRO D 13 50.93 -45.55 27.08
N GLY D 14 49.93 -45.42 26.21
CA GLY D 14 49.35 -46.57 25.54
C GLY D 14 48.13 -47.17 26.17
N ARG D 15 47.26 -46.37 26.79
CA ARG D 15 46.05 -46.87 27.42
C ARG D 15 45.07 -45.73 27.63
N SER D 16 43.83 -46.09 27.97
CA SER D 16 42.78 -45.12 28.19
C SER D 16 42.72 -44.68 29.65
N LEU D 17 41.92 -43.64 29.89
CA LEU D 17 41.75 -43.09 31.23
C LEU D 17 40.43 -42.32 31.27
N ARG D 18 39.75 -42.41 32.40
CA ARG D 18 38.47 -41.74 32.62
C ARG D 18 38.61 -40.84 33.85
N LEU D 19 38.08 -39.61 33.74
CA LEU D 19 38.15 -38.65 34.83
C LEU D 19 36.91 -37.77 34.79
N SER D 20 36.62 -37.11 35.90
CA SER D 20 35.45 -36.25 35.98
C SER D 20 35.67 -35.11 36.97
N CYS D 21 34.77 -34.12 36.91
CA CYS D 21 34.80 -32.94 37.77
C CYS D 21 33.40 -32.64 38.28
N THR D 22 33.26 -32.56 39.60
CA THR D 22 31.98 -32.23 40.21
C THR D 22 31.90 -30.72 40.41
N THR D 23 30.67 -30.20 40.42
CA THR D 23 30.44 -28.77 40.58
C THR D 23 29.50 -28.50 41.75
N SER D 24 29.69 -27.34 42.38
CA SER D 24 28.88 -26.94 43.52
C SER D 24 29.06 -25.45 43.77
N GLY D 25 28.11 -24.86 44.50
CA GLY D 25 28.15 -23.46 44.84
C GLY D 25 27.62 -22.50 43.79
N PHE D 26 27.06 -22.99 42.69
CA PHE D 26 26.54 -22.11 41.65
C PHE D 26 25.56 -22.88 40.78
N SER D 27 24.91 -22.14 39.88
CA SER D 27 23.94 -22.73 38.96
C SER D 27 24.65 -23.48 37.84
N PHE D 28 24.99 -24.74 38.09
CA PHE D 28 25.68 -25.54 37.08
C PHE D 28 24.81 -25.78 35.86
N SER D 29 23.50 -25.93 36.06
CA SER D 29 22.59 -26.19 34.95
C SER D 29 22.53 -25.03 33.96
N GLY D 30 22.65 -23.79 34.43
CA GLY D 30 22.58 -22.62 33.57
C GLY D 30 23.90 -22.01 33.15
N SER D 31 25.01 -22.75 33.23
CA SER D 31 26.33 -22.25 32.86
C SER D 31 27.09 -23.29 32.05
N ALA D 32 27.87 -22.82 31.07
CA ALA D 32 28.67 -23.73 30.28
C ALA D 32 29.86 -24.20 31.12
N MET D 33 30.77 -24.95 30.49
CA MET D 33 31.92 -25.45 31.24
C MET D 33 33.09 -25.68 30.31
N HIS D 34 34.31 -25.50 30.85
CA HIS D 34 35.56 -25.67 30.13
C HIS D 34 36.45 -26.72 30.80
N TRP D 35 37.46 -27.14 30.03
CA TRP D 35 38.48 -28.10 30.44
C TRP D 35 39.81 -27.59 29.91
N VAL D 36 40.81 -27.48 30.79
CA VAL D 36 42.12 -26.95 30.40
C VAL D 36 43.22 -27.94 30.79
N ARG D 37 44.35 -27.85 30.10
CA ARG D 37 45.51 -28.70 30.32
C ARG D 37 46.73 -27.82 30.55
N GLN D 38 47.67 -28.30 31.37
CA GLN D 38 48.89 -27.56 31.66
C GLN D 38 50.04 -28.53 31.89
N ALA D 39 51.02 -28.55 31.00
CA ALA D 39 52.15 -29.44 31.17
C ALA D 39 53.01 -28.99 32.36
N PRO D 40 53.85 -29.89 32.94
CA PRO D 40 54.67 -29.49 34.09
C PRO D 40 55.61 -28.33 33.79
N GLY D 41 55.39 -27.19 34.45
CA GLY D 41 56.23 -26.03 34.27
C GLY D 41 55.98 -25.23 33.02
N LYS D 42 55.03 -25.63 32.18
CA LYS D 42 54.73 -24.91 30.95
C LYS D 42 53.50 -24.02 31.14
N GLY D 43 53.06 -23.42 30.04
CA GLY D 43 51.90 -22.54 30.08
C GLY D 43 50.59 -23.32 30.02
N LEU D 44 49.50 -22.57 29.92
CA LEU D 44 48.16 -23.15 29.86
C LEU D 44 47.79 -23.46 28.41
N GLU D 45 46.95 -24.48 28.23
CA GLU D 45 46.50 -24.85 26.89
C GLU D 45 45.12 -25.51 27.02
N TRP D 46 44.15 -24.94 26.31
CA TRP D 46 42.76 -25.39 26.33
C TRP D 46 42.59 -26.82 25.83
N VAL D 47 41.48 -27.46 26.26
CA VAL D 47 41.15 -28.84 25.88
C VAL D 47 39.78 -28.93 25.21
N ALA D 48 38.70 -28.58 25.92
CA ALA D 48 37.36 -28.68 25.35
C ALA D 48 36.40 -27.70 26.03
N VAL D 49 35.15 -27.73 25.56
CA VAL D 49 34.07 -26.87 26.05
C VAL D 49 32.73 -27.56 25.87
N ILE D 50 31.85 -27.36 26.85
CA ILE D 50 30.49 -27.92 26.82
C ILE D 50 29.54 -26.81 27.26
N SER D 51 28.49 -26.60 26.47
CA SER D 51 27.52 -25.56 26.79
C SER D 51 26.66 -25.96 27.99
N HIS D 52 25.81 -25.02 28.42
CA HIS D 52 24.94 -25.30 29.55
C HIS D 52 23.93 -26.40 29.23
N ASP D 53 23.49 -26.46 27.97
CA ASP D 53 22.55 -27.48 27.52
C ASP D 53 23.24 -28.72 26.99
N GLY D 54 24.47 -28.60 26.48
CA GLY D 54 25.22 -29.73 25.97
C GLY D 54 24.97 -30.10 24.52
N ASN D 55 24.27 -29.26 23.74
CA ASN D 55 24.01 -29.58 22.35
C ASN D 55 25.12 -29.14 21.41
N ILE D 56 26.12 -28.39 21.89
CA ILE D 56 27.24 -27.91 21.08
C ILE D 56 28.52 -28.15 21.85
N ILE D 57 29.51 -28.74 21.18
CA ILE D 57 30.80 -29.06 21.79
C ILE D 57 31.92 -28.73 20.81
N GLN D 58 33.05 -28.27 21.35
CA GLN D 58 34.23 -27.93 20.57
C GLN D 58 35.44 -28.52 21.29
N TYR D 59 36.45 -28.90 20.52
CA TYR D 59 37.67 -29.50 21.07
C TYR D 59 38.91 -28.86 20.47
N HIS D 60 40.04 -29.13 21.10
CA HIS D 60 41.32 -28.65 20.61
C HIS D 60 41.80 -29.62 19.53
N ASP D 61 42.48 -29.10 18.51
CA ASP D 61 42.95 -29.96 17.43
C ASP D 61 43.89 -31.05 17.93
N SER D 62 44.68 -30.76 18.97
CA SER D 62 45.60 -31.74 19.51
C SER D 62 44.90 -32.85 20.29
N VAL D 63 43.64 -32.65 20.69
CA VAL D 63 42.89 -33.64 21.45
C VAL D 63 41.57 -34.02 20.79
N LYS D 64 41.29 -33.55 19.58
CA LYS D 64 40.04 -33.89 18.91
C LYS D 64 39.99 -35.39 18.64
N GLY D 65 38.87 -36.00 19.02
CA GLY D 65 38.69 -37.44 18.84
C GLY D 65 39.33 -38.27 19.93
N ARG D 66 40.60 -37.99 20.25
CA ARG D 66 41.27 -38.74 21.30
C ARG D 66 40.64 -38.52 22.67
N PHE D 67 39.96 -37.38 22.86
CA PHE D 67 39.31 -37.03 24.11
C PHE D 67 37.84 -36.73 23.86
N THR D 68 37.02 -36.91 24.91
CA THR D 68 35.59 -36.64 24.85
C THR D 68 35.17 -35.97 26.16
N ILE D 69 34.10 -35.18 26.08
CA ILE D 69 33.57 -34.44 27.22
C ILE D 69 32.06 -34.67 27.29
N SER D 70 31.57 -34.83 28.51
CA SER D 70 30.15 -35.04 28.76
C SER D 70 29.81 -34.46 30.12
N ARG D 71 28.55 -34.05 30.28
CA ARG D 71 28.08 -33.46 31.52
C ARG D 71 26.75 -34.08 31.92
N ASP D 72 26.36 -33.78 33.16
CA ASP D 72 25.10 -34.28 33.73
C ASP D 72 24.72 -33.36 34.88
N ASN D 73 23.59 -32.66 34.75
CA ASN D 73 23.16 -31.75 35.79
C ASN D 73 22.52 -32.45 36.98
N SER D 74 21.93 -33.64 36.77
CA SER D 74 21.30 -34.35 37.87
C SER D 74 22.30 -34.68 38.99
N LYS D 75 23.56 -34.90 38.64
CA LYS D 75 24.62 -35.20 39.61
C LYS D 75 25.72 -34.15 39.58
N ASN D 76 25.42 -32.95 39.07
CA ASN D 76 26.32 -31.78 38.96
C ASN D 76 27.77 -32.20 38.72
N VAL D 77 27.99 -33.08 37.75
CA VAL D 77 29.30 -33.62 37.43
C VAL D 77 29.61 -33.46 35.95
N LEU D 78 30.88 -33.23 35.65
CA LEU D 78 31.41 -33.10 34.30
C LEU D 78 32.27 -34.33 34.06
N LEU D 79 31.89 -35.16 33.10
CA LEU D 79 32.60 -36.40 32.80
C LEU D 79 33.39 -36.28 31.51
N LEU D 80 34.61 -36.80 31.53
CA LEU D 80 35.51 -36.80 30.38
C LEU D 80 36.11 -38.19 30.24
N GLN D 81 36.50 -38.52 29.02
CA GLN D 81 37.08 -39.82 28.71
C GLN D 81 38.04 -39.63 27.53
N MET D 82 38.98 -40.56 27.38
CA MET D 82 39.94 -40.49 26.30
C MET D 82 40.51 -41.89 26.08
N ASN D 83 41.45 -42.01 25.15
CA ASN D 83 42.05 -43.29 24.82
C ASN D 83 43.49 -43.15 24.36
N SER D 84 44.32 -44.13 24.72
CA SER D 84 45.73 -44.20 24.33
C SER D 84 46.52 -42.93 24.60
N LEU D 85 46.74 -42.59 25.86
CA LEU D 85 47.51 -41.40 26.20
C LEU D 85 48.97 -41.57 25.78
N ARG D 86 49.56 -40.49 25.30
CA ARG D 86 50.95 -40.46 24.88
C ARG D 86 51.80 -39.81 25.98
N VAL D 87 53.12 -39.85 25.79
CA VAL D 87 54.01 -39.26 26.79
C VAL D 87 53.83 -37.76 26.85
N ASP D 88 53.62 -37.11 25.71
CA ASP D 88 53.44 -35.65 25.71
C ASP D 88 52.14 -35.24 26.39
N ASP D 89 51.18 -36.16 26.55
CA ASP D 89 49.92 -35.83 27.20
C ASP D 89 50.07 -35.61 28.70
N THR D 90 51.23 -35.91 29.28
CA THR D 90 51.47 -35.71 30.70
C THR D 90 51.26 -34.24 31.03
N ALA D 91 50.22 -33.94 31.81
CA ALA D 91 49.95 -32.55 32.11
C ALA D 91 48.92 -32.44 33.22
N MET D 92 48.83 -31.23 33.78
CA MET D 92 47.88 -30.91 34.83
C MET D 92 46.57 -30.51 34.18
N TYR D 93 45.45 -31.00 34.74
CA TYR D 93 44.13 -30.73 34.18
C TYR D 93 43.22 -30.09 35.22
N TYR D 94 42.27 -29.28 34.73
CA TYR D 94 41.30 -28.60 35.56
C TYR D 94 40.00 -28.43 34.80
N CYS D 95 38.93 -28.17 35.56
CA CYS D 95 37.61 -27.89 35.02
C CYS D 95 37.32 -26.43 35.32
N ALA D 96 37.14 -25.63 34.26
CA ALA D 96 36.91 -24.20 34.39
C ALA D 96 35.49 -23.82 33.98
N ARG D 97 34.90 -22.91 34.76
CA ARG D 97 33.55 -22.42 34.50
C ARG D 97 33.59 -21.18 33.63
N ASP D 98 32.77 -21.16 32.58
CA ASP D 98 32.73 -20.05 31.64
C ASP D 98 32.26 -18.74 32.29
N VAL D 99 32.79 -17.64 31.77
CA VAL D 99 32.41 -16.33 32.29
C VAL D 99 30.93 -16.12 31.97
N TRP D 100 30.15 -15.80 32.99
CA TRP D 100 28.71 -15.63 32.81
C TRP D 100 28.36 -14.21 32.38
N LEU D 101 27.85 -14.07 31.16
CA LEU D 101 27.42 -12.79 30.61
C LEU D 101 25.93 -12.81 30.29
N LEU D 102 25.46 -13.79 29.53
CA LEU D 102 24.05 -13.92 29.18
C LEU D 102 23.70 -15.40 29.12
N PRO D 103 22.45 -15.78 29.43
CA PRO D 103 22.11 -17.21 29.37
C PRO D 103 22.21 -17.82 27.98
N ALA D 104 21.91 -17.06 26.93
CA ALA D 104 21.96 -17.57 25.57
C ALA D 104 23.31 -17.38 24.90
N THR D 105 24.40 -17.30 25.65
CA THR D 105 25.72 -17.10 25.05
C THR D 105 26.78 -17.88 25.83
N ILE D 106 27.88 -18.13 25.14
CA ILE D 106 29.06 -18.81 25.69
C ILE D 106 30.22 -17.85 25.48
N SER D 107 30.86 -17.46 26.57
CA SER D 107 31.96 -16.49 26.50
C SER D 107 33.24 -17.06 25.91
N TYR D 108 33.38 -18.38 25.79
CA TYR D 108 34.61 -18.98 25.28
C TYR D 108 35.80 -18.55 26.13
N ALA D 109 35.55 -18.39 27.42
CA ALA D 109 36.54 -17.98 28.40
C ALA D 109 36.17 -18.68 29.70
N PHE D 110 36.71 -18.20 30.81
CA PHE D 110 36.41 -18.82 32.09
C PHE D 110 36.81 -17.91 33.23
N ASP D 111 36.11 -18.06 34.37
CA ASP D 111 36.32 -17.24 35.56
C ASP D 111 36.50 -18.02 36.85
N PHE D 112 36.15 -19.30 36.91
CA PHE D 112 36.30 -20.11 38.12
C PHE D 112 36.98 -21.42 37.74
N TRP D 113 37.74 -21.97 38.68
CA TRP D 113 38.49 -23.21 38.48
C TRP D 113 38.29 -24.12 39.69
N GLY D 114 38.88 -25.31 39.61
CA GLY D 114 38.85 -26.29 40.66
C GLY D 114 40.25 -26.61 41.13
N GLN D 115 40.34 -27.57 42.06
CA GLN D 115 41.66 -27.95 42.58
C GLN D 115 42.53 -28.54 41.49
N GLY D 116 41.96 -29.38 40.62
CA GLY D 116 42.69 -29.99 39.53
C GLY D 116 43.18 -31.39 39.84
N THR D 117 43.53 -32.13 38.78
CA THR D 117 44.04 -33.49 38.91
C THR D 117 45.22 -33.63 37.95
N MET D 118 46.26 -34.32 38.42
CA MET D 118 47.47 -34.53 37.64
C MET D 118 47.49 -35.93 37.01
N VAL D 119 48.02 -36.00 35.80
CA VAL D 119 48.15 -37.24 35.05
C VAL D 119 49.54 -37.28 34.43
N THR D 120 50.22 -38.41 34.58
CA THR D 120 51.56 -38.57 34.04
C THR D 120 51.75 -40.00 33.51
N VAL E 1 38.12 44.90 5.78
CA VAL E 1 37.45 44.85 4.44
C VAL E 1 37.46 46.24 3.82
N GLN E 2 37.95 46.34 2.59
CA GLN E 2 38.01 47.62 1.89
C GLN E 2 37.96 47.35 0.39
N LEU E 3 37.34 48.28 -0.33
CA LEU E 3 37.19 48.20 -1.77
C LEU E 3 37.74 49.49 -2.37
N VAL E 4 38.22 49.41 -3.62
CA VAL E 4 38.81 50.55 -4.30
C VAL E 4 38.20 50.67 -5.70
N GLU E 5 37.72 51.88 -6.03
CA GLU E 5 37.15 52.14 -7.35
C GLU E 5 38.13 52.97 -8.17
N THR E 6 38.08 52.79 -9.50
CA THR E 6 38.96 53.52 -10.41
C THR E 6 38.26 53.69 -11.74
N GLY E 7 38.73 54.68 -12.52
CA GLY E 7 38.21 54.98 -13.83
C GLY E 7 37.33 56.21 -13.95
N GLY E 8 36.90 56.80 -12.84
CA GLY E 8 36.06 57.99 -12.92
C GLY E 8 36.84 59.24 -13.27
N GLY E 9 36.12 60.23 -13.79
CA GLY E 9 36.74 61.49 -14.17
C GLY E 9 35.73 62.38 -14.86
N VAL E 10 36.16 63.62 -15.11
CA VAL E 10 35.31 64.59 -15.79
C VAL E 10 35.24 64.25 -17.27
N VAL E 11 34.04 63.98 -17.77
CA VAL E 11 33.82 63.62 -19.17
C VAL E 11 32.57 64.32 -19.68
N ARG E 12 32.66 64.84 -20.91
CA ARG E 12 31.51 65.53 -21.48
C ARG E 12 30.45 64.50 -21.90
N PRO E 13 29.15 64.86 -21.90
CA PRO E 13 28.14 63.88 -22.30
C PRO E 13 28.24 63.48 -23.77
N GLY E 14 27.80 62.26 -24.09
CA GLY E 14 27.81 61.78 -25.46
C GLY E 14 28.95 60.86 -25.85
N ARG E 15 29.44 60.02 -24.94
CA ARG E 15 30.52 59.10 -25.26
C ARG E 15 30.55 57.99 -24.21
N SER E 16 31.33 56.94 -24.49
CA SER E 16 31.43 55.80 -23.59
C SER E 16 32.55 55.99 -22.57
N LEU E 17 32.55 55.10 -21.57
CA LEU E 17 33.53 55.10 -20.50
C LEU E 17 33.58 53.72 -19.87
N ARG E 18 34.75 53.35 -19.38
CA ARG E 18 35.00 52.07 -18.73
C ARG E 18 35.58 52.30 -17.34
N LEU E 19 35.10 51.54 -16.36
CA LEU E 19 35.57 51.67 -14.98
C LEU E 19 35.46 50.32 -14.29
N SER E 20 36.20 50.16 -13.19
CA SER E 20 36.20 48.90 -12.46
C SER E 20 36.50 49.14 -10.99
N CYS E 21 36.37 48.07 -10.20
CA CYS E 21 36.62 48.08 -8.77
C CYS E 21 37.30 46.79 -8.34
N THR E 22 38.38 46.92 -7.56
CA THR E 22 39.10 45.76 -7.03
C THR E 22 38.60 45.47 -5.62
N THR E 23 38.77 44.23 -5.18
CA THR E 23 38.32 43.80 -3.87
C THR E 23 39.44 43.12 -3.10
N SER E 24 39.37 43.23 -1.78
CA SER E 24 40.37 42.63 -0.90
C SER E 24 39.83 42.61 0.52
N GLY E 25 40.46 41.79 1.36
CA GLY E 25 40.08 41.68 2.76
C GLY E 25 38.92 40.75 3.06
N PHE E 26 38.45 39.96 2.08
CA PHE E 26 37.33 39.06 2.32
C PHE E 26 37.26 38.06 1.17
N SER E 27 36.30 37.14 1.29
CA SER E 27 36.09 36.11 0.27
C SER E 27 35.30 36.69 -0.89
N PHE E 28 36.00 37.25 -1.87
CA PHE E 28 35.34 37.84 -3.03
C PHE E 28 34.60 36.80 -3.86
N SER E 29 35.20 35.62 -4.01
CA SER E 29 34.56 34.58 -4.81
C SER E 29 33.23 34.12 -4.21
N GLY E 30 33.11 34.13 -2.89
CA GLY E 30 31.90 33.69 -2.22
C GLY E 30 30.90 34.76 -1.84
N SER E 31 30.96 35.94 -2.43
CA SER E 31 30.04 37.02 -2.13
C SER E 31 29.55 37.73 -3.39
N ALA E 32 28.26 38.04 -3.43
CA ALA E 32 27.70 38.76 -4.56
C ALA E 32 28.10 40.22 -4.46
N MET E 33 28.24 40.87 -5.62
CA MET E 33 28.68 42.25 -5.66
C MET E 33 27.63 43.10 -6.37
N HIS E 34 27.69 44.42 -6.16
CA HIS E 34 26.76 45.36 -6.76
C HIS E 34 27.46 46.65 -7.18
N TRP E 35 26.64 47.62 -7.63
CA TRP E 35 27.10 48.93 -8.05
C TRP E 35 26.02 49.95 -7.69
N VAL E 36 26.43 51.11 -7.14
CA VAL E 36 25.51 52.16 -6.73
C VAL E 36 25.96 53.50 -7.31
N ARG E 37 25.01 54.43 -7.42
CA ARG E 37 25.24 55.76 -7.95
C ARG E 37 24.65 56.79 -6.99
N GLN E 38 25.24 57.99 -6.98
CA GLN E 38 24.78 59.08 -6.11
C GLN E 38 25.11 60.40 -6.79
N ALA E 39 24.08 61.17 -7.17
CA ALA E 39 24.34 62.45 -7.81
C ALA E 39 24.92 63.43 -6.79
N PRO E 40 25.59 64.51 -7.25
CA PRO E 40 26.17 65.47 -6.30
C PRO E 40 25.15 66.10 -5.36
N GLY E 41 25.27 65.81 -4.07
CA GLY E 41 24.37 66.36 -3.08
C GLY E 41 23.00 65.73 -3.02
N LYS E 42 22.75 64.67 -3.78
CA LYS E 42 21.45 64.00 -3.79
C LYS E 42 21.54 62.67 -3.04
N GLY E 43 20.46 61.90 -3.12
CA GLY E 43 20.40 60.62 -2.44
C GLY E 43 21.08 59.51 -3.21
N LEU E 44 20.96 58.30 -2.65
CA LEU E 44 21.55 57.11 -3.26
C LEU E 44 20.59 56.47 -4.24
N GLU E 45 21.16 55.81 -5.25
CA GLU E 45 20.39 55.10 -6.26
C GLU E 45 21.19 53.91 -6.77
N TRP E 46 20.53 52.75 -6.77
CA TRP E 46 21.16 51.50 -7.20
C TRP E 46 21.42 51.49 -8.70
N VAL E 47 22.42 50.71 -9.13
CA VAL E 47 22.80 50.60 -10.53
C VAL E 47 22.69 49.17 -11.06
N ALA E 48 23.46 48.24 -10.48
CA ALA E 48 23.43 46.85 -10.96
C ALA E 48 23.76 45.89 -9.82
N VAL E 49 23.78 44.60 -10.16
CA VAL E 49 24.07 43.53 -9.21
C VAL E 49 24.65 42.34 -9.95
N ILE E 50 25.59 41.65 -9.30
CA ILE E 50 26.23 40.45 -9.84
C ILE E 50 26.34 39.45 -8.70
N SER E 51 25.95 38.21 -8.98
CA SER E 51 25.99 37.16 -7.96
C SER E 51 27.44 36.71 -7.71
N HIS E 52 27.61 35.88 -6.68
CA HIS E 52 28.93 35.36 -6.37
C HIS E 52 29.48 34.51 -7.50
N ASP E 53 28.60 33.78 -8.19
CA ASP E 53 28.99 32.95 -9.33
C ASP E 53 28.95 33.72 -10.65
N GLY E 54 28.21 34.83 -10.70
CA GLY E 54 28.12 35.65 -11.89
C GLY E 54 27.22 35.15 -12.99
N ASN E 55 26.22 34.30 -12.69
CA ASN E 55 25.32 33.79 -13.71
C ASN E 55 23.97 34.50 -13.75
N ILE E 56 23.73 35.48 -12.87
CA ILE E 56 22.48 36.23 -12.84
C ILE E 56 22.80 37.70 -12.60
N ILE E 57 22.16 38.58 -13.38
CA ILE E 57 22.38 40.02 -13.29
C ILE E 57 21.07 40.77 -13.43
N GLN E 58 20.98 41.90 -12.73
CA GLN E 58 19.82 42.79 -12.76
C GLN E 58 20.33 44.22 -12.84
N TYR E 59 19.60 45.06 -13.57
CA TYR E 59 19.96 46.46 -13.76
C TYR E 59 18.78 47.38 -13.47
N HIS E 60 19.11 48.63 -13.14
CA HIS E 60 18.09 49.63 -12.89
C HIS E 60 17.51 50.05 -14.23
N ASP E 61 16.22 50.40 -14.24
CA ASP E 61 15.59 50.79 -15.50
C ASP E 61 16.25 52.01 -16.11
N SER E 62 16.76 52.92 -15.28
CA SER E 62 17.41 54.12 -15.80
C SER E 62 18.77 53.82 -16.41
N VAL E 63 19.39 52.70 -16.04
CA VAL E 63 20.70 52.31 -16.53
C VAL E 63 20.69 51.00 -17.30
N LYS E 64 19.53 50.38 -17.53
CA LYS E 64 19.48 49.12 -18.25
C LYS E 64 19.92 49.31 -19.70
N GLY E 65 20.82 48.43 -20.15
CA GLY E 65 21.33 48.50 -21.50
C GLY E 65 22.47 49.49 -21.66
N ARG E 66 22.24 50.73 -21.23
CA ARG E 66 23.27 51.76 -21.34
C ARG E 66 24.50 51.42 -20.50
N PHE E 67 24.34 50.63 -19.45
CA PHE E 67 25.41 50.24 -18.55
C PHE E 67 25.46 48.72 -18.43
N THR E 68 26.66 48.19 -18.20
CA THR E 68 26.86 46.75 -18.04
C THR E 68 27.84 46.50 -16.90
N ILE E 69 27.76 45.29 -16.33
CA ILE E 69 28.61 44.87 -15.23
C ILE E 69 29.23 43.52 -15.53
N SER E 70 30.39 43.27 -14.93
CA SER E 70 31.11 42.01 -15.12
C SER E 70 32.16 41.89 -14.01
N ARG E 71 32.36 40.65 -13.56
CA ARG E 71 33.30 40.37 -12.48
C ARG E 71 34.33 39.34 -12.92
N ASP E 72 35.35 39.18 -12.09
CA ASP E 72 36.44 38.23 -12.34
C ASP E 72 37.10 37.93 -11.00
N ASN E 73 36.97 36.68 -10.55
CA ASN E 73 37.55 36.30 -9.26
C ASN E 73 39.06 36.12 -9.33
N SER E 74 39.61 35.76 -10.50
CA SER E 74 41.05 35.57 -10.60
C SER E 74 41.84 36.83 -10.28
N LYS E 75 41.27 38.01 -10.55
CA LYS E 75 41.92 39.29 -10.28
C LYS E 75 41.17 40.09 -9.23
N ASN E 76 40.20 39.49 -8.55
CA ASN E 76 39.38 40.13 -7.50
C ASN E 76 38.90 41.53 -7.93
N VAL E 77 38.54 41.65 -9.20
CA VAL E 77 38.10 42.92 -9.79
C VAL E 77 36.68 42.80 -10.33
N LEU E 78 35.96 43.92 -10.27
CA LEU E 78 34.61 44.05 -10.78
C LEU E 78 34.67 45.08 -11.90
N LEU E 79 34.41 44.64 -13.13
CA LEU E 79 34.49 45.50 -14.30
C LEU E 79 33.11 45.94 -14.76
N LEU E 80 33.01 47.20 -15.17
CA LEU E 80 31.78 47.79 -15.66
C LEU E 80 32.10 48.57 -16.93
N GLN E 81 31.09 48.74 -17.77
CA GLN E 81 31.23 49.46 -19.03
C GLN E 81 29.89 50.10 -19.33
N MET E 82 29.89 51.14 -20.17
CA MET E 82 28.67 51.83 -20.53
C MET E 82 28.91 52.60 -21.82
N ASN E 83 27.89 53.31 -22.29
CA ASN E 83 27.97 54.06 -23.53
C ASN E 83 27.09 55.30 -23.50
N SER E 84 27.55 56.36 -24.16
CA SER E 84 26.83 57.62 -24.29
C SER E 84 26.30 58.19 -22.98
N LEU E 85 27.19 58.62 -22.09
CA LEU E 85 26.73 59.19 -20.82
C LEU E 85 26.01 60.51 -21.06
N ARG E 86 24.93 60.72 -20.34
CA ARG E 86 24.14 61.94 -20.42
C ARG E 86 24.59 62.91 -19.33
N VAL E 87 24.05 64.13 -19.37
CA VAL E 87 24.42 65.11 -18.35
C VAL E 87 23.90 64.70 -16.98
N ASP E 88 22.69 64.12 -16.93
CA ASP E 88 22.15 63.68 -15.64
C ASP E 88 22.93 62.51 -15.06
N ASP E 89 23.71 61.80 -15.85
CA ASP E 89 24.50 60.68 -15.37
C ASP E 89 25.64 61.11 -14.45
N THR E 90 25.94 62.41 -14.40
CA THR E 90 27.00 62.93 -13.53
C THR E 90 26.67 62.51 -12.09
N ALA E 91 27.48 61.62 -11.52
CA ALA E 91 27.19 61.18 -10.17
C ALA E 91 28.39 60.44 -9.59
N MET E 92 28.31 60.21 -8.28
CA MET E 92 29.34 59.52 -7.54
C MET E 92 29.00 58.02 -7.53
N TYR E 93 29.95 57.19 -7.94
CA TYR E 93 29.74 55.76 -8.03
C TYR E 93 30.62 55.03 -7.03
N TYR E 94 30.13 53.87 -6.59
CA TYR E 94 30.83 53.02 -5.63
C TYR E 94 30.58 51.56 -5.92
N CYS E 95 31.45 50.73 -5.36
CA CYS E 95 31.33 49.27 -5.44
C CYS E 95 31.11 48.81 -4.00
N ALA E 96 30.00 48.12 -3.77
CA ALA E 96 29.65 47.69 -2.42
C ALA E 96 29.35 46.20 -2.37
N ARG E 97 29.70 45.58 -1.24
CA ARG E 97 29.49 44.15 -1.03
C ARG E 97 28.10 43.92 -0.44
N ASP E 98 27.54 42.75 -0.73
CA ASP E 98 26.20 42.43 -0.26
C ASP E 98 26.20 41.84 1.15
N VAL E 99 25.09 42.05 1.85
CA VAL E 99 24.95 41.51 3.21
C VAL E 99 25.02 40.00 3.11
N TRP E 100 25.99 39.40 3.80
CA TRP E 100 26.19 37.95 3.75
C TRP E 100 25.31 37.25 4.78
N LEU E 101 24.41 36.39 4.30
CA LEU E 101 23.52 35.59 5.14
C LEU E 101 23.71 34.10 4.91
N LEU E 102 23.67 33.66 3.65
CA LEU E 102 23.86 32.26 3.29
C LEU E 102 24.56 32.20 1.93
N PRO E 103 25.36 31.14 1.68
CA PRO E 103 26.04 31.06 0.37
C PRO E 103 25.10 30.97 -0.81
N ALA E 104 23.94 30.31 -0.66
CA ALA E 104 23.00 30.14 -1.75
C ALA E 104 21.97 31.25 -1.83
N THR E 105 22.26 32.46 -1.36
CA THR E 105 21.32 33.56 -1.41
C THR E 105 22.01 34.89 -1.65
N ILE E 106 21.24 35.84 -2.14
CA ILE E 106 21.66 37.21 -2.40
C ILE E 106 20.74 38.09 -1.58
N SER E 107 21.32 38.91 -0.72
CA SER E 107 20.53 39.77 0.16
C SER E 107 19.93 40.99 -0.52
N TYR E 108 20.45 41.41 -1.66
CA TYR E 108 19.95 42.62 -2.34
C TYR E 108 20.05 43.82 -1.39
N ALA E 109 21.09 43.81 -0.56
CA ALA E 109 21.33 44.87 0.41
C ALA E 109 22.82 45.19 0.36
N PHE E 110 23.29 45.94 1.36
CA PHE E 110 24.69 46.35 1.40
C PHE E 110 25.24 46.27 2.83
N ASP E 111 26.54 45.93 2.92
CA ASP E 111 27.24 45.83 4.18
C ASP E 111 28.63 46.49 4.15
N PHE E 112 29.24 46.65 2.98
CA PHE E 112 30.55 47.26 2.85
C PHE E 112 30.58 48.07 1.56
N TRP E 113 31.30 49.19 1.60
CA TRP E 113 31.44 50.11 0.48
C TRP E 113 32.91 50.47 0.30
N GLY E 114 33.23 50.95 -0.90
CA GLY E 114 34.59 51.37 -1.24
C GLY E 114 34.74 52.87 -1.18
N GLN E 115 35.94 53.34 -1.53
CA GLN E 115 36.20 54.77 -1.52
C GLN E 115 35.32 55.51 -2.53
N GLY E 116 35.15 54.93 -3.72
CA GLY E 116 34.32 55.52 -4.76
C GLY E 116 35.09 56.31 -5.78
N THR E 117 34.45 56.52 -6.94
CA THR E 117 35.03 57.29 -8.04
C THR E 117 33.96 58.25 -8.54
N MET E 118 34.37 59.48 -8.83
CA MET E 118 33.46 60.52 -9.31
C MET E 118 33.51 60.62 -10.82
N VAL E 119 32.34 60.89 -11.43
CA VAL E 119 32.20 61.04 -12.86
C VAL E 119 31.34 62.27 -13.12
N THR E 120 31.76 63.12 -14.05
CA THR E 120 31.04 64.33 -14.38
C THR E 120 31.11 64.61 -15.88
N VAL F 1 -26.19 29.17 44.05
CA VAL F 1 -27.06 28.19 43.33
C VAL F 1 -28.19 27.75 44.23
N GLN F 2 -29.43 27.91 43.78
CA GLN F 2 -30.58 27.53 44.56
C GLN F 2 -31.74 27.23 43.61
N LEU F 3 -32.64 26.35 44.06
CA LEU F 3 -33.82 25.95 43.31
C LEU F 3 -35.04 26.16 44.19
N VAL F 4 -36.20 26.33 43.56
CA VAL F 4 -37.47 26.58 44.27
C VAL F 4 -38.54 25.65 43.71
N GLU F 5 -39.15 24.84 44.58
CA GLU F 5 -40.22 23.94 44.17
C GLU F 5 -41.57 24.52 44.55
N THR F 6 -42.58 24.23 43.74
CA THR F 6 -43.93 24.73 43.97
C THR F 6 -44.95 23.71 43.48
N GLY F 7 -46.17 23.82 44.01
CA GLY F 7 -47.27 22.95 43.63
C GLY F 7 -47.65 21.86 44.62
N GLY F 8 -47.00 21.77 45.76
CA GLY F 8 -47.34 20.75 46.73
C GLY F 8 -48.50 21.14 47.62
N GLY F 9 -49.01 20.15 48.33
CA GLY F 9 -50.12 20.37 49.25
C GLY F 9 -50.78 19.06 49.61
N VAL F 10 -51.64 19.13 50.62
CA VAL F 10 -52.37 17.96 51.09
C VAL F 10 -53.45 17.62 50.07
N VAL F 11 -53.39 16.40 49.53
CA VAL F 11 -54.34 15.94 48.52
C VAL F 11 -54.71 14.49 48.80
N ARG F 12 -55.99 14.16 48.64
CA ARG F 12 -56.44 12.80 48.87
C ARG F 12 -56.00 11.91 47.71
N PRO F 13 -55.81 10.59 47.95
CA PRO F 13 -55.40 9.71 46.84
C PRO F 13 -56.49 9.55 45.79
N GLY F 14 -56.09 9.24 44.55
CA GLY F 14 -57.04 9.04 43.47
C GLY F 14 -57.28 10.21 42.56
N ARG F 15 -56.30 11.09 42.36
CA ARG F 15 -56.48 12.23 41.47
C ARG F 15 -55.11 12.72 41.00
N SER F 16 -55.13 13.58 39.99
CA SER F 16 -53.93 14.14 39.40
C SER F 16 -53.49 15.41 40.11
N LEU F 17 -52.24 15.81 39.83
CA LEU F 17 -51.65 17.01 40.38
C LEU F 17 -50.48 17.42 39.51
N ARG F 18 -50.29 18.73 39.36
CA ARG F 18 -49.22 19.30 38.54
C ARG F 18 -48.33 20.14 39.45
N LEU F 19 -47.02 20.04 39.26
CA LEU F 19 -46.05 20.77 40.06
C LEU F 19 -44.85 21.12 39.20
N SER F 20 -44.11 22.14 39.63
CA SER F 20 -42.96 22.62 38.88
C SER F 20 -41.87 23.11 39.83
N CYS F 21 -40.68 23.33 39.26
CA CYS F 21 -39.51 23.82 39.98
C CYS F 21 -38.73 24.81 39.11
N THR F 22 -38.65 26.06 39.56
CA THR F 22 -37.90 27.07 38.84
C THR F 22 -36.43 26.98 39.23
N THR F 23 -35.56 27.55 38.39
CA THR F 23 -34.12 27.52 38.61
C THR F 23 -33.52 28.91 38.54
N SER F 24 -32.35 29.07 39.17
CA SER F 24 -31.64 30.34 39.19
C SER F 24 -30.26 30.11 39.78
N GLY F 25 -29.34 31.02 39.45
CA GLY F 25 -27.98 30.94 39.97
C GLY F 25 -27.02 30.07 39.19
N PHE F 26 -27.41 29.56 38.03
CA PHE F 26 -26.51 28.71 37.25
C PHE F 26 -27.03 28.60 35.81
N SER F 27 -26.23 27.94 34.98
CA SER F 27 -26.57 27.72 33.58
C SER F 27 -27.55 26.57 33.47
N PHE F 28 -28.84 26.89 33.45
CA PHE F 28 -29.87 25.84 33.36
C PHE F 28 -29.82 25.13 32.01
N SER F 29 -29.59 25.88 30.93
CA SER F 29 -29.57 25.28 29.60
C SER F 29 -28.48 24.23 29.42
N GLY F 30 -27.36 24.35 30.15
CA GLY F 30 -26.25 23.43 30.04
C GLY F 30 -26.09 22.41 31.13
N SER F 31 -27.14 22.07 31.87
CA SER F 31 -27.07 21.10 32.96
C SER F 31 -28.32 20.23 33.01
N ALA F 32 -28.13 18.93 33.25
CA ALA F 32 -29.26 18.04 33.37
C ALA F 32 -29.97 18.29 34.69
N MET F 33 -31.22 17.87 34.76
CA MET F 33 -32.04 18.08 35.96
C MET F 33 -32.66 16.74 36.37
N HIS F 34 -32.88 16.56 37.67
CA HIS F 34 -33.46 15.35 38.25
C HIS F 34 -34.66 15.72 39.12
N TRP F 35 -35.29 14.69 39.66
CA TRP F 35 -36.42 14.79 40.57
C TRP F 35 -36.29 13.65 41.56
N VAL F 36 -36.50 13.95 42.85
CA VAL F 36 -36.36 12.95 43.90
C VAL F 36 -37.58 13.02 44.81
N ARG F 37 -37.82 11.92 45.54
CA ARG F 37 -38.92 11.76 46.47
C ARG F 37 -38.40 11.24 47.80
N GLN F 38 -39.10 11.57 48.89
CA GLN F 38 -38.70 11.13 50.23
C GLN F 38 -39.96 11.02 51.09
N ALA F 39 -40.30 9.80 51.53
CA ALA F 39 -41.48 9.64 52.35
C ALA F 39 -41.23 10.25 53.74
N PRO F 40 -42.29 10.58 54.50
CA PRO F 40 -42.08 11.17 55.83
C PRO F 40 -41.30 10.28 56.78
N GLY F 41 -40.11 10.73 57.17
CA GLY F 41 -39.27 9.98 58.08
C GLY F 41 -38.51 8.82 57.47
N LYS F 42 -38.62 8.62 56.16
CA LYS F 42 -37.92 7.52 55.48
C LYS F 42 -36.74 8.07 54.69
N GLY F 43 -36.10 7.19 53.92
CA GLY F 43 -34.96 7.57 53.12
C GLY F 43 -35.34 8.23 51.81
N LEU F 44 -34.31 8.49 51.01
CA LEU F 44 -34.48 9.11 49.70
C LEU F 44 -34.75 8.08 48.62
N GLU F 45 -35.47 8.50 47.59
CA GLU F 45 -35.79 7.64 46.45
C GLU F 45 -35.92 8.49 45.20
N TRP F 46 -35.19 8.10 44.16
CA TRP F 46 -35.18 8.82 42.89
C TRP F 46 -36.53 8.73 42.18
N VAL F 47 -36.84 9.75 41.37
CA VAL F 47 -38.09 9.82 40.63
C VAL F 47 -37.86 9.86 39.13
N ALA F 48 -37.16 10.88 38.62
CA ALA F 48 -36.94 10.98 37.18
C ALA F 48 -35.68 11.76 36.88
N VAL F 49 -35.37 11.88 35.59
CA VAL F 49 -34.18 12.59 35.13
C VAL F 49 -34.44 13.13 33.72
N ILE F 50 -33.90 14.31 33.45
CA ILE F 50 -34.02 14.95 32.13
C ILE F 50 -32.66 15.56 31.80
N SER F 51 -32.21 15.39 30.56
CA SER F 51 -30.91 15.91 30.16
C SER F 51 -30.97 17.42 29.94
N HIS F 52 -29.80 17.98 29.65
CA HIS F 52 -29.71 19.42 29.40
C HIS F 52 -30.49 19.83 28.16
N ASP F 53 -30.61 18.92 27.18
CA ASP F 53 -31.35 19.19 25.95
C ASP F 53 -32.75 18.61 25.98
N GLY F 54 -33.00 17.57 26.78
CA GLY F 54 -34.31 16.98 26.90
C GLY F 54 -34.66 15.88 25.91
N ASN F 55 -33.67 15.31 25.21
CA ASN F 55 -33.95 14.25 24.25
C ASN F 55 -33.88 12.85 24.85
N ILE F 56 -33.49 12.71 26.12
CA ILE F 56 -33.39 11.42 26.79
C ILE F 56 -33.99 11.54 28.18
N ILE F 57 -34.85 10.59 28.55
CA ILE F 57 -35.53 10.60 29.84
C ILE F 57 -35.55 9.19 30.41
N GLN F 58 -35.51 9.08 31.73
CA GLN F 58 -35.55 7.81 32.45
C GLN F 58 -36.38 8.01 33.70
N TYR F 59 -37.17 7.00 34.06
CA TYR F 59 -38.05 7.05 35.22
C TYR F 59 -37.87 5.84 36.11
N HIS F 60 -38.29 6.00 37.37
CA HIS F 60 -38.25 4.91 38.32
C HIS F 60 -39.41 3.99 38.01
N ASP F 61 -39.21 2.68 38.18
CA ASP F 61 -40.27 1.73 37.86
C ASP F 61 -41.54 1.98 38.66
N SER F 62 -41.40 2.43 39.90
CA SER F 62 -42.57 2.70 40.73
C SER F 62 -43.36 3.92 40.26
N VAL F 63 -42.74 4.81 39.48
CA VAL F 63 -43.40 6.01 38.99
C VAL F 63 -43.43 6.11 37.47
N LYS F 64 -42.93 5.09 36.75
CA LYS F 64 -42.95 5.14 35.30
C LYS F 64 -44.38 5.21 34.78
N GLY F 65 -44.63 6.15 33.88
CA GLY F 65 -45.97 6.32 33.33
C GLY F 65 -46.87 7.16 34.21
N ARG F 66 -46.94 6.82 35.51
CA ARG F 66 -47.78 7.58 36.42
C ARG F 66 -47.27 9.00 36.62
N PHE F 67 -45.98 9.24 36.35
CA PHE F 67 -45.35 10.55 36.50
C PHE F 67 -44.67 10.94 35.19
N THR F 68 -44.40 12.24 35.03
CA THR F 68 -43.73 12.76 33.86
C THR F 68 -42.94 13.99 34.26
N ILE F 69 -41.93 14.33 33.45
CA ILE F 69 -41.06 15.46 33.70
C ILE F 69 -40.90 16.22 32.39
N SER F 70 -40.75 17.54 32.48
CA SER F 70 -40.57 18.35 31.29
C SER F 70 -39.82 19.61 31.68
N ARG F 71 -39.01 20.11 30.74
CA ARG F 71 -38.21 21.30 30.96
C ARG F 71 -38.40 22.30 29.82
N ASP F 72 -37.87 23.50 30.05
CA ASP F 72 -37.93 24.59 29.08
C ASP F 72 -36.85 25.59 29.45
N ASN F 73 -36.07 26.02 28.45
CA ASN F 73 -34.99 26.96 28.71
C ASN F 73 -35.45 28.40 28.67
N SER F 74 -36.55 28.68 27.97
CA SER F 74 -37.05 30.05 27.88
C SER F 74 -37.44 30.61 29.24
N LYS F 75 -37.98 29.78 30.12
CA LYS F 75 -38.39 30.17 31.46
C LYS F 75 -37.55 29.50 32.54
N ASN F 76 -36.53 28.71 32.15
CA ASN F 76 -35.62 27.97 33.03
C ASN F 76 -36.34 27.36 34.23
N VAL F 77 -37.47 26.74 33.94
CA VAL F 77 -38.32 26.09 34.94
C VAL F 77 -38.51 24.62 34.60
N LEU F 78 -38.63 23.79 35.63
CA LEU F 78 -38.83 22.36 35.50
C LEU F 78 -40.29 22.07 35.77
N LEU F 79 -40.96 21.37 34.85
CA LEU F 79 -42.38 21.04 35.00
C LEU F 79 -42.56 19.53 35.08
N LEU F 80 -43.47 19.10 35.94
CA LEU F 80 -43.80 17.70 36.15
C LEU F 80 -45.31 17.55 36.28
N GLN F 81 -45.78 16.34 36.06
CA GLN F 81 -47.21 16.04 36.14
C GLN F 81 -47.37 14.60 36.56
N MET F 82 -48.53 14.27 37.13
CA MET F 82 -48.83 12.94 37.60
C MET F 82 -50.33 12.71 37.46
N ASN F 83 -50.73 11.44 37.47
CA ASN F 83 -52.14 11.05 37.37
C ASN F 83 -52.48 9.99 38.42
N SER F 84 -53.54 10.23 39.18
CA SER F 84 -54.03 9.30 40.19
C SER F 84 -53.01 8.86 41.24
N LEU F 85 -52.57 9.78 42.11
CA LEU F 85 -51.62 9.42 43.15
C LEU F 85 -52.25 8.44 44.15
N ARG F 86 -51.41 7.60 44.73
CA ARG F 86 -51.83 6.63 45.73
C ARG F 86 -51.47 7.15 47.13
N VAL F 87 -51.92 6.41 48.15
CA VAL F 87 -51.63 6.83 49.52
C VAL F 87 -50.13 6.72 49.80
N ASP F 88 -49.47 5.69 49.28
CA ASP F 88 -48.04 5.53 49.49
C ASP F 88 -47.21 6.62 48.82
N ASP F 89 -47.79 7.34 47.85
CA ASP F 89 -47.07 8.40 47.16
C ASP F 89 -46.85 9.63 48.04
N THR F 90 -47.46 9.67 49.23
CA THR F 90 -47.28 10.79 50.15
C THR F 90 -45.80 10.90 50.45
N ALA F 91 -45.17 11.98 50.01
CA ALA F 91 -43.74 12.11 50.24
C ALA F 91 -43.27 13.52 49.94
N MET F 92 -42.06 13.81 50.38
CA MET F 92 -41.43 15.10 50.15
C MET F 92 -40.65 15.02 48.84
N TYR F 93 -40.92 15.99 47.95
CA TYR F 93 -40.29 16.03 46.64
C TYR F 93 -39.36 17.22 46.50
N TYR F 94 -38.37 17.07 45.64
CA TYR F 94 -37.37 18.10 45.37
C TYR F 94 -36.86 18.00 43.94
N CYS F 95 -36.30 19.12 43.49
CA CYS F 95 -35.64 19.22 42.20
C CYS F 95 -34.16 19.43 42.48
N ALA F 96 -33.33 18.57 41.92
CA ALA F 96 -31.89 18.65 42.16
C ALA F 96 -31.11 18.68 40.86
N ARG F 97 -29.97 19.36 40.90
CA ARG F 97 -29.10 19.51 39.74
C ARG F 97 -28.11 18.35 39.65
N ASP F 98 -27.65 18.07 38.43
CA ASP F 98 -26.72 16.97 38.20
C ASP F 98 -25.27 17.39 38.46
N VAL F 99 -24.45 16.44 38.89
CA VAL F 99 -23.04 16.72 39.14
C VAL F 99 -22.41 17.09 37.80
N TRP F 100 -21.97 18.34 37.69
CA TRP F 100 -21.38 18.84 36.45
C TRP F 100 -19.93 18.40 36.29
N LEU F 101 -19.67 17.56 35.29
CA LEU F 101 -18.34 17.08 34.96
C LEU F 101 -17.94 17.45 33.55
N LEU F 102 -18.80 17.19 32.57
CA LEU F 102 -18.56 17.51 31.17
C LEU F 102 -19.88 17.90 30.51
N PRO F 103 -19.86 18.80 29.52
CA PRO F 103 -21.15 19.17 28.88
C PRO F 103 -21.85 18.03 28.17
N ALA F 104 -21.11 17.12 27.56
CA ALA F 104 -21.70 16.01 26.83
C ALA F 104 -21.92 14.76 27.68
N THR F 105 -22.12 14.91 28.99
CA THR F 105 -22.33 13.76 29.86
C THR F 105 -23.35 14.09 30.95
N ILE F 106 -23.97 13.03 31.46
CA ILE F 106 -24.94 13.10 32.55
C ILE F 106 -24.36 12.23 33.66
N SER F 107 -24.19 12.82 34.84
CA SER F 107 -23.58 12.09 35.95
C SER F 107 -24.53 11.13 36.66
N TYR F 108 -25.84 11.28 36.50
CA TYR F 108 -26.80 10.41 37.20
C TYR F 108 -26.58 10.48 38.70
N ALA F 109 -26.21 11.67 39.18
CA ALA F 109 -25.94 11.91 40.59
C ALA F 109 -26.57 13.24 40.95
N PHE F 110 -26.19 13.79 42.11
CA PHE F 110 -26.75 15.04 42.60
C PHE F 110 -25.67 15.93 43.19
N ASP F 111 -25.80 17.25 42.98
CA ASP F 111 -24.86 18.23 43.53
C ASP F 111 -25.55 19.44 44.16
N PHE F 112 -26.82 19.70 43.85
CA PHE F 112 -27.55 20.83 44.40
C PHE F 112 -29.02 20.43 44.53
N TRP F 113 -29.66 20.96 45.56
CA TRP F 113 -31.06 20.67 45.86
C TRP F 113 -31.80 21.97 46.17
N GLY F 114 -33.12 21.92 45.99
CA GLY F 114 -33.98 23.06 46.25
C GLY F 114 -34.66 22.95 47.61
N GLN F 115 -35.51 23.95 47.91
CA GLN F 115 -36.23 23.94 49.17
C GLN F 115 -37.16 22.74 49.29
N GLY F 116 -37.86 22.39 48.23
CA GLY F 116 -38.75 21.26 48.20
C GLY F 116 -40.21 21.63 48.44
N THR F 117 -41.08 20.70 48.04
CA THR F 117 -42.52 20.84 48.21
C THR F 117 -43.06 19.53 48.75
N MET F 118 -44.01 19.61 49.67
CA MET F 118 -44.60 18.45 50.31
C MET F 118 -45.95 18.12 49.71
N VAL F 119 -46.25 16.83 49.62
CA VAL F 119 -47.50 16.30 49.08
C VAL F 119 -47.96 15.18 49.99
N THR F 120 -49.24 15.19 50.35
CA THR F 120 -49.81 14.18 51.22
C THR F 120 -51.25 13.87 50.82
N VAL G 1 44.94 -21.93 13.28
CA VAL G 1 45.44 -21.61 14.65
C VAL G 1 45.99 -20.19 14.69
N ILE G 2 45.68 -19.48 15.76
CA ILE G 2 46.12 -18.10 15.97
C ILE G 2 47.11 -18.10 17.12
N TRP G 3 48.34 -17.68 16.86
CA TRP G 3 49.39 -17.63 17.85
C TRP G 3 49.58 -16.21 18.38
N MET G 4 50.28 -16.10 19.50
CA MET G 4 50.58 -14.81 20.11
C MET G 4 51.84 -14.95 20.94
N THR G 5 52.42 -13.81 21.31
CA THR G 5 53.62 -13.76 22.11
C THR G 5 53.50 -12.71 23.21
N GLN G 6 54.17 -12.98 24.33
CA GLN G 6 54.20 -12.10 25.47
C GLN G 6 55.64 -11.96 25.93
N SER G 7 56.05 -10.73 26.25
CA SER G 7 57.40 -10.46 26.70
C SER G 7 57.38 -9.32 27.69
N PRO G 8 58.32 -9.26 28.64
CA PRO G 8 59.42 -10.21 28.90
C PRO G 8 58.93 -11.44 29.65
N PRO G 9 59.62 -12.58 29.61
CA PRO G 9 59.13 -13.75 30.37
C PRO G 9 59.02 -13.48 31.86
N SER G 10 59.91 -12.65 32.38
CA SER G 10 59.92 -12.29 33.79
C SER G 10 60.57 -10.92 33.92
N LEU G 11 60.22 -10.21 34.99
CA LEU G 11 60.77 -8.89 35.24
C LEU G 11 60.89 -8.66 36.74
N SER G 12 61.83 -7.79 37.11
CA SER G 12 62.09 -7.44 38.49
C SER G 12 61.62 -6.00 38.72
N ALA G 13 60.81 -5.80 39.75
CA ALA G 13 60.28 -4.48 40.07
C ALA G 13 60.20 -4.34 41.59
N SER G 14 59.53 -3.29 42.04
CA SER G 14 59.36 -3.03 43.46
C SER G 14 58.05 -2.27 43.67
N ILE G 15 57.62 -2.21 44.92
CA ILE G 15 56.38 -1.51 45.24
C ILE G 15 56.54 -0.03 44.92
N GLY G 16 55.53 0.53 44.25
CA GLY G 16 55.54 1.93 43.87
C GLY G 16 55.96 2.21 42.44
N ASP G 17 56.20 1.18 41.62
CA ASP G 17 56.63 1.36 40.25
C ASP G 17 55.42 1.30 39.30
N THR G 18 55.72 1.45 38.00
CA THR G 18 54.72 1.42 36.95
C THR G 18 55.22 0.48 35.86
N VAL G 19 54.41 -0.51 35.48
CA VAL G 19 54.77 -1.49 34.47
C VAL G 19 53.56 -1.75 33.57
N THR G 20 53.86 -2.25 32.36
CA THR G 20 52.84 -2.58 31.37
C THR G 20 53.32 -3.83 30.62
N ILE G 21 52.36 -4.69 30.26
CA ILE G 21 52.62 -5.92 29.53
C ILE G 21 51.84 -5.89 28.23
N THR G 22 52.39 -6.52 27.20
CA THR G 22 51.79 -6.56 25.88
C THR G 22 51.67 -7.99 25.34
N CYS G 23 50.55 -8.24 24.67
CA CYS G 23 50.23 -9.51 24.02
C CYS G 23 49.97 -9.19 22.57
N ARG G 24 50.77 -9.77 21.67
CA ARG G 24 50.68 -9.53 20.24
C ARG G 24 50.18 -10.79 19.53
N ALA G 25 48.96 -10.73 19.01
CA ALA G 25 48.38 -11.86 18.31
C ALA G 25 48.91 -11.94 16.89
N SER G 26 48.68 -13.10 16.26
CA SER G 26 49.13 -13.32 14.89
C SER G 26 48.15 -12.84 13.83
N GLN G 27 46.96 -12.37 14.23
CA GLN G 27 45.97 -11.89 13.28
C GLN G 27 45.14 -10.80 13.94
N GLY G 28 44.39 -10.08 13.11
CA GLY G 28 43.55 -8.99 13.57
C GLY G 28 42.22 -9.39 14.19
N ILE G 29 42.28 -9.90 15.42
CA ILE G 29 41.09 -10.30 16.17
C ILE G 29 40.23 -9.07 16.43
N SER G 30 40.89 -7.94 16.66
CA SER G 30 40.36 -6.60 16.90
C SER G 30 39.71 -6.38 18.27
N ASN G 31 39.20 -7.43 18.93
CA ASN G 31 38.62 -7.21 20.24
C ASN G 31 38.52 -8.43 21.16
N SER G 32 38.61 -9.64 20.60
CA SER G 32 38.44 -10.86 21.38
C SER G 32 39.69 -11.42 22.06
N ILE G 33 40.01 -10.90 23.24
CA ILE G 33 41.16 -11.37 24.01
C ILE G 33 40.94 -11.07 25.48
N ALA G 34 41.31 -12.02 26.33
CA ALA G 34 41.19 -11.93 27.78
C ALA G 34 42.56 -12.06 28.43
N TRP G 35 42.63 -11.69 29.72
CA TRP G 35 43.86 -11.73 30.48
C TRP G 35 43.62 -12.47 31.79
N TYR G 36 44.67 -13.11 32.30
CA TYR G 36 44.60 -13.88 33.53
C TYR G 36 45.91 -13.75 34.30
N GLN G 37 45.82 -13.98 35.62
CA GLN G 37 46.98 -13.97 36.50
C GLN G 37 46.81 -15.14 37.46
N ARG G 38 47.93 -15.60 38.02
CA ARG G 38 47.93 -16.73 38.93
C ARG G 38 48.90 -16.52 40.08
N ARG G 39 48.44 -16.79 41.29
CA ARG G 39 49.30 -16.67 42.46
C ARG G 39 50.05 -17.99 42.66
N PRO G 40 51.25 -18.01 43.22
CA PRO G 40 51.94 -19.29 43.41
C PRO G 40 51.15 -20.21 44.35
N GLY G 41 51.11 -21.49 43.99
CA GLY G 41 50.38 -22.45 44.79
C GLY G 41 48.89 -22.26 44.82
N LYS G 42 48.32 -21.61 43.81
CA LYS G 42 46.89 -21.37 43.74
C LYS G 42 46.46 -21.33 42.28
N ALA G 43 45.18 -21.63 42.05
CA ALA G 43 44.65 -21.65 40.70
C ALA G 43 44.64 -20.22 40.12
N PRO G 44 44.68 -20.09 38.80
CA PRO G 44 44.67 -18.75 38.20
C PRO G 44 43.35 -18.04 38.42
N GLU G 45 43.35 -16.74 38.14
CA GLU G 45 42.17 -15.89 38.26
C GLU G 45 42.17 -14.93 37.08
N LEU G 46 40.98 -14.56 36.63
CA LEU G 46 40.83 -13.70 35.46
C LEU G 46 41.06 -12.23 35.78
N LEU G 47 41.50 -11.50 34.75
CA LEU G 47 41.81 -10.07 34.80
C LEU G 47 40.92 -9.21 33.92
N VAL G 48 40.91 -9.47 32.61
CA VAL G 48 40.16 -8.65 31.66
C VAL G 48 39.49 -9.54 30.62
N TYR G 49 38.37 -9.06 30.10
CA TYR G 49 37.61 -9.72 29.04
C TYR G 49 37.38 -8.71 27.93
N ALA G 50 37.67 -9.12 26.70
CA ALA G 50 37.54 -8.25 25.53
C ALA G 50 38.51 -7.07 25.62
N ALA G 51 39.58 -7.22 26.40
CA ALA G 51 40.62 -6.22 26.58
C ALA G 51 40.19 -4.93 27.30
N TYR G 52 38.93 -4.81 27.72
CA TYR G 52 38.49 -3.59 28.40
C TYR G 52 37.69 -3.80 29.69
N ARG G 53 36.83 -4.81 29.75
CA ARG G 53 35.98 -5.02 30.91
C ARG G 53 36.73 -5.68 32.06
N LEU G 54 36.38 -5.28 33.29
CA LEU G 54 36.96 -5.81 34.52
C LEU G 54 35.93 -6.69 35.22
N GLN G 55 36.24 -7.13 36.44
CA GLN G 55 35.36 -7.98 37.23
C GLN G 55 35.37 -7.54 38.68
N SER G 56 34.84 -8.39 39.57
CA SER G 56 34.81 -8.06 40.99
C SER G 56 36.11 -8.47 41.67
N GLY G 57 36.54 -7.66 42.62
CA GLY G 57 37.75 -7.92 43.38
C GLY G 57 39.01 -7.30 42.79
N VAL G 58 39.09 -7.21 41.47
CA VAL G 58 40.30 -6.63 40.85
C VAL G 58 40.38 -5.15 41.23
N PRO G 59 41.54 -4.63 41.65
CA PRO G 59 41.61 -3.20 42.00
C PRO G 59 41.37 -2.30 40.80
N SER G 60 41.03 -1.04 41.10
CA SER G 60 40.76 -0.06 40.05
C SER G 60 42.01 0.31 39.26
N ARG G 61 43.20 -0.02 39.75
CA ARG G 61 44.43 0.30 39.03
C ARG G 61 44.75 -0.68 37.91
N LEU G 62 43.79 -1.54 37.52
CA LEU G 62 43.95 -2.52 36.46
C LEU G 62 43.10 -2.10 35.28
N SER G 63 43.68 -2.11 34.08
CA SER G 63 42.94 -1.71 32.89
C SER G 63 43.73 -2.15 31.66
N GLY G 64 43.00 -2.66 30.65
CA GLY G 64 43.60 -3.12 29.42
C GLY G 64 43.27 -2.22 28.23
N SER G 65 43.93 -2.47 27.11
CA SER G 65 43.74 -1.69 25.90
C SER G 65 44.38 -2.43 24.74
N GLY G 66 44.04 -1.99 23.53
CA GLY G 66 44.59 -2.60 22.34
C GLY G 66 43.63 -2.46 21.17
N SER G 67 44.08 -3.00 20.04
CA SER G 67 43.30 -2.97 18.80
C SER G 67 44.03 -3.80 17.75
N GLY G 68 43.28 -4.29 16.78
CA GLY G 68 43.87 -5.08 15.71
C GLY G 68 44.45 -6.37 16.27
N ALA G 69 45.78 -6.45 16.31
CA ALA G 69 46.51 -7.59 16.83
C ALA G 69 47.47 -7.24 17.96
N GLU G 70 47.52 -5.97 18.36
CA GLU G 70 48.39 -5.50 19.43
C GLU G 70 47.52 -5.18 20.64
N TYR G 71 47.77 -5.86 21.75
CA TYR G 71 47.01 -5.66 22.97
C TYR G 71 47.94 -5.58 24.17
N THR G 72 47.57 -4.73 25.12
CA THR G 72 48.36 -4.52 26.32
C THR G 72 47.47 -4.40 27.54
N LEU G 73 48.07 -4.67 28.70
CA LEU G 73 47.44 -4.58 30.00
C LEU G 73 48.32 -3.69 30.86
N THR G 74 47.72 -2.67 31.46
CA THR G 74 48.45 -1.69 32.27
C THR G 74 48.13 -1.81 33.74
N ILE G 75 49.18 -1.76 34.56
CA ILE G 75 49.09 -1.76 36.02
C ILE G 75 49.72 -0.43 36.42
N LYS G 76 48.90 0.46 36.97
CA LYS G 76 49.37 1.80 37.32
C LYS G 76 50.26 1.83 38.56
N ASN G 77 50.16 0.87 39.47
CA ASN G 77 50.99 0.90 40.67
C ASN G 77 51.27 -0.51 41.15
N MET G 78 52.45 -0.69 41.72
CA MET G 78 52.88 -1.98 42.26
C MET G 78 52.50 -2.09 43.73
N GLN G 79 52.09 -3.28 44.13
CA GLN G 79 51.70 -3.61 45.48
C GLN G 79 52.26 -4.98 45.81
N PRO G 80 52.30 -5.37 47.09
CA PRO G 80 52.86 -6.68 47.45
C PRO G 80 52.17 -7.85 46.77
N GLU G 81 50.87 -7.76 46.48
CA GLU G 81 50.17 -8.85 45.82
C GLU G 81 50.42 -8.92 44.32
N ASP G 82 51.10 -7.94 43.74
CA ASP G 82 51.36 -7.94 42.30
C ASP G 82 52.51 -8.84 41.88
N PHE G 83 53.32 -9.34 42.82
CA PHE G 83 54.42 -10.21 42.47
C PHE G 83 53.90 -11.60 42.09
N ALA G 84 53.40 -11.73 40.87
CA ALA G 84 52.85 -13.00 40.39
C ALA G 84 53.06 -13.07 38.87
N THR G 85 52.38 -14.02 38.24
CA THR G 85 52.46 -14.24 36.80
C THR G 85 51.16 -13.79 36.13
N TYR G 86 51.25 -13.43 34.86
CA TYR G 86 50.10 -12.97 34.09
C TYR G 86 50.14 -13.62 32.71
N TYR G 87 48.96 -13.72 32.08
CA TYR G 87 48.84 -14.32 30.76
C TYR G 87 47.72 -13.66 29.98
N CYS G 88 47.75 -13.86 28.66
CA CYS G 88 46.74 -13.37 27.73
C CYS G 88 46.10 -14.59 27.06
N GLN G 89 44.80 -14.48 26.80
CA GLN G 89 44.05 -15.59 26.20
C GLN G 89 43.14 -15.05 25.10
N GLN G 90 43.27 -15.60 23.91
CA GLN G 90 42.44 -15.18 22.78
C GLN G 90 41.28 -16.13 22.57
N TYR G 91 40.15 -15.58 22.13
CA TYR G 91 38.96 -16.37 21.86
C TYR G 91 38.29 -15.92 20.56
N TYR G 92 39.06 -15.39 19.61
CA TYR G 92 38.49 -14.94 18.35
C TYR G 92 38.21 -16.10 17.40
N ASP G 93 39.08 -17.10 17.40
CA ASP G 93 38.93 -18.26 16.53
C ASP G 93 39.28 -19.49 17.35
N ASN G 94 38.70 -20.65 16.98
CA ASN G 94 38.96 -21.89 17.70
C ASN G 94 40.06 -22.69 16.99
N PRO G 95 40.86 -23.46 17.75
CA PRO G 95 40.84 -23.70 19.20
C PRO G 95 41.41 -22.55 20.02
N LEU G 96 41.00 -22.46 21.29
CA LEU G 96 41.50 -21.41 22.16
C LEU G 96 42.98 -21.63 22.40
N THR G 97 43.74 -20.53 22.46
CA THR G 97 45.17 -20.60 22.68
C THR G 97 45.62 -19.53 23.68
N PHE G 98 46.61 -19.89 24.50
CA PHE G 98 47.15 -19.00 25.51
C PHE G 98 48.45 -18.37 25.02
N GLY G 99 48.84 -17.27 25.67
CA GLY G 99 50.06 -16.59 25.31
C GLY G 99 51.26 -17.09 26.10
N GLY G 100 52.41 -16.51 25.79
CA GLY G 100 53.64 -16.87 26.47
C GLY G 100 53.67 -16.58 27.95
N GLY G 101 52.91 -15.59 28.40
CA GLY G 101 52.86 -15.24 29.81
C GLY G 101 54.02 -14.35 30.22
N THR G 102 53.98 -13.97 31.49
CA THR G 102 55.00 -13.11 32.08
C THR G 102 55.03 -13.36 33.57
N LYS G 103 56.09 -12.89 34.23
CA LYS G 103 56.28 -13.06 35.66
C LYS G 103 56.82 -11.77 36.26
N VAL G 104 56.56 -11.59 37.56
CA VAL G 104 57.00 -10.42 38.29
C VAL G 104 57.60 -10.88 39.62
N GLU G 105 58.67 -10.19 40.04
CA GLU G 105 59.34 -10.53 41.29
C GLU G 105 59.99 -9.28 41.87
N ILE G 106 60.21 -9.31 43.18
CA ILE G 106 60.84 -8.17 43.85
C ILE G 106 62.29 -8.07 43.41
N LYS G 107 62.79 -6.85 43.31
CA LYS G 107 64.17 -6.61 42.91
C LYS G 107 65.14 -7.16 43.96
N VAL H 1 7.96 50.26 -10.36
CA VAL H 1 8.83 50.96 -9.37
C VAL H 1 8.06 51.23 -8.09
N ILE H 2 8.70 50.99 -6.96
CA ILE H 2 8.11 51.20 -5.64
C ILE H 2 8.84 52.37 -5.00
N TRP H 3 8.10 53.43 -4.70
CA TRP H 3 8.65 54.63 -4.10
C TRP H 3 8.38 54.66 -2.59
N MET H 4 9.11 55.53 -1.91
CA MET H 4 8.95 55.73 -0.47
C MET H 4 9.46 57.11 -0.13
N THR H 5 9.05 57.61 1.04
CA THR H 5 9.44 58.93 1.50
C THR H 5 9.76 58.88 2.99
N GLN H 6 10.66 59.78 3.40
CA GLN H 6 11.10 59.90 4.78
C GLN H 6 10.92 61.33 5.23
N SER H 7 10.53 61.51 6.50
CA SER H 7 10.32 62.84 7.06
C SER H 7 10.69 62.79 8.53
N PRO H 8 11.17 63.91 9.12
CA PRO H 8 11.43 65.23 8.50
C PRO H 8 12.73 65.22 7.70
N PRO H 9 12.93 66.12 6.74
CA PRO H 9 14.20 66.11 5.99
C PRO H 9 15.41 66.31 6.87
N SER H 10 15.26 67.04 7.97
CA SER H 10 16.35 67.28 8.90
C SER H 10 15.75 67.78 10.20
N LEU H 11 16.42 67.42 11.31
CA LEU H 11 15.97 67.82 12.64
C LEU H 11 17.18 68.09 13.51
N SER H 12 16.98 68.96 14.50
CA SER H 12 18.01 69.34 15.46
C SER H 12 17.68 68.74 16.82
N ALA H 13 18.67 68.08 17.44
CA ALA H 13 18.49 67.45 18.73
C ALA H 13 19.74 67.65 19.56
N SER H 14 19.66 67.20 20.82
CA SER H 14 20.75 67.29 21.77
C SER H 14 20.97 65.93 22.41
N ILE H 15 22.16 65.76 23.01
CA ILE H 15 22.49 64.50 23.66
C ILE H 15 21.54 64.27 24.82
N GLY H 16 21.02 63.05 24.94
CA GLY H 16 20.08 62.68 25.98
C GLY H 16 18.63 62.68 25.55
N ASP H 17 18.35 62.91 24.26
CA ASP H 17 16.97 62.94 23.78
C ASP H 17 16.60 61.59 23.15
N THR H 18 15.35 61.50 22.70
CA THR H 18 14.80 60.32 22.06
C THR H 18 14.20 60.75 20.72
N VAL H 19 14.46 59.95 19.67
CA VAL H 19 13.98 60.27 18.33
C VAL H 19 13.57 58.98 17.62
N THR H 20 12.71 59.13 16.61
CA THR H 20 12.22 58.02 15.80
C THR H 20 11.99 58.55 14.40
N ILE H 21 12.45 57.79 13.40
CA ILE H 21 12.31 58.14 11.99
C ILE H 21 11.43 57.09 11.33
N THR H 22 10.58 57.55 10.41
CA THR H 22 9.64 56.68 9.69
C THR H 22 9.89 56.72 8.20
N CYS H 23 9.67 55.58 7.55
CA CYS H 23 9.79 55.40 6.12
C CYS H 23 8.51 54.74 5.63
N ARG H 24 7.77 55.45 4.78
CA ARG H 24 6.49 54.99 4.24
C ARG H 24 6.68 54.59 2.80
N ALA H 25 6.38 53.33 2.48
CA ALA H 25 6.51 52.80 1.14
C ALA H 25 5.22 52.98 0.36
N SER H 26 5.34 52.92 -0.97
CA SER H 26 4.19 53.08 -1.86
C SER H 26 3.38 51.79 -2.02
N GLN H 27 3.85 50.67 -1.47
CA GLN H 27 3.13 49.41 -1.59
C GLN H 27 3.41 48.57 -0.35
N GLY H 28 2.58 47.56 -0.14
CA GLY H 28 2.71 46.68 1.00
C GLY H 28 3.76 45.60 0.87
N ILE H 29 5.02 46.00 1.00
CA ILE H 29 6.15 45.07 0.94
C ILE H 29 6.04 44.06 2.08
N SER H 30 5.56 44.53 3.22
CA SER H 30 5.29 43.80 4.46
C SER H 30 6.50 43.32 5.25
N ASN H 31 7.67 43.14 4.63
CA ASN H 31 8.82 42.70 5.42
C ASN H 31 10.20 43.08 4.87
N SER H 32 10.31 43.27 3.55
CA SER H 32 11.60 43.51 2.90
C SER H 32 12.01 44.99 2.85
N ILE H 33 12.69 45.42 3.90
CA ILE H 33 13.19 46.79 4.00
C ILE H 33 14.42 46.80 4.90
N ALA H 34 15.35 47.70 4.58
CA ALA H 34 16.59 47.88 5.32
C ALA H 34 16.81 49.36 5.57
N TRP H 35 17.73 49.66 6.48
CA TRP H 35 18.06 51.03 6.84
C TRP H 35 19.56 51.24 6.82
N TYR H 36 19.97 52.46 6.44
CA TYR H 36 21.38 52.83 6.37
C TYR H 36 21.56 54.27 6.80
N GLN H 37 22.79 54.61 7.16
CA GLN H 37 23.14 55.97 7.55
C GLN H 37 24.57 56.20 7.10
N ARG H 38 24.95 57.48 6.97
CA ARG H 38 26.28 57.84 6.49
C ARG H 38 26.90 58.94 7.34
N ARG H 39 28.16 58.74 7.72
CA ARG H 39 28.89 59.72 8.49
C ARG H 39 29.44 60.80 7.53
N PRO H 40 29.64 62.03 7.99
CA PRO H 40 30.18 63.05 7.08
C PRO H 40 31.57 62.70 6.60
N GLY H 41 31.77 62.76 5.29
CA GLY H 41 33.06 62.45 4.71
C GLY H 41 33.46 60.99 4.74
N LYS H 42 32.48 60.07 4.78
CA LYS H 42 32.77 58.65 4.82
C LYS H 42 31.62 57.90 4.15
N ALA H 43 31.91 56.68 3.70
CA ALA H 43 30.91 55.86 3.04
C ALA H 43 29.80 55.48 4.01
N PRO H 44 28.61 55.16 3.50
CA PRO H 44 27.50 54.78 4.38
C PRO H 44 27.73 53.42 5.03
N GLU H 45 26.88 53.12 6.01
CA GLU H 45 26.92 51.86 6.74
C GLU H 45 25.49 51.42 7.03
N LEU H 46 25.31 50.12 7.17
CA LEU H 46 24.01 49.51 7.41
C LEU H 46 23.65 49.48 8.89
N LEU H 47 22.34 49.50 9.16
CA LEU H 47 21.78 49.48 10.51
C LEU H 47 20.73 48.41 10.74
N VAL H 48 19.84 48.17 9.78
CA VAL H 48 18.77 47.20 9.94
C VAL H 48 18.55 46.44 8.64
N TYR H 49 18.18 45.16 8.78
CA TYR H 49 17.87 44.30 7.65
C TYR H 49 16.56 43.62 7.97
N ALA H 50 15.62 43.67 7.02
CA ALA H 50 14.30 43.10 7.20
C ALA H 50 13.55 43.78 8.34
N ALA H 51 13.91 45.04 8.62
CA ALA H 51 13.29 45.87 9.66
C ALA H 51 13.49 45.43 11.10
N TYR H 52 14.20 44.32 11.36
CA TYR H 52 14.38 43.88 12.75
C TYR H 52 15.78 43.40 13.13
N ARG H 53 16.57 42.90 12.17
CA ARG H 53 17.90 42.39 12.50
C ARG H 53 18.95 43.47 12.54
N LEU H 54 19.86 43.37 13.51
CA LEU H 54 20.95 44.30 13.70
C LEU H 54 22.24 43.65 13.20
N GLN H 55 23.38 44.32 13.44
CA GLN H 55 24.68 43.81 13.01
C GLN H 55 25.73 44.07 14.09
N SER H 56 27.00 43.94 13.75
CA SER H 56 28.07 44.17 14.71
C SER H 56 28.44 45.64 14.75
N GLY H 57 28.74 46.13 15.95
CA GLY H 57 29.13 47.51 16.15
C GLY H 57 27.99 48.47 16.45
N VAL H 58 26.82 48.23 15.87
CA VAL H 58 25.68 49.11 16.11
C VAL H 58 25.28 49.02 17.59
N PRO H 59 25.06 50.14 18.30
CA PRO H 59 24.67 50.03 19.71
C PRO H 59 23.31 49.37 19.87
N SER H 60 23.09 48.80 21.06
CA SER H 60 21.82 48.13 21.36
C SER H 60 20.64 49.09 21.46
N ARG H 61 20.90 50.40 21.54
CA ARG H 61 19.82 51.39 21.63
C ARG H 61 19.18 51.70 20.28
N LEU H 62 19.50 50.95 19.23
CA LEU H 62 18.95 51.14 17.90
C LEU H 62 18.17 49.90 17.51
N SER H 63 16.96 50.11 16.96
CA SER H 63 16.12 48.99 16.55
C SER H 63 15.04 49.51 15.59
N GLY H 64 14.64 48.63 14.67
CA GLY H 64 13.62 48.95 13.69
C GLY H 64 12.30 48.26 13.97
N SER H 65 11.27 48.69 13.23
CA SER H 65 9.94 48.12 13.38
C SER H 65 9.08 48.58 12.22
N GLY H 66 7.95 47.91 12.05
CA GLY H 66 7.03 48.25 10.98
C GLY H 66 6.29 47.03 10.47
N SER H 67 5.45 47.28 9.47
CA SER H 67 4.64 46.24 8.83
C SER H 67 3.94 46.88 7.64
N GLY H 68 3.54 46.03 6.70
CA GLY H 68 2.86 46.50 5.51
C GLY H 68 3.69 47.48 4.70
N ALA H 69 3.32 48.75 4.75
CA ALA H 69 4.02 49.81 4.03
C ALA H 69 4.56 50.90 4.94
N GLU H 70 4.39 50.77 6.27
CA GLU H 70 4.86 51.76 7.24
C GLU H 70 5.98 51.12 8.05
N TYR H 71 7.15 51.75 8.03
CA TYR H 71 8.32 51.24 8.75
C TYR H 71 9.02 52.41 9.43
N THR H 72 9.63 52.11 10.57
CA THR H 72 10.33 53.11 11.37
C THR H 72 11.59 52.51 11.99
N LEU H 73 12.48 53.41 12.39
CA LEU H 73 13.74 53.08 13.05
C LEU H 73 13.77 53.88 14.35
N THR H 74 13.86 53.18 15.48
CA THR H 74 13.86 53.82 16.78
C THR H 74 15.25 53.91 17.39
N ILE H 75 15.57 55.11 17.89
CA ILE H 75 16.82 55.40 18.58
C ILE H 75 16.42 55.89 19.97
N LYS H 76 16.67 55.03 20.97
CA LYS H 76 16.27 55.34 22.34
C LYS H 76 16.99 56.55 22.92
N ASN H 77 18.30 56.67 22.72
CA ASN H 77 19.06 57.78 23.30
C ASN H 77 19.99 58.41 22.27
N MET H 78 20.29 59.69 22.49
CA MET H 78 21.16 60.47 21.64
C MET H 78 22.58 60.45 22.20
N GLN H 79 23.56 60.38 21.30
CA GLN H 79 24.97 60.36 21.62
C GLN H 79 25.69 61.20 20.57
N PRO H 80 26.93 61.61 20.84
CA PRO H 80 27.66 62.43 19.85
C PRO H 80 27.84 61.77 18.50
N GLU H 81 27.84 60.44 18.42
CA GLU H 81 28.02 59.76 17.15
C GLU H 81 26.73 59.62 16.35
N ASP H 82 25.59 60.09 16.88
CA ASP H 82 24.32 59.98 16.18
C ASP H 82 24.04 61.12 15.21
N PHE H 83 24.87 62.16 15.19
CA PHE H 83 24.68 63.29 14.28
C PHE H 83 25.13 62.87 12.89
N ALA H 84 24.19 62.31 12.13
CA ALA H 84 24.47 61.85 10.78
C ALA H 84 23.16 61.79 10.00
N THR H 85 23.25 61.38 8.73
CA THR H 85 22.12 61.26 7.84
C THR H 85 21.73 59.79 7.72
N TYR H 86 20.43 59.51 7.81
CA TYR H 86 19.90 58.16 7.74
C TYR H 86 19.01 58.00 6.51
N TYR H 87 18.88 56.76 6.03
CA TYR H 87 18.08 56.45 4.86
C TYR H 87 17.46 55.06 5.00
N CYS H 88 16.35 54.84 4.30
CA CYS H 88 15.66 53.56 4.26
C CYS H 88 15.83 52.97 2.86
N GLN H 89 15.92 51.64 2.80
CA GLN H 89 16.13 50.96 1.52
C GLN H 89 15.22 49.75 1.45
N GLN H 90 14.50 49.61 0.33
CA GLN H 90 13.60 48.49 0.10
C GLN H 90 14.22 47.51 -0.89
N TYR H 91 13.93 46.23 -0.68
CA TYR H 91 14.41 45.18 -1.57
C TYR H 91 13.31 44.16 -1.86
N TYR H 92 12.05 44.58 -1.77
CA TYR H 92 10.94 43.68 -2.04
C TYR H 92 10.80 43.41 -3.54
N ASP H 93 10.97 44.45 -4.35
CA ASP H 93 10.85 44.34 -5.79
C ASP H 93 11.96 45.12 -6.47
N ASN H 94 12.45 44.59 -7.59
CA ASN H 94 13.48 45.28 -8.33
C ASN H 94 12.85 46.36 -9.21
N PRO H 95 13.59 47.44 -9.52
CA PRO H 95 14.96 47.77 -9.13
C PRO H 95 15.04 48.30 -7.69
N LEU H 96 16.21 48.18 -7.05
CA LEU H 96 16.35 48.68 -5.69
C LEU H 96 16.20 50.19 -5.68
N THR H 97 15.52 50.71 -4.66
CA THR H 97 15.27 52.13 -4.53
C THR H 97 15.48 52.59 -3.09
N PHE H 98 16.02 53.80 -2.95
CA PHE H 98 16.28 54.42 -1.65
C PHE H 98 15.20 55.44 -1.32
N GLY H 99 15.11 55.77 -0.04
CA GLY H 99 14.13 56.74 0.41
C GLY H 99 14.67 58.17 0.37
N GLY H 100 13.81 59.10 0.79
CA GLY H 100 14.17 60.50 0.81
C GLY H 100 15.32 60.84 1.73
N GLY H 101 15.46 60.13 2.85
CA GLY H 101 16.54 60.37 3.79
C GLY H 101 16.20 61.43 4.82
N THR H 102 17.10 61.54 5.80
CA THR H 102 16.95 62.50 6.89
C THR H 102 18.35 62.89 7.34
N LYS H 103 18.41 63.93 8.18
CA LYS H 103 19.68 64.43 8.70
C LYS H 103 19.51 64.87 10.14
N VAL H 104 20.54 64.63 10.95
CA VAL H 104 20.55 64.98 12.37
C VAL H 104 21.71 65.93 12.62
N GLU H 105 21.48 66.93 13.47
CA GLU H 105 22.51 67.91 13.81
C GLU H 105 22.30 68.38 15.24
N ILE H 106 23.38 68.86 15.85
CA ILE H 106 23.32 69.34 17.23
C ILE H 106 22.47 70.60 17.28
N LYS H 107 21.61 70.70 18.29
CA LYS H 107 20.74 71.85 18.46
C LYS H 107 21.55 73.05 18.96
N VAL I 1 -33.34 -4.30 39.43
CA VAL I 1 -33.11 -3.33 40.54
C VAL I 1 -31.93 -3.77 41.39
N ILE I 2 -31.08 -2.82 41.75
CA ILE I 2 -29.89 -3.06 42.56
C ILE I 2 -30.13 -2.46 43.93
N TRP I 3 -30.08 -3.30 44.97
CA TRP I 3 -30.29 -2.88 46.35
C TRP I 3 -28.96 -2.78 47.09
N MET I 4 -29.00 -2.11 48.24
CA MET I 4 -27.83 -1.96 49.08
C MET I 4 -28.30 -1.67 50.50
N THR I 5 -27.40 -1.87 51.46
CA THR I 5 -27.71 -1.65 52.87
C THR I 5 -26.52 -0.98 53.54
N GLN I 6 -26.83 -0.22 54.60
CA GLN I 6 -25.83 0.49 55.39
C GLN I 6 -26.02 0.11 56.86
N SER I 7 -24.91 -0.06 57.56
CA SER I 7 -24.93 -0.43 58.97
C SER I 7 -23.76 0.25 59.68
N PRO I 8 -23.92 0.65 60.95
CA PRO I 8 -25.09 0.53 61.83
C PRO I 8 -26.14 1.60 61.50
N PRO I 9 -27.42 1.40 61.85
CA PRO I 9 -28.41 2.44 61.54
C PRO I 9 -28.11 3.77 62.23
N SER I 10 -27.43 3.73 63.37
CA SER I 10 -27.08 4.93 64.12
C SER I 10 -25.95 4.60 65.07
N LEU I 11 -25.07 5.58 65.28
CA LEU I 11 -23.93 5.41 66.18
C LEU I 11 -23.64 6.73 66.88
N SER I 12 -23.22 6.62 68.14
CA SER I 12 -22.89 7.77 68.98
C SER I 12 -21.37 7.84 69.12
N ALA I 13 -20.80 9.01 68.84
CA ALA I 13 -19.37 9.21 68.93
C ALA I 13 -19.08 10.59 69.51
N SER I 14 -17.90 10.72 70.12
CA SER I 14 -17.46 11.96 70.71
C SER I 14 -16.50 12.68 69.76
N ILE I 15 -16.31 13.98 70.00
CA ILE I 15 -15.41 14.76 69.17
C ILE I 15 -13.99 14.27 69.38
N GLY I 16 -13.28 14.03 68.27
CA GLY I 16 -11.92 13.54 68.30
C GLY I 16 -11.76 12.05 68.03
N ASP I 17 -12.85 11.35 67.72
CA ASP I 17 -12.81 9.92 67.45
C ASP I 17 -12.59 9.67 65.95
N THR I 18 -12.60 8.38 65.58
CA THR I 18 -12.44 7.93 64.21
C THR I 18 -13.62 7.02 63.89
N VAL I 19 -14.26 7.26 62.74
CA VAL I 19 -15.44 6.51 62.32
C VAL I 19 -15.31 6.10 60.86
N THR I 20 -16.02 5.04 60.49
CA THR I 20 -16.06 4.54 59.13
C THR I 20 -17.40 3.85 58.91
N ILE I 21 -18.00 4.10 57.75
CA ILE I 21 -19.30 3.54 57.38
C ILE I 21 -19.12 2.74 56.10
N THR I 22 -19.91 1.68 55.96
CA THR I 22 -19.87 0.79 54.81
C THR I 22 -21.24 0.65 54.16
N CYS I 23 -21.22 0.44 52.85
CA CYS I 23 -22.43 0.27 52.04
C CYS I 23 -22.20 -0.92 51.12
N ARG I 24 -22.95 -2.00 51.34
CA ARG I 24 -22.84 -3.23 50.57
C ARG I 24 -23.87 -3.23 49.46
N ALA I 25 -23.41 -3.38 48.21
CA ALA I 25 -24.31 -3.41 47.08
C ALA I 25 -24.72 -4.84 46.76
N SER I 26 -25.84 -4.97 46.04
CA SER I 26 -26.35 -6.29 45.67
C SER I 26 -25.67 -6.86 44.43
N GLN I 27 -24.82 -6.10 43.75
CA GLN I 27 -24.14 -6.58 42.55
C GLN I 27 -22.81 -5.86 42.42
N GLY I 28 -21.93 -6.44 41.60
CA GLY I 28 -20.61 -5.89 41.39
C GLY I 28 -20.53 -4.70 40.46
N ILE I 29 -20.99 -3.53 40.95
CA ILE I 29 -20.95 -2.29 40.19
C ILE I 29 -19.50 -1.92 39.91
N SER I 30 -18.63 -2.24 40.87
CA SER I 30 -17.18 -2.06 40.87
C SER I 30 -16.69 -0.63 41.06
N ASN I 31 -17.46 0.39 40.68
CA ASN I 31 -16.99 1.75 40.94
C ASN I 31 -18.08 2.84 40.96
N SER I 32 -19.24 2.56 40.39
CA SER I 32 -20.30 3.57 40.29
C SER I 32 -21.16 3.74 41.54
N ILE I 33 -20.66 4.51 42.51
CA ILE I 33 -21.38 4.76 43.75
C ILE I 33 -20.94 6.10 44.31
N ALA I 34 -21.88 6.79 44.95
CA ALA I 34 -21.67 8.09 45.56
C ALA I 34 -22.17 8.06 46.99
N TRP I 35 -21.76 9.07 47.77
CA TRP I 35 -22.14 9.21 49.17
C TRP I 35 -22.70 10.60 49.42
N TYR I 36 -23.75 10.66 50.24
CA TYR I 36 -24.41 11.91 50.58
C TYR I 36 -24.76 11.92 52.06
N GLN I 37 -24.94 13.12 52.61
CA GLN I 37 -25.33 13.29 53.99
C GLN I 37 -26.22 14.52 54.04
N ARG I 38 -27.04 14.61 55.09
CA ARG I 38 -27.99 15.72 55.23
C ARG I 38 -27.91 16.36 56.61
N ARG I 39 -27.79 17.67 56.62
CA ARG I 39 -27.77 18.42 57.88
C ARG I 39 -29.20 18.51 58.40
N PRO I 40 -29.43 18.56 59.71
CA PRO I 40 -30.80 18.68 60.20
C PRO I 40 -31.45 19.96 59.73
N GLY I 41 -32.67 19.85 59.21
CA GLY I 41 -33.40 21.01 58.73
C GLY I 41 -32.85 21.64 57.46
N LYS I 42 -32.14 20.89 56.63
CA LYS I 42 -31.58 21.42 55.39
C LYS I 42 -31.47 20.28 54.39
N ALA I 43 -31.38 20.65 53.11
CA ALA I 43 -31.27 19.67 52.04
C ALA I 43 -29.95 18.91 52.13
N PRO I 44 -29.87 17.72 51.55
CA PRO I 44 -28.62 16.95 51.61
C PRO I 44 -27.52 17.57 50.77
N GLU I 45 -26.31 17.03 50.94
CA GLU I 45 -25.13 17.48 50.20
C GLU I 45 -24.28 16.28 49.85
N LEU I 46 -23.55 16.39 48.75
CA LEU I 46 -22.68 15.34 48.24
C LEU I 46 -21.31 15.35 48.90
N LEU I 47 -20.73 14.14 49.04
CA LEU I 47 -19.42 13.94 49.65
C LEU I 47 -18.44 13.17 48.78
N VAL I 48 -18.89 12.12 48.09
CA VAL I 48 -18.02 11.29 47.28
C VAL I 48 -18.70 10.90 45.98
N TYR I 49 -17.91 10.77 44.92
CA TYR I 49 -18.39 10.37 43.60
C TYR I 49 -17.41 9.32 43.10
N ALA I 50 -17.96 8.19 42.64
CA ALA I 50 -17.17 7.07 42.15
C ALA I 50 -16.33 6.46 43.27
N ALA I 51 -16.75 6.69 44.52
CA ALA I 51 -16.09 6.18 45.72
C ALA I 51 -14.71 6.76 45.99
N TYR I 52 -14.22 7.70 45.16
CA TYR I 52 -12.88 8.27 45.38
C TYR I 52 -12.76 9.77 45.17
N ARG I 53 -13.62 10.42 44.39
CA ARG I 53 -13.48 11.85 44.14
C ARG I 53 -14.25 12.68 45.15
N LEU I 54 -13.64 13.78 45.59
CA LEU I 54 -14.23 14.71 46.54
C LEU I 54 -14.78 15.92 45.78
N GLN I 55 -15.24 16.93 46.54
CA GLN I 55 -15.79 18.14 45.95
C GLN I 55 -15.29 19.38 46.70
N SER I 56 -15.91 20.52 46.45
CA SER I 56 -15.50 21.75 47.12
C SER I 56 -16.18 21.89 48.48
N GLY I 57 -15.40 22.31 49.48
CA GLY I 57 -15.89 22.51 50.82
C GLY I 57 -15.77 21.32 51.74
N VAL I 58 -15.75 20.10 51.22
CA VAL I 58 -15.62 18.94 52.10
C VAL I 58 -14.22 18.93 52.71
N PRO I 59 -14.07 18.65 54.01
CA PRO I 59 -12.73 18.63 54.59
C PRO I 59 -11.86 17.51 54.02
N SER I 60 -10.54 17.75 54.04
CA SER I 60 -9.58 16.78 53.50
C SER I 60 -9.62 15.45 54.23
N ARG I 61 -9.98 15.45 55.51
CA ARG I 61 -10.09 14.27 56.37
C ARG I 61 -11.22 13.31 55.96
N LEU I 62 -11.95 13.57 54.87
CA LEU I 62 -13.03 12.71 54.38
C LEU I 62 -12.56 12.00 53.12
N SER I 63 -12.84 10.70 53.04
CA SER I 63 -12.43 9.93 51.87
C SER I 63 -13.21 8.63 51.82
N GLY I 64 -13.35 8.11 50.59
CA GLY I 64 -14.05 6.87 50.35
C GLY I 64 -13.16 5.81 49.71
N SER I 65 -13.67 4.59 49.67
CA SER I 65 -12.95 3.47 49.09
C SER I 65 -13.93 2.32 48.89
N GLY I 66 -13.49 1.33 48.12
CA GLY I 66 -14.31 0.17 47.86
C GLY I 66 -13.98 -0.45 46.52
N SER I 67 -14.69 -1.55 46.24
CA SER I 67 -14.52 -2.29 45.00
C SER I 67 -15.59 -3.38 44.97
N GLY I 68 -15.90 -3.84 43.76
CA GLY I 68 -16.92 -4.87 43.58
C GLY I 68 -18.27 -4.43 44.11
N ALA I 69 -18.67 -5.01 45.24
CA ALA I 69 -19.94 -4.70 45.89
C ALA I 69 -19.77 -4.19 47.31
N GLU I 70 -18.53 -3.96 47.76
CA GLU I 70 -18.24 -3.46 49.11
C GLU I 70 -17.66 -2.06 48.98
N TYR I 71 -18.33 -1.08 49.60
CA TYR I 71 -17.88 0.31 49.54
C TYR I 71 -18.00 0.93 50.91
N THR I 72 -17.07 1.83 51.21
CA THR I 72 -17.02 2.49 52.51
C THR I 72 -16.59 3.94 52.36
N LEU I 73 -16.93 4.70 53.40
CA LEU I 73 -16.59 6.12 53.53
C LEU I 73 -15.88 6.27 54.87
N THR I 74 -14.69 6.86 54.84
CA THR I 74 -13.86 7.03 56.02
C THR I 74 -13.75 8.49 56.43
N ILE I 75 -13.89 8.73 57.73
CA ILE I 75 -13.77 10.05 58.34
C ILE I 75 -12.66 9.86 59.37
N LYS I 76 -11.50 10.44 59.10
CA LYS I 76 -10.34 10.26 59.97
C LYS I 76 -10.55 10.80 61.37
N ASN I 77 -11.19 11.96 61.51
CA ASN I 77 -11.38 12.56 62.81
C ASN I 77 -12.81 13.10 62.91
N MET I 78 -13.35 13.10 64.12
CA MET I 78 -14.72 13.55 64.39
C MET I 78 -14.73 14.96 64.98
N GLN I 79 -15.70 15.76 64.55
CA GLN I 79 -15.95 17.15 64.93
C GLN I 79 -17.43 17.41 65.10
N PRO I 80 -17.80 18.58 65.64
CA PRO I 80 -19.23 18.89 65.81
C PRO I 80 -20.02 18.94 64.51
N GLU I 81 -19.42 19.39 63.41
CA GLU I 81 -20.17 19.48 62.17
C GLU I 81 -20.44 18.13 61.51
N ASP I 82 -19.83 17.05 62.00
CA ASP I 82 -20.03 15.73 61.40
C ASP I 82 -21.27 15.01 61.92
N PHE I 83 -21.95 15.54 62.94
CA PHE I 83 -23.15 14.90 63.48
C PHE I 83 -24.31 15.13 62.53
N ALA I 84 -24.48 14.17 61.61
CA ALA I 84 -25.54 14.22 60.61
C ALA I 84 -25.80 12.81 60.12
N THR I 85 -26.78 12.68 59.23
CA THR I 85 -27.17 11.40 58.65
C THR I 85 -26.51 11.26 57.29
N TYR I 86 -25.91 10.09 57.04
CA TYR I 86 -25.20 9.82 55.79
C TYR I 86 -25.93 8.73 55.01
N TYR I 87 -25.72 8.72 53.68
CA TYR I 87 -26.34 7.75 52.79
C TYR I 87 -25.44 7.46 51.60
N CYS I 88 -25.61 6.27 51.03
CA CYS I 88 -24.86 5.86 49.84
C CYS I 88 -25.84 5.83 48.66
N GLN I 89 -25.32 6.13 47.47
CA GLN I 89 -26.15 6.20 46.27
C GLN I 89 -25.41 5.56 45.10
N GLN I 90 -26.06 4.58 44.45
CA GLN I 90 -25.47 3.89 43.32
C GLN I 90 -26.05 4.45 42.01
N TYR I 91 -25.23 4.40 40.96
CA TYR I 91 -25.65 4.85 39.64
C TYR I 91 -25.13 3.91 38.55
N TYR I 92 -24.89 2.65 38.88
CA TYR I 92 -24.40 1.70 37.89
C TYR I 92 -25.49 1.27 36.93
N ASP I 93 -26.69 1.00 37.47
CA ASP I 93 -27.83 0.56 36.68
C ASP I 93 -29.07 1.33 37.10
N ASN I 94 -29.89 1.68 36.12
CA ASN I 94 -31.11 2.39 36.41
C ASN I 94 -32.18 1.40 36.91
N PRO I 95 -33.13 1.85 37.72
CA PRO I 95 -33.33 3.19 38.28
C PRO I 95 -32.39 3.50 39.44
N LEU I 96 -32.13 4.78 39.71
CA LEU I 96 -31.26 5.15 40.82
C LEU I 96 -31.89 4.70 42.13
N THR I 97 -31.05 4.21 43.04
CA THR I 97 -31.52 3.73 44.35
C THR I 97 -30.58 4.18 45.45
N PHE I 98 -31.16 4.56 46.58
CA PHE I 98 -30.42 5.01 47.76
C PHE I 98 -30.27 3.86 48.74
N GLY I 99 -29.33 4.02 49.67
CA GLY I 99 -29.09 3.00 50.67
C GLY I 99 -29.93 3.21 51.92
N GLY I 100 -29.77 2.29 52.86
CA GLY I 100 -30.51 2.35 54.11
C GLY I 100 -30.24 3.58 54.94
N GLY I 101 -29.03 4.13 54.87
CA GLY I 101 -28.68 5.32 55.61
C GLY I 101 -28.15 5.02 57.01
N THR I 102 -27.61 6.06 57.64
CA THR I 102 -27.07 5.98 58.98
C THR I 102 -27.17 7.37 59.60
N LYS I 103 -27.00 7.42 60.93
CA LYS I 103 -27.08 8.67 61.67
C LYS I 103 -25.96 8.74 62.70
N VAL I 104 -25.39 9.94 62.84
CA VAL I 104 -24.30 10.20 63.78
C VAL I 104 -24.79 11.23 64.78
N GLU I 105 -24.49 11.02 66.05
CA GLU I 105 -24.90 11.92 67.12
C GLU I 105 -23.82 11.98 68.19
N ILE I 106 -23.80 13.10 68.92
CA ILE I 106 -22.82 13.28 69.99
C ILE I 106 -23.10 12.28 71.10
N LYS I 107 -22.04 11.68 71.63
CA LYS I 107 -22.16 10.71 72.70
C LYS I 107 -22.52 11.42 74.01
C1 NAG J . 15.37 -12.50 30.19
C2 NAG J . 15.79 -13.96 30.41
C3 NAG J . 16.72 -14.09 31.61
C4 NAG J . 17.91 -13.18 31.35
C5 NAG J . 17.39 -11.74 31.24
C6 NAG J . 18.46 -10.69 31.04
C7 NAG J . 14.42 -15.97 29.92
C8 NAG J . 13.13 -16.68 30.26
N2 NAG J . 14.63 -14.80 30.58
O3 NAG J . 17.08 -15.43 31.76
O4 NAG J . 18.93 -13.41 32.32
O5 NAG J . 16.51 -11.67 30.12
O6 NAG J . 19.17 -10.97 29.85
O7 NAG J . 15.20 -16.43 29.11
C1 NAG J . 18.68 -13.02 33.69
C2 NAG J . 19.30 -14.13 34.57
C3 NAG J . 19.35 -13.74 36.04
C4 NAG J . 19.98 -12.37 36.19
C5 NAG J . 19.16 -11.39 35.35
C6 NAG J . 19.60 -9.95 35.49
C7 NAG J . 19.13 -16.59 34.35
C8 NAG J . 18.17 -17.75 34.20
N2 NAG J . 18.56 -15.37 34.42
O3 NAG J . 20.05 -14.73 36.73
O4 NAG J . 19.97 -12.03 37.57
O5 NAG J . 19.28 -11.78 33.99
O6 NAG J . 20.98 -9.85 35.26
O7 NAG J . 20.33 -16.78 34.42
C1 BMA J . 21.31 -12.06 38.10
C2 BMA J . 21.18 -11.73 39.58
C3 BMA J . 22.55 -11.81 40.30
C4 BMA J . 23.60 -12.77 39.68
C5 BMA J . 23.18 -13.61 38.46
C6 BMA J . 23.28 -15.11 38.73
O2 BMA J . 20.23 -12.60 40.14
O3 BMA J . 22.26 -12.12 41.64
O4 BMA J . 24.69 -11.93 39.33
O5 BMA J . 21.90 -13.32 37.91
O6 BMA J . 24.65 -15.38 39.03
C1 MAN J . 25.23 -16.43 38.21
C2 MAN J . 24.81 -17.78 38.79
C3 MAN J . 25.36 -17.93 40.20
C4 MAN J . 26.88 -17.76 40.18
C5 MAN J . 27.23 -16.42 39.51
C6 MAN J . 28.74 -16.26 39.33
O2 MAN J . 25.33 -18.77 37.93
O3 MAN J . 24.97 -19.18 40.69
O4 MAN J . 27.32 -17.80 41.52
O5 MAN J . 26.63 -16.33 38.23
O6 MAN J . 29.00 -15.45 38.21
C1 MAN J . 29.00 -14.05 38.60
C2 MAN J . 28.83 -13.22 37.33
C3 MAN J . 30.06 -13.38 36.43
C4 MAN J . 31.30 -12.97 37.19
C5 MAN J . 31.41 -13.80 38.48
C6 MAN J . 32.53 -13.30 39.38
O2 MAN J . 28.66 -11.88 37.73
O3 MAN J . 29.86 -12.60 35.28
O4 MAN J . 32.41 -13.18 36.35
O5 MAN J . 30.21 -13.71 39.24
O6 MAN J . 32.36 -13.82 40.67
C1 NAG K . 13.72 -26.66 11.75
C2 NAG K . 14.64 -27.59 10.96
C3 NAG K . 13.89 -28.33 9.86
C4 NAG K . 12.73 -29.09 10.51
C5 NAG K . 11.86 -28.03 11.20
C6 NAG K . 10.57 -28.55 11.77
C7 NAG K . 16.98 -26.81 11.01
C8 NAG K . 18.00 -25.95 10.31
N2 NAG K . 15.76 -26.84 10.45
O3 NAG K . 14.82 -29.15 9.20
O4 NAG K . 11.98 -29.80 9.55
O5 NAG K . 12.62 -27.41 12.23
O6 NAG K . 9.75 -29.03 10.74
O7 NAG K . 17.28 -27.43 12.03
C1 NAG K . 12.50 -31.11 9.19
C2 NAG K . 11.91 -32.22 10.07
C3 NAG K . 12.40 -33.58 9.57
C4 NAG K . 12.07 -33.75 8.10
C5 NAG K . 12.65 -32.58 7.31
C6 NAG K . 12.31 -32.63 5.84
C7 NAG K . 11.43 -31.95 12.49
C8 NAG K . 12.09 -31.84 13.84
N2 NAG K . 12.29 -32.09 11.46
O3 NAG K . 11.80 -34.57 10.37
O4 NAG K . 12.62 -34.99 7.69
O5 NAG K . 12.17 -31.36 7.84
O6 NAG K . 12.81 -33.82 5.27
O7 NAG K . 10.22 -31.89 12.37
C1 NAG L . 26.67 23.93 4.47
C2 NAG L . 27.39 24.66 3.32
C3 NAG L . 28.20 25.84 3.85
C4 NAG L . 27.23 26.75 4.61
C5 NAG L . 26.66 25.94 5.77
C6 NAG L . 25.71 26.71 6.66
C7 NAG L . 28.26 23.62 1.26
C8 NAG L . 29.25 22.60 0.73
N2 NAG L . 28.25 23.75 2.60
O3 NAG L . 28.82 26.49 2.77
O4 NAG L . 27.86 27.98 4.94
O5 NAG L . 25.92 24.85 5.24
O6 NAG L . 24.61 27.16 5.92
O7 NAG L . 27.56 24.26 0.50
C1 NAG L . 28.93 27.98 5.91
C2 NAG L . 29.98 28.99 5.40
C3 NAG L . 31.04 29.28 6.45
C4 NAG L . 30.38 29.64 7.78
C5 NAG L . 29.48 28.46 8.17
C6 NAG L . 28.84 28.60 9.52
C7 NAG L . 30.77 29.24 3.08
C8 NAG L . 31.46 28.53 1.94
N2 NAG L . 30.61 28.51 4.19
O3 NAG L . 31.84 30.34 5.97
O4 NAG L . 31.40 29.86 8.72
O5 NAG L . 28.47 28.34 7.18
O6 NAG L . 28.19 29.85 9.62
O7 NAG L . 30.40 30.40 2.95
C1 BMA L . 31.49 31.27 9.06
C2 BMA L . 32.66 31.41 10.01
C3 BMA L . 32.89 32.90 10.39
C4 BMA L . 32.44 33.95 9.35
C5 BMA L . 31.91 33.45 8.00
C6 BMA L . 32.77 33.91 6.82
O2 BMA L . 33.78 30.83 9.42
O3 BMA L . 34.26 33.00 10.71
O4 BMA L . 31.44 34.69 10.01
O5 BMA L . 31.68 32.05 7.90
O6 BMA L . 32.70 35.32 6.80
C1 MAN L . 32.26 35.86 5.52
C2 MAN L . 33.44 35.86 4.55
C3 MAN L . 34.53 36.77 5.09
C4 MAN L . 33.97 38.17 5.31
C5 MAN L . 32.74 38.10 6.21
C6 MAN L . 32.05 39.45 6.34
O2 MAN L . 32.95 36.32 3.31
O3 MAN L . 35.60 36.75 4.17
O4 MAN L . 35.01 38.94 5.90
O5 MAN L . 31.80 37.17 5.68
O6 MAN L . 30.67 39.27 6.54
C1 MAN L . 30.38 39.12 7.95
C2 MAN L . 28.97 38.56 8.08
C3 MAN L . 27.95 39.57 7.58
C4 MAN L . 28.10 40.87 8.35
C5 MAN L . 29.55 41.37 8.23
C6 MAN L . 29.80 42.57 9.12
O2 MAN L . 28.78 38.26 9.45
O3 MAN L . 26.68 39.01 7.73
O4 MAN L . 27.18 41.79 7.81
O5 MAN L . 30.47 40.36 8.62
O6 MAN L . 31.19 42.76 9.27
C1 NAG M . 18.02 20.68 -16.72
C2 NAG M . 17.31 21.48 -17.81
C3 NAG M . 16.98 20.63 -19.04
C4 NAG M . 18.27 19.95 -19.51
C5 NAG M . 18.75 19.10 -18.32
C6 NAG M . 19.92 18.20 -18.64
C7 NAG M . 16.09 23.38 -16.84
C8 NAG M . 14.76 23.81 -16.29
N2 NAG M . 16.14 22.11 -17.26
O3 NAG M . 16.41 21.47 -19.99
O4 NAG M . 18.03 19.12 -20.64
O5 NAG M . 19.12 19.97 -17.26
O6 NAG M . 19.53 17.24 -19.59
O7 NAG M . 17.03 24.16 -16.90
C1 NAG M . 18.08 19.82 -21.91
C2 NAG M . 19.50 19.78 -22.53
C3 NAG M . 19.47 20.42 -23.92
C4 NAG M . 18.42 19.73 -24.79
C5 NAG M . 17.06 19.78 -24.08
C6 NAG M . 15.98 19.05 -24.84
C7 NAG M . 21.61 19.96 -21.24
C8 NAG M . 22.46 20.92 -20.44
N2 NAG M . 20.47 20.49 -21.73
O3 NAG M . 20.75 20.32 -24.46
O4 NAG M . 18.38 20.42 -26.01
O5 NAG M . 17.19 19.20 -22.79
O6 NAG M . 15.82 19.63 -26.11
O7 NAG M . 21.95 18.80 -21.41
C1 NAG N . -14.71 21.91 24.44
C2 NAG N . -16.22 22.21 24.53
C3 NAG N . -16.55 22.86 25.87
C4 NAG N . -16.07 21.92 26.97
C5 NAG N . -14.55 21.78 26.82
C6 NAG N . -13.89 20.91 27.87
C7 NAG N . -17.71 22.82 22.66
C8 NAG N . -17.96 23.84 21.58
N2 NAG N . -16.64 23.05 23.45
O3 NAG N . -17.94 23.08 25.92
O4 NAG N . -16.54 22.35 28.24
O5 NAG N . -14.28 21.18 25.56
O6 NAG N . -14.40 19.60 27.79
O7 NAG N . -18.45 21.85 22.80
C1 NAG N . -16.03 23.59 28.78
C2 NAG N . -17.21 24.29 29.48
C3 NAG N . -16.76 25.46 30.34
C4 NAG N . -15.63 25.04 31.25
C5 NAG N . -14.51 24.50 30.36
C6 NAG N . -13.24 24.15 31.12
C7 NAG N . -19.52 24.58 28.63
C8 NAG N . -20.33 25.12 27.49
N2 NAG N . -18.18 24.73 28.51
O3 NAG N . -17.88 25.93 31.05
O4 NAG N . -15.23 26.16 32.00
O5 NAG N . -14.99 23.34 29.70
O6 NAG N . -13.55 23.31 32.20
O7 NAG N . -20.05 24.04 29.59
C1 BMA N . -15.62 26.03 33.38
C2 BMA N . -15.21 27.30 34.08
C3 BMA N . -15.62 27.29 35.57
C4 BMA N . -16.87 26.43 35.92
C5 BMA N . -17.65 25.78 34.76
C6 BMA N . -19.08 26.31 34.64
O2 BMA N . -15.76 28.39 33.38
O3 BMA N . -15.77 28.63 35.94
O4 BMA N . -16.37 25.43 36.78
O5 BMA N . -17.02 25.82 33.50
O6 BMA N . -19.71 26.05 35.87
C1 MAN N . -20.99 25.40 35.76
C2 MAN N . -22.05 26.43 35.38
C3 MAN N . -22.16 27.48 36.48
C4 MAN N . -22.47 26.79 37.81
C5 MAN N . -21.43 25.71 38.08
C6 MAN N . -21.76 24.90 39.32
O2 MAN N . -23.26 25.74 35.21
O3 MAN N . -23.15 28.40 36.11
O4 MAN N . -22.45 27.80 38.81
O5 MAN N . -21.35 24.81 36.98
O6 MAN N . -21.12 23.64 39.27
C1 MAN N . -19.78 23.74 39.80
C2 MAN N . -18.97 22.56 39.26
C3 MAN N . -19.52 21.26 39.82
C4 MAN N . -19.46 21.30 41.34
C5 MAN N . -20.24 22.52 41.84
C6 MAN N . -20.07 22.72 43.34
O2 MAN N . -17.63 22.77 39.62
O3 MAN N . -18.75 20.20 39.30
O4 MAN N . -20.01 20.09 41.82
O5 MAN N . -19.78 23.71 41.22
O6 MAN N . -20.37 24.04 43.67
C1 NAG O . -28.65 9.35 11.11
C2 NAG O . -29.79 8.35 11.27
C3 NAG O . -30.32 7.88 9.92
C4 NAG O . -30.74 9.11 9.13
C5 NAG O . -29.47 9.96 8.98
C6 NAG O . -29.61 11.16 8.07
C7 NAG O . -29.60 7.14 13.41
C8 NAG O . -29.05 5.91 14.08
N2 NAG O . -29.35 7.25 12.09
O3 NAG O . -31.39 6.99 10.18
O4 NAG O . -31.26 8.77 7.86
O5 NAG O . -29.05 10.40 10.25
O6 NAG O . -29.88 10.73 6.75
O7 NAG O . -30.23 7.97 14.05
C1 NAG O . -32.67 8.44 7.83
C2 NAG O . -33.55 9.67 7.57
C3 NAG O . -35.01 9.24 7.45
C4 NAG O . -35.16 8.17 6.38
C5 NAG O . -34.20 7.02 6.68
C6 NAG O . -34.21 5.93 5.62
C7 NAG O . -33.08 11.94 8.47
C8 NAG O . -33.09 12.76 9.72
N2 NAG O . -33.46 10.66 8.62
O3 NAG O . -35.78 10.37 7.18
O4 NAG O . -36.50 7.75 6.39
O5 NAG O . -32.89 7.49 6.81
O6 NAG O . -35.52 5.40 5.51
O7 NAG O . -32.76 12.42 7.39
C1 NAG P . 37.68 2.08 23.02
C2 NAG P . 38.99 2.62 22.44
C3 NAG P . 40.05 2.82 23.52
C4 NAG P . 39.48 3.55 24.74
C5 NAG P . 38.26 2.77 25.22
C6 NAG P . 37.63 3.30 26.49
C7 NAG P . 39.58 1.91 20.14
C8 NAG P . 40.17 0.76 19.35
N2 NAG P . 39.51 1.70 21.46
O3 NAG P . 41.12 3.52 22.96
O4 NAG P . 40.48 3.61 25.71
O5 NAG P . 37.30 2.79 24.17
O6 NAG P . 36.52 2.52 26.83
O7 NAG P . 39.19 2.92 19.59
C1 NAG Q . 7.33 40.86 14.78
C2 NAG Q . 6.16 41.80 15.12
C3 NAG Q . 6.64 43.03 15.90
C4 NAG Q . 7.57 42.63 17.04
C5 NAG Q . 8.71 41.80 16.45
C6 NAG Q . 9.77 41.41 17.45
C7 NAG Q . 4.29 41.82 13.49
C8 NAG Q . 3.84 42.45 12.20
N2 NAG Q . 5.50 42.23 13.92
O3 NAG Q . 5.51 43.72 16.36
O4 NAG Q . 8.04 43.82 17.64
O5 NAG Q . 8.14 40.63 15.90
O6 NAG Q . 10.78 40.65 16.80
O7 NAG Q . 3.60 41.02 14.09
C1 NAG R . -7.71 2.84 43.40
C2 NAG R . -7.62 1.66 44.36
C3 NAG R . -7.61 2.11 45.84
C4 NAG R . -6.66 3.27 46.05
C5 NAG R . -7.03 4.38 45.08
C6 NAG R . -6.24 5.67 45.25
C7 NAG R . -8.69 -0.46 43.65
C8 NAG R . -10.03 -1.16 43.56
N2 NAG R . -8.74 0.78 44.17
O3 NAG R . -7.28 1.00 46.62
O4 NAG R . -6.79 3.69 47.40
O5 NAG R . -6.82 3.88 43.78
O6 NAG R . -6.67 6.61 44.30
O7 NAG R . -7.66 -1.00 43.27
#